data_4GUA
#
_entry.id   4GUA
#
_cell.length_a   147.180
_cell.length_b   147.180
_cell.length_c   360.440
_cell.angle_alpha   90.00
_cell.angle_beta   90.00
_cell.angle_gamma   120.00
#
_symmetry.space_group_name_H-M   'P 31 2 1'
#
loop_
_entity.id
_entity.type
_entity.pdbx_description
1 polymer 'Non-structural polyprotein'
2 non-polymer 'SULFATE ION'
3 non-polymer '2-(N-MORPHOLINO)-ETHANESULFONIC ACID'
4 non-polymer 'ZINC ION'
#
_entity_poly.entity_id   1
_entity_poly.type   'polypeptide(L)'
_entity_poly.pdbx_seq_one_letter_code
;GPLGSANPFSCKTNVCWAKALEPILATAGIVLTGCQWSELFPQFADDKPHSAIYALDVICIKFFGMDLTSGLFSKQSIPL
TYHPADSARPVAHWDNSPGTRKYGYDHAIAAELSRRFPVFQLAGKGTQLDLQTGRTRVISAQHNLVPVNRNLPHALVPEY
KEKQPGPVKKFLNQFKHHSVLVVSEEKIEAPRKRIEWIAPIGIAGADKNYNLAFGFPPQARYDLVFINIGTKYRNHHFQQ
CEDHAATLKTLSRSALNCLNPGGTLVVKSYGYADRNSEDVVTALARKFVRVSAARPDCVSSNTEMYLIFRQLDNSRTRQF
TPHHLNCVISSVYEGTRDGVGAAPSYRTKRENIADCQEEAVVNAANPLGRPGEGVCRAIYKRWPTSFTDSATETGTARMT
VCLGKKVIHAVGPDFRKHPEAEALKLLQNAYHAVADLVNEHNIKSVAIPLLSTGIYAAGKDRLEVSLNCLTTALDRTDAD
VTIYCLDKKWKERIDAALQLKESVTELKDEDMEIDDELVWIHPDSCLKGRKGFSTTKGKLYSYFEGTKFHQAAKDMAEIK
VLFPNDQESNEQLCAYILGETMEAIREKCPVDHNPSSSPPKTLPCLCMYAMTPERVHRLRSNNVKEVTVCSSTPLPKHKI
KNVQKVQCTKVVLFNPHTPAFVPARKYIEV
;
_entity_poly.pdbx_strand_id   A,B,C
#
loop_
_chem_comp.id
_chem_comp.type
_chem_comp.name
_chem_comp.formula
MES non-polymer '2-(N-MORPHOLINO)-ETHANESULFONIC ACID' 'C6 H13 N O4 S'
SO4 non-polymer 'SULFATE ION' 'O4 S -2'
ZN non-polymer 'ZINC ION' 'Zn 2'
#
# COMPACT_ATOMS: atom_id res chain seq x y z
N ASN A 7 16.09 -5.07 22.39
CA ASN A 7 15.98 -4.05 23.43
C ASN A 7 16.98 -2.90 23.29
N PRO A 8 16.50 -1.73 22.83
CA PRO A 8 17.38 -0.60 22.52
C PRO A 8 18.01 0.05 23.74
N PHE A 9 17.39 -0.13 24.90
CA PHE A 9 17.81 0.59 26.09
C PHE A 9 18.78 -0.20 26.96
N SER A 10 19.23 -1.36 26.47
CA SER A 10 20.08 -2.23 27.26
C SER A 10 21.35 -1.52 27.74
N CYS A 11 21.66 -1.67 29.02
CA CYS A 11 22.87 -1.09 29.61
C CYS A 11 22.92 0.43 29.53
N LYS A 12 21.78 1.09 29.66
CA LYS A 12 21.73 2.56 29.62
C LYS A 12 21.00 3.08 30.86
N THR A 13 21.72 3.79 31.72
CA THR A 13 21.12 4.24 32.96
C THR A 13 20.30 5.52 32.81
N ASN A 14 20.67 6.49 31.97
CA ASN A 14 19.75 7.61 31.82
C ASN A 14 19.12 7.78 30.44
N VAL A 15 18.17 6.93 30.08
CA VAL A 15 17.45 7.09 28.81
C VAL A 15 15.94 7.29 28.98
N CYS A 16 15.49 7.49 30.21
CA CYS A 16 14.05 7.54 30.43
C CYS A 16 13.39 8.46 29.40
N TRP A 17 14.08 9.51 28.97
CA TRP A 17 13.55 10.40 27.95
C TRP A 17 13.24 9.66 26.63
N ALA A 18 14.15 8.78 26.21
CA ALA A 18 13.94 7.96 25.01
C ALA A 18 12.83 6.94 25.22
N LYS A 19 12.89 6.21 26.33
CA LYS A 19 11.85 5.22 26.62
C LYS A 19 10.49 5.88 26.56
N ALA A 20 10.43 7.11 27.07
CA ALA A 20 9.16 7.81 27.16
C ALA A 20 8.65 8.16 25.78
N LEU A 21 9.57 8.52 24.88
CA LEU A 21 9.19 8.76 23.50
C LEU A 21 8.74 7.51 22.76
N GLU A 22 9.28 6.34 23.08
CA GLU A 22 9.03 5.13 22.28
C GLU A 22 7.58 4.93 21.80
N PRO A 23 6.59 4.97 22.70
CA PRO A 23 5.20 4.78 22.25
C PRO A 23 4.69 5.95 21.39
N ILE A 24 5.20 7.16 21.60
CA ILE A 24 4.79 8.28 20.79
C ILE A 24 5.32 8.10 19.38
N LEU A 25 6.55 7.63 19.25
CA LEU A 25 7.12 7.33 17.95
C LEU A 25 6.34 6.22 17.24
N ALA A 26 5.84 5.28 18.01
CA ALA A 26 5.09 4.15 17.46
C ALA A 26 3.85 4.59 16.67
N THR A 27 3.16 5.64 17.12
CA THR A 27 1.96 6.09 16.43
C THR A 27 2.29 6.55 15.02
N ALA A 28 3.55 6.93 14.80
CA ALA A 28 3.99 7.40 13.50
C ALA A 28 4.63 6.26 12.71
N GLY A 29 4.61 5.06 13.25
CA GLY A 29 5.19 3.91 12.57
C GLY A 29 6.69 3.81 12.79
N ILE A 30 7.21 4.64 13.68
CA ILE A 30 8.66 4.69 13.92
C ILE A 30 9.04 3.80 15.09
N VAL A 31 9.97 2.88 14.84
CA VAL A 31 10.55 2.08 15.90
C VAL A 31 12.07 2.09 15.81
N LEU A 32 12.73 2.75 16.75
CA LEU A 32 14.19 2.94 16.72
C LEU A 32 14.94 1.79 17.38
N THR A 33 16.04 1.37 16.77
CA THR A 33 16.92 0.42 17.39
C THR A 33 17.91 1.15 18.30
N GLY A 34 18.72 0.39 19.03
CA GLY A 34 19.70 0.95 19.93
C GLY A 34 20.74 1.75 19.16
N CYS A 35 21.21 1.19 18.05
CA CYS A 35 22.20 1.85 17.20
C CYS A 35 21.61 3.13 16.61
N GLN A 36 20.35 3.07 16.23
CA GLN A 36 19.68 4.25 15.68
C GLN A 36 19.53 5.34 16.74
N TRP A 37 19.17 4.95 17.95
CA TRP A 37 19.10 5.91 19.05
C TRP A 37 20.46 6.57 19.24
N SER A 38 21.51 5.77 19.23
CA SER A 38 22.87 6.25 19.46
C SER A 38 23.35 7.14 18.32
N GLU A 39 22.91 6.80 17.11
CA GLU A 39 23.40 7.52 15.95
C GLU A 39 22.74 8.89 15.93
N LEU A 40 21.49 8.97 16.37
CA LEU A 40 20.76 10.23 16.39
C LEU A 40 21.15 11.17 17.55
N PHE A 41 21.30 10.61 18.75
CA PHE A 41 21.60 11.42 19.93
C PHE A 41 22.93 11.07 20.55
N PRO A 42 23.86 12.03 20.56
CA PRO A 42 25.07 11.79 21.34
C PRO A 42 24.72 11.50 22.79
N GLN A 43 23.64 12.12 23.28
CA GLN A 43 23.20 11.93 24.66
C GLN A 43 22.83 10.47 24.92
N PHE A 44 22.20 9.82 23.94
CA PHE A 44 21.85 8.41 24.10
C PHE A 44 23.12 7.57 24.03
N ALA A 45 23.91 7.77 22.98
CA ALA A 45 25.16 7.04 22.78
C ALA A 45 26.09 7.11 23.99
N ASP A 46 26.13 8.27 24.64
CA ASP A 46 26.95 8.47 25.84
C ASP A 46 26.20 8.29 27.15
N ASP A 47 24.93 7.87 27.07
CA ASP A 47 24.11 7.58 28.25
C ASP A 47 24.01 8.77 29.20
N LYS A 48 23.42 9.86 28.72
CA LYS A 48 23.28 11.09 29.51
C LYS A 48 21.85 11.59 29.62
N PRO A 49 21.55 12.34 30.69
CA PRO A 49 20.19 12.89 30.81
C PRO A 49 19.88 13.85 29.68
N HIS A 50 18.61 13.95 29.30
CA HIS A 50 18.21 14.75 28.16
C HIS A 50 16.72 15.09 28.21
N SER A 51 16.29 16.09 27.45
CA SER A 51 14.88 16.46 27.38
C SER A 51 14.14 15.62 26.36
N ALA A 52 13.12 14.90 26.80
CA ALA A 52 12.35 14.07 25.90
C ALA A 52 11.71 14.92 24.81
N ILE A 53 11.32 16.15 25.15
CA ILE A 53 10.67 17.03 24.19
C ILE A 53 11.65 17.43 23.11
N TYR A 54 12.85 17.86 23.52
CA TYR A 54 13.87 18.23 22.54
C TYR A 54 14.12 17.04 21.62
N ALA A 55 14.22 15.86 22.22
CA ALA A 55 14.49 14.65 21.44
C ALA A 55 13.40 14.43 20.41
N LEU A 56 12.15 14.68 20.80
CA LEU A 56 11.02 14.46 19.91
C LEU A 56 11.09 15.41 18.72
N ASP A 57 11.50 16.65 18.97
CA ASP A 57 11.65 17.61 17.89
C ASP A 57 12.72 17.12 16.91
N VAL A 58 13.84 16.65 17.45
CA VAL A 58 14.94 16.15 16.62
C VAL A 58 14.50 14.96 15.76
N ILE A 59 13.70 14.07 16.34
CA ILE A 59 13.28 12.86 15.65
C ILE A 59 12.31 13.21 14.54
N CYS A 60 11.45 14.19 14.81
CA CYS A 60 10.50 14.64 13.83
C CYS A 60 11.24 15.21 12.62
N ILE A 61 12.21 16.08 12.87
CA ILE A 61 12.98 16.65 11.78
C ILE A 61 13.70 15.56 10.99
N LYS A 62 14.27 14.59 11.70
CA LYS A 62 15.05 13.55 11.05
C LYS A 62 14.21 12.64 10.16
N PHE A 63 13.03 12.24 10.60
CA PHE A 63 12.17 11.37 9.79
C PHE A 63 11.35 12.10 8.72
N PHE A 64 10.69 13.18 9.12
CA PHE A 64 9.78 13.91 8.24
C PHE A 64 10.31 15.22 7.64
N GLY A 65 11.56 15.57 7.95
CA GLY A 65 12.15 16.80 7.44
C GLY A 65 11.46 18.10 7.85
N MET A 66 10.71 18.06 8.96
CA MET A 66 10.08 19.25 9.51
C MET A 66 10.08 19.18 11.04
N ASP A 67 9.98 20.33 11.69
CA ASP A 67 10.00 20.34 13.15
C ASP A 67 8.57 20.26 13.70
N LEU A 68 8.43 20.28 15.02
CA LEU A 68 7.16 20.00 15.67
C LEU A 68 6.07 21.05 15.40
N THR A 69 6.45 22.23 14.93
CA THR A 69 5.45 23.26 14.66
C THR A 69 4.63 22.88 13.44
N SER A 70 5.09 21.85 12.72
CA SER A 70 4.33 21.31 11.61
C SER A 70 3.01 20.71 12.10
N GLY A 71 3.01 20.22 13.33
CA GLY A 71 1.85 19.57 13.91
C GLY A 71 1.83 18.06 13.74
N LEU A 72 2.88 17.52 13.12
CA LEU A 72 2.94 16.09 12.84
C LEU A 72 2.76 15.20 14.07
N PHE A 73 3.37 15.59 15.18
CA PHE A 73 3.22 14.86 16.44
C PHE A 73 2.19 15.45 17.42
N SER A 74 1.38 16.39 16.94
CA SER A 74 0.51 17.19 17.81
C SER A 74 -0.87 16.60 18.11
N LYS A 75 -1.11 15.37 17.64
CA LYS A 75 -2.32 14.66 17.98
C LYS A 75 -2.25 14.25 19.44
N GLN A 76 -3.30 14.53 20.22
CA GLN A 76 -3.17 14.34 21.66
C GLN A 76 -3.54 12.92 22.00
N SER A 77 -2.54 12.10 22.22
CA SER A 77 -2.76 10.68 22.36
C SER A 77 -2.10 10.18 23.63
N ILE A 78 -0.78 10.19 23.60
CA ILE A 78 0.03 9.68 24.67
C ILE A 78 0.67 10.84 25.40
N PRO A 79 0.45 10.92 26.71
CA PRO A 79 1.08 11.99 27.47
C PRO A 79 2.60 11.82 27.55
N LEU A 80 3.30 12.94 27.47
CA LEU A 80 4.72 12.97 27.73
C LEU A 80 4.92 13.84 28.94
N THR A 81 5.27 13.21 30.05
CA THR A 81 5.20 13.84 31.36
C THR A 81 6.55 13.86 32.06
N TYR A 82 6.94 15.06 32.45
CA TYR A 82 8.17 15.27 33.20
C TYR A 82 7.82 15.32 34.67
N HIS A 83 8.55 14.58 35.48
CA HIS A 83 8.37 14.60 36.92
C HIS A 83 9.58 15.14 37.65
N PRO A 84 9.46 16.32 38.27
CA PRO A 84 10.57 16.84 39.06
C PRO A 84 10.82 15.93 40.25
N ALA A 85 11.98 16.02 40.88
CA ALA A 85 12.20 15.22 42.07
C ALA A 85 11.23 15.68 43.15
N ASP A 86 10.71 14.71 43.90
CA ASP A 86 9.87 14.97 45.05
C ASP A 86 10.07 13.88 46.12
N SER A 87 9.23 13.87 47.15
CA SER A 87 9.34 12.89 48.24
C SER A 87 9.20 11.44 47.77
N ALA A 88 8.51 11.23 46.65
CA ALA A 88 8.39 9.91 46.01
C ALA A 88 9.56 9.58 45.06
N ARG A 89 9.99 10.58 44.30
CA ARG A 89 11.03 10.43 43.26
C ARG A 89 12.37 11.06 43.63
N PRO A 90 13.43 10.25 43.72
CA PRO A 90 14.71 10.85 44.11
C PRO A 90 15.28 11.81 43.09
N VAL A 91 15.02 11.53 41.81
CA VAL A 91 15.49 12.38 40.70
C VAL A 91 14.37 12.57 39.68
N ALA A 92 14.53 13.58 38.82
CA ALA A 92 13.51 13.86 37.82
C ALA A 92 13.45 12.71 36.82
N HIS A 93 12.26 12.48 36.29
CA HIS A 93 11.99 11.30 35.48
C HIS A 93 10.99 11.61 34.36
N TRP A 94 11.18 10.98 33.20
CA TRP A 94 10.21 11.10 32.11
C TRP A 94 9.44 9.81 31.97
N ASP A 95 8.12 9.92 31.85
CA ASP A 95 7.31 8.77 31.50
C ASP A 95 6.01 9.17 30.82
N ASN A 96 5.16 8.18 30.61
CA ASN A 96 3.87 8.34 29.93
C ASN A 96 2.66 8.52 30.86
N SER A 97 2.90 8.72 32.15
CA SER A 97 1.81 8.91 33.10
C SER A 97 0.91 10.08 32.68
N PRO A 98 -0.33 10.12 33.18
CA PRO A 98 -1.33 11.14 32.84
C PRO A 98 -0.86 12.59 33.01
N GLY A 99 -1.26 13.45 32.07
CA GLY A 99 -0.89 14.86 32.10
C GLY A 99 -1.50 15.61 30.93
N THR A 100 -1.47 16.95 30.97
CA THR A 100 -2.12 17.72 29.91
C THR A 100 -1.25 17.84 28.67
N ARG A 101 0.03 17.50 28.78
CA ARG A 101 0.91 17.52 27.61
C ARG A 101 0.92 16.15 26.93
N LYS A 102 0.40 16.09 25.71
CA LYS A 102 0.30 14.85 24.97
C LYS A 102 0.82 15.01 23.54
N TYR A 103 1.21 13.88 22.94
CA TYR A 103 1.74 13.89 21.59
C TYR A 103 1.31 12.61 20.85
N GLY A 104 1.29 12.69 19.53
CA GLY A 104 1.11 11.51 18.70
C GLY A 104 1.01 11.92 17.25
N TYR A 105 1.29 10.98 16.35
CA TYR A 105 1.32 11.27 14.93
C TYR A 105 -0.07 11.69 14.48
N ASP A 106 -0.14 12.78 13.72
CA ASP A 106 -1.43 13.28 13.25
C ASP A 106 -1.57 13.04 11.74
N HIS A 107 -2.44 12.10 11.39
CA HIS A 107 -2.58 11.67 10.00
C HIS A 107 -3.25 12.74 9.16
N ALA A 108 -4.06 13.57 9.79
CA ALA A 108 -4.69 14.69 9.10
C ALA A 108 -3.61 15.65 8.60
N ILE A 109 -2.71 16.02 9.50
CA ILE A 109 -1.63 16.93 9.17
C ILE A 109 -0.80 16.35 8.02
N ALA A 110 -0.52 15.05 8.11
CA ALA A 110 0.29 14.38 7.10
C ALA A 110 -0.44 14.40 5.77
N ALA A 111 -1.77 14.29 5.84
CA ALA A 111 -2.59 14.29 4.65
C ALA A 111 -2.56 15.63 3.93
N GLU A 112 -2.69 16.74 4.66
CA GLU A 112 -2.64 18.04 4.00
C GLU A 112 -1.25 18.30 3.44
N LEU A 113 -0.25 17.82 4.17
CA LEU A 113 1.13 17.96 3.74
C LEU A 113 1.43 17.23 2.44
N SER A 114 0.70 16.15 2.19
CA SER A 114 0.94 15.33 1.00
C SER A 114 0.63 16.02 -0.33
N ARG A 115 0.00 17.19 -0.28
CA ARG A 115 -0.24 17.94 -1.51
C ARG A 115 1.10 18.46 -2.09
N ARG A 116 1.91 19.14 -1.29
CA ARG A 116 3.26 19.49 -1.76
C ARG A 116 4.27 18.36 -1.59
N PHE A 117 4.05 17.50 -0.62
CA PHE A 117 5.04 16.47 -0.34
C PHE A 117 4.39 15.09 -0.40
N PRO A 118 4.13 14.62 -1.63
CA PRO A 118 3.43 13.36 -1.90
C PRO A 118 4.08 12.18 -1.21
N VAL A 119 5.37 12.31 -0.91
CA VAL A 119 6.13 11.23 -0.32
C VAL A 119 5.50 10.82 1.01
N PHE A 120 4.81 11.75 1.67
CA PHE A 120 4.11 11.42 2.92
C PHE A 120 3.09 10.34 2.70
N GLN A 121 2.30 10.47 1.64
CA GLN A 121 1.32 9.45 1.29
C GLN A 121 1.93 8.17 0.73
N LEU A 122 3.03 8.30 -0.02
CA LEU A 122 3.60 7.13 -0.69
C LEU A 122 4.75 6.41 0.03
N ALA A 123 5.27 6.98 1.11
CA ALA A 123 6.39 6.37 1.80
C ALA A 123 5.93 5.17 2.61
N GLY A 124 6.87 4.30 2.97
CA GLY A 124 6.57 3.17 3.84
C GLY A 124 6.70 3.60 5.29
N LYS A 125 6.42 2.68 6.20
CA LYS A 125 6.48 3.00 7.62
C LYS A 125 7.90 2.86 8.12
N GLY A 126 8.31 3.81 8.96
CA GLY A 126 9.58 3.75 9.65
C GLY A 126 10.78 4.17 8.83
N THR A 127 10.53 4.87 7.73
CA THR A 127 11.61 5.25 6.84
C THR A 127 11.79 6.76 6.92
N GLN A 128 13.01 7.21 6.65
CA GLN A 128 13.31 8.62 6.59
C GLN A 128 12.87 9.19 5.23
N LEU A 129 12.11 10.27 5.28
CA LEU A 129 11.61 10.89 4.06
C LEU A 129 12.56 11.97 3.54
N ASP A 130 12.83 11.95 2.25
CA ASP A 130 13.48 13.07 1.59
C ASP A 130 12.36 13.86 0.92
N LEU A 131 12.04 15.05 1.44
CA LEU A 131 10.89 15.81 0.94
C LEU A 131 11.10 16.39 -0.46
N GLN A 132 12.36 16.55 -0.84
CA GLN A 132 12.71 17.22 -2.09
C GLN A 132 12.83 16.22 -3.23
N THR A 133 13.74 15.25 -3.07
CA THR A 133 13.93 14.22 -4.09
C THR A 133 12.78 13.21 -4.12
N GLY A 134 12.12 13.03 -2.98
CA GLY A 134 11.02 12.09 -2.89
C GLY A 134 11.47 10.66 -2.62
N ARG A 135 12.74 10.48 -2.25
CA ARG A 135 13.27 9.15 -1.97
C ARG A 135 13.09 8.79 -0.48
N THR A 136 13.45 7.56 -0.12
CA THR A 136 13.46 7.15 1.29
C THR A 136 14.66 6.27 1.63
N ARG A 137 14.98 6.17 2.91
CA ARG A 137 16.14 5.40 3.37
C ARG A 137 15.94 5.03 4.85
N VAL A 138 16.72 4.07 5.36
CA VAL A 138 16.74 3.84 6.79
C VAL A 138 17.23 5.11 7.49
N ILE A 139 16.64 5.39 8.64
CA ILE A 139 16.92 6.62 9.38
C ILE A 139 18.43 6.83 9.52
N SER A 140 18.86 8.05 9.22
CA SER A 140 20.28 8.41 9.25
C SER A 140 20.47 9.79 9.85
N ALA A 141 21.48 9.92 10.70
CA ALA A 141 21.76 11.20 11.34
C ALA A 141 22.38 12.20 10.35
N GLN A 142 22.75 11.72 9.17
CA GLN A 142 23.46 12.55 8.21
C GLN A 142 22.57 13.23 7.17
N HIS A 143 21.26 13.05 7.33
CA HIS A 143 20.29 13.57 6.37
C HIS A 143 19.17 14.33 7.08
N ASN A 144 18.38 15.07 6.30
CA ASN A 144 17.38 15.97 6.87
C ASN A 144 18.01 16.82 7.99
N LEU A 145 19.13 17.46 7.66
CA LEU A 145 19.90 18.26 8.60
C LEU A 145 19.24 19.59 8.96
N VAL A 146 18.45 20.15 8.05
CA VAL A 146 17.72 21.37 8.37
C VAL A 146 16.24 21.13 8.15
N PRO A 147 15.40 21.57 9.09
CA PRO A 147 13.95 21.44 8.92
C PRO A 147 13.47 22.43 7.86
N VAL A 148 12.67 21.99 6.90
CA VAL A 148 12.36 22.85 5.77
C VAL A 148 11.27 23.86 6.11
N ASN A 149 10.54 23.62 7.19
CA ASN A 149 9.40 24.45 7.54
C ASN A 149 9.74 25.61 8.48
N ARG A 150 11.01 25.74 8.84
CA ARG A 150 11.42 26.72 9.85
C ARG A 150 12.08 27.95 9.25
N ASN A 151 11.65 29.13 9.70
CA ASN A 151 12.40 30.34 9.41
C ASN A 151 13.48 30.48 10.45
N LEU A 152 14.73 30.42 10.01
CA LEU A 152 15.86 30.44 10.92
C LEU A 152 16.08 31.83 11.45
N PRO A 153 16.30 31.96 12.77
CA PRO A 153 16.47 33.28 13.37
C PRO A 153 17.76 33.96 12.90
N HIS A 154 18.72 33.17 12.42
CA HIS A 154 20.00 33.72 11.99
C HIS A 154 20.68 32.78 10.98
N ALA A 155 21.69 33.31 10.29
CA ALA A 155 22.43 32.55 9.28
C ALA A 155 23.22 31.40 9.90
N LEU A 156 23.58 30.43 9.07
CA LEU A 156 24.43 29.34 9.51
C LEU A 156 25.71 29.40 8.67
N VAL A 157 26.75 28.70 9.11
CA VAL A 157 28.01 28.72 8.39
C VAL A 157 27.92 27.63 7.34
N PRO A 158 28.30 27.95 6.10
CA PRO A 158 28.22 26.93 5.04
C PRO A 158 29.09 25.71 5.34
N GLU A 159 30.35 25.96 5.70
CA GLU A 159 31.31 24.89 5.91
C GLU A 159 32.03 25.04 7.24
N TYR A 160 32.04 23.97 8.02
CA TYR A 160 32.68 23.96 9.33
C TYR A 160 34.19 24.06 9.14
N LYS A 161 34.80 25.00 9.85
CA LYS A 161 36.25 25.14 9.86
C LYS A 161 36.70 25.35 11.30
N GLU A 162 37.56 24.46 11.79
CA GLU A 162 38.13 24.64 13.12
C GLU A 162 39.30 25.64 13.05
N LYS A 163 39.57 26.30 14.17
CA LYS A 163 40.69 27.24 14.23
C LYS A 163 41.42 27.08 15.55
N GLN A 164 42.63 27.61 15.63
CA GLN A 164 43.38 27.58 16.87
C GLN A 164 42.94 28.77 17.71
N PRO A 165 42.43 28.50 18.91
CA PRO A 165 41.87 29.62 19.66
C PRO A 165 42.96 30.55 20.16
N GLY A 166 42.66 31.83 20.21
CA GLY A 166 43.58 32.78 20.81
C GLY A 166 43.46 32.70 22.33
N PRO A 167 44.20 33.56 23.03
CA PRO A 167 44.10 33.62 24.49
C PRO A 167 42.74 34.16 24.94
N VAL A 168 42.10 33.45 25.87
CA VAL A 168 40.80 33.83 26.37
C VAL A 168 40.87 35.12 27.19
N LYS A 169 42.05 35.42 27.72
CA LYS A 169 42.25 36.60 28.55
C LYS A 169 41.83 37.89 27.83
N LYS A 170 42.13 37.99 26.53
CA LYS A 170 41.75 39.18 25.76
C LYS A 170 40.24 39.41 25.87
N PHE A 171 39.48 38.31 25.87
CA PHE A 171 38.03 38.37 25.91
C PHE A 171 37.51 38.68 27.31
N LEU A 172 38.04 37.98 28.32
CA LEU A 172 37.59 38.21 29.69
C LEU A 172 37.89 39.63 30.16
N ASN A 173 38.92 40.24 29.61
CA ASN A 173 39.27 41.61 29.97
C ASN A 173 38.24 42.63 29.50
N GLN A 174 37.34 42.21 28.60
CA GLN A 174 36.28 43.08 28.13
C GLN A 174 35.15 43.17 29.15
N PHE A 175 35.25 42.39 30.23
CA PHE A 175 34.26 42.46 31.28
C PHE A 175 34.93 43.07 32.51
N LYS A 176 34.17 43.93 33.20
CA LYS A 176 34.73 44.85 34.17
C LYS A 176 34.93 44.21 35.54
N HIS A 177 34.46 42.97 35.68
CA HIS A 177 34.45 42.28 36.97
C HIS A 177 35.76 41.54 37.24
N HIS A 178 36.28 41.68 38.46
CA HIS A 178 37.56 41.08 38.80
C HIS A 178 37.49 39.57 39.07
N SER A 179 36.52 39.15 39.88
CA SER A 179 36.42 37.75 40.28
C SER A 179 35.41 37.01 39.41
N VAL A 180 35.85 35.95 38.75
CA VAL A 180 35.07 35.26 37.74
C VAL A 180 34.96 33.76 38.00
N LEU A 181 33.75 33.22 37.90
CA LEU A 181 33.53 31.79 37.97
C LEU A 181 33.66 31.20 36.57
N VAL A 182 34.50 30.17 36.41
CA VAL A 182 34.76 29.64 35.09
C VAL A 182 34.45 28.16 35.02
N VAL A 183 33.53 27.80 34.13
CA VAL A 183 33.26 26.39 33.83
C VAL A 183 33.89 26.09 32.48
N SER A 184 34.94 25.27 32.47
CA SER A 184 35.71 25.03 31.25
C SER A 184 36.40 23.67 31.31
N GLU A 185 36.65 23.05 30.16
CA GLU A 185 37.39 21.79 30.16
C GLU A 185 38.92 22.00 30.21
N GLU A 186 39.37 23.19 29.83
CA GLU A 186 40.79 23.50 29.78
C GLU A 186 41.04 24.73 30.63
N LYS A 187 42.21 24.79 31.25
CA LYS A 187 42.50 25.86 32.19
C LYS A 187 42.49 27.20 31.45
N ILE A 188 42.01 28.23 32.12
CA ILE A 188 41.99 29.57 31.55
C ILE A 188 42.93 30.47 32.32
N GLU A 189 43.88 31.06 31.60
CA GLU A 189 44.85 31.96 32.20
C GLU A 189 44.41 33.42 32.09
N ALA A 190 44.08 34.01 33.23
CA ALA A 190 43.74 35.42 33.31
C ALA A 190 44.31 35.98 34.61
N PRO A 191 45.59 36.35 34.59
CA PRO A 191 46.23 36.83 35.83
C PRO A 191 45.60 38.11 36.37
N ARG A 192 44.95 38.88 35.50
CA ARG A 192 44.30 40.12 35.91
C ARG A 192 42.97 39.84 36.63
N LYS A 193 42.56 38.58 36.67
CA LYS A 193 41.30 38.15 37.28
C LYS A 193 41.55 37.16 38.41
N ARG A 194 40.58 37.04 39.31
CA ARG A 194 40.56 35.93 40.26
C ARG A 194 39.60 34.86 39.72
N ILE A 195 40.15 33.68 39.43
CA ILE A 195 39.39 32.63 38.77
C ILE A 195 39.08 31.41 39.65
N GLU A 196 37.80 31.15 39.83
CA GLU A 196 37.36 29.86 40.35
C GLU A 196 37.08 28.97 39.14
N TRP A 197 37.73 27.83 39.08
CA TRP A 197 37.64 26.98 37.89
C TRP A 197 36.90 25.68 38.14
N ILE A 198 35.74 25.53 37.50
CA ILE A 198 35.02 24.27 37.50
C ILE A 198 35.27 23.52 36.20
N ALA A 199 35.60 22.24 36.30
CA ALA A 199 35.84 21.40 35.13
C ALA A 199 35.06 20.09 35.19
N PRO A 200 34.90 19.41 34.05
CA PRO A 200 34.31 18.06 34.10
C PRO A 200 35.21 17.10 34.88
N ILE A 201 34.77 15.87 35.06
CA ILE A 201 35.35 15.00 36.10
C ILE A 201 36.84 14.70 35.95
N GLY A 202 37.26 14.26 34.77
CA GLY A 202 38.62 13.75 34.63
C GLY A 202 39.74 14.76 34.53
N ILE A 203 39.45 16.03 34.76
CA ILE A 203 40.39 17.11 34.46
C ILE A 203 41.17 17.55 35.68
N ALA A 204 42.49 17.45 35.57
CA ALA A 204 43.37 17.79 36.70
C ALA A 204 43.59 19.30 36.80
N GLY A 205 43.87 19.75 38.02
CA GLY A 205 44.23 21.14 38.26
C GLY A 205 43.09 22.08 38.51
N ALA A 206 41.86 21.57 38.46
CA ALA A 206 40.67 22.40 38.68
C ALA A 206 40.38 22.62 40.16
N ASP A 207 39.70 23.73 40.45
CA ASP A 207 39.21 24.03 41.79
C ASP A 207 38.00 23.16 42.17
N LYS A 208 37.20 22.79 41.19
CA LYS A 208 36.04 21.91 41.40
C LYS A 208 35.86 21.02 40.19
N ASN A 209 35.34 19.80 40.43
CA ASN A 209 34.98 18.88 39.35
C ASN A 209 33.57 18.36 39.58
N TYR A 210 32.74 18.40 38.54
CA TYR A 210 31.37 17.88 38.60
C TYR A 210 31.06 17.11 37.35
N ASN A 211 29.94 16.38 37.35
CA ASN A 211 29.53 15.74 36.12
C ASN A 211 28.62 16.74 35.45
N LEU A 212 29.14 17.37 34.40
CA LEU A 212 28.53 18.57 33.90
C LEU A 212 27.29 18.26 33.05
N ALA A 213 27.12 17.00 32.67
CA ALA A 213 25.88 16.58 32.01
C ALA A 213 24.68 16.79 32.95
N PHE A 214 24.94 16.77 34.25
CA PHE A 214 23.95 17.05 35.28
C PHE A 214 23.99 18.49 35.82
N GLY A 215 24.81 19.34 35.21
CA GLY A 215 24.97 20.71 35.69
C GLY A 215 25.95 20.77 36.85
N PHE A 216 25.86 21.82 37.66
CA PHE A 216 26.65 21.87 38.88
C PHE A 216 25.90 22.54 40.02
N PRO A 217 26.08 22.02 41.25
CA PRO A 217 25.38 22.55 42.42
C PRO A 217 25.84 23.97 42.73
N PRO A 218 25.04 24.72 43.49
CA PRO A 218 25.39 26.11 43.79
C PRO A 218 26.76 26.28 44.43
N GLN A 219 27.57 27.15 43.84
CA GLN A 219 28.80 27.65 44.43
C GLN A 219 28.51 28.99 45.11
N ALA A 220 29.56 29.74 45.42
CA ALA A 220 29.38 31.12 45.87
C ALA A 220 28.83 31.94 44.69
N ARG A 221 28.60 33.23 44.91
CA ARG A 221 28.03 34.06 43.85
C ARG A 221 29.06 35.04 43.28
N TYR A 222 29.00 35.24 41.97
CA TYR A 222 29.98 36.06 41.27
C TYR A 222 29.25 37.10 40.45
N ASP A 223 29.98 38.14 40.04
CA ASP A 223 29.41 39.14 39.15
C ASP A 223 29.57 38.73 37.70
N LEU A 224 30.47 37.77 37.47
CA LEU A 224 30.66 37.24 36.13
C LEU A 224 30.80 35.73 36.17
N VAL A 225 29.97 35.06 35.38
CA VAL A 225 30.09 33.62 35.17
C VAL A 225 30.38 33.36 33.70
N PHE A 226 31.34 32.50 33.42
CA PHE A 226 31.78 32.24 32.06
C PHE A 226 31.74 30.73 31.82
N ILE A 227 30.78 30.29 31.00
CA ILE A 227 30.61 28.89 30.66
C ILE A 227 31.31 28.66 29.33
N ASN A 228 32.41 27.92 29.37
CA ASN A 228 33.22 27.66 28.19
C ASN A 228 32.97 26.29 27.54
N ILE A 229 31.98 25.56 28.04
CA ILE A 229 31.73 24.19 27.59
C ILE A 229 31.11 24.13 26.20
N GLY A 230 31.76 23.39 25.32
CA GLY A 230 31.31 23.21 23.95
C GLY A 230 30.70 21.84 23.66
N THR A 231 30.17 21.71 22.44
CA THR A 231 29.58 20.45 21.93
C THR A 231 30.19 20.06 20.59
N LYS A 232 30.40 18.76 20.36
CA LYS A 232 31.18 18.32 19.19
C LYS A 232 30.35 18.44 17.92
N TYR A 233 30.97 19.00 16.90
CA TYR A 233 30.35 19.16 15.60
C TYR A 233 30.19 17.78 14.99
N ARG A 234 29.10 17.53 14.26
CA ARG A 234 29.04 16.28 13.52
C ARG A 234 28.80 16.51 12.03
N ASN A 235 27.54 16.68 11.66
CA ASN A 235 27.16 16.85 10.26
C ASN A 235 26.71 18.24 9.81
N HIS A 236 26.54 19.16 10.75
CA HIS A 236 25.93 20.43 10.38
C HIS A 236 25.79 21.39 11.56
N HIS A 237 25.69 22.67 11.24
CA HIS A 237 25.58 23.72 12.22
C HIS A 237 24.26 23.58 12.98
N PHE A 238 23.16 23.57 12.25
CA PHE A 238 21.87 23.27 12.86
C PHE A 238 21.94 22.08 13.80
N GLN A 239 22.61 21.01 13.38
CA GLN A 239 22.71 19.80 14.21
C GLN A 239 23.51 20.09 15.46
N GLN A 240 24.51 20.95 15.34
CA GLN A 240 25.32 21.29 16.50
C GLN A 240 24.48 22.05 17.52
N CYS A 241 23.61 22.93 17.05
CA CYS A 241 22.71 23.65 17.94
C CYS A 241 21.85 22.67 18.70
N GLU A 242 21.25 21.74 17.95
CA GLU A 242 20.41 20.69 18.54
C GLU A 242 21.16 19.96 19.66
N ASP A 243 22.34 19.44 19.36
CA ASP A 243 23.13 18.70 20.34
C ASP A 243 23.50 19.54 21.54
N HIS A 244 23.69 20.83 21.31
CA HIS A 244 24.11 21.76 22.37
C HIS A 244 22.95 22.27 23.22
N ALA A 245 21.74 22.29 22.67
CA ALA A 245 20.60 22.93 23.34
C ALA A 245 20.42 22.54 24.81
N ALA A 246 20.35 21.26 25.10
CA ALA A 246 20.17 20.82 26.48
C ALA A 246 21.35 21.25 27.33
N THR A 247 22.56 21.20 26.77
CA THR A 247 23.76 21.63 27.48
C THR A 247 23.65 23.09 27.88
N LEU A 248 23.19 23.91 26.93
CA LEU A 248 23.11 25.34 27.09
C LEU A 248 22.20 25.64 28.26
N LYS A 249 21.03 25.00 28.26
CA LYS A 249 20.04 25.21 29.32
C LYS A 249 20.54 24.74 30.69
N THR A 250 21.14 23.58 30.74
CA THR A 250 21.56 22.97 32.01
C THR A 250 22.61 23.83 32.70
N LEU A 251 23.66 24.15 31.96
CA LEU A 251 24.79 24.90 32.49
C LEU A 251 24.41 26.34 32.76
N SER A 252 23.52 26.90 31.94
CA SER A 252 23.01 28.24 32.17
C SER A 252 22.21 28.28 33.47
N ARG A 253 21.43 27.22 33.72
CA ARG A 253 20.59 27.15 34.90
C ARG A 253 21.45 27.05 36.15
N SER A 254 22.48 26.22 36.09
CA SER A 254 23.38 26.08 37.21
C SER A 254 24.10 27.41 37.47
N ALA A 255 24.45 28.11 36.40
CA ALA A 255 25.18 29.36 36.50
C ALA A 255 24.33 30.42 37.20
N LEU A 256 23.03 30.42 36.93
CA LEU A 256 22.11 31.36 37.58
C LEU A 256 22.12 31.27 39.11
N ASN A 257 22.35 30.08 39.65
CA ASN A 257 22.47 29.96 41.10
C ASN A 257 23.74 30.66 41.59
N CYS A 258 24.73 30.72 40.73
CA CYS A 258 26.03 31.29 41.08
C CYS A 258 26.21 32.76 40.70
N LEU A 259 25.15 33.42 40.26
CA LEU A 259 25.25 34.78 39.75
C LEU A 259 24.57 35.83 40.64
N ASN A 260 25.28 36.91 40.95
CA ASN A 260 24.69 38.04 41.69
C ASN A 260 23.76 38.87 40.84
N PRO A 261 22.79 39.53 41.49
CA PRO A 261 21.94 40.48 40.75
C PRO A 261 22.78 41.55 40.06
N GLY A 262 22.35 41.99 38.88
CA GLY A 262 23.12 42.92 38.09
C GLY A 262 24.33 42.27 37.45
N GLY A 263 24.45 40.95 37.65
CA GLY A 263 25.59 40.20 37.15
C GLY A 263 25.51 39.90 35.66
N THR A 264 26.59 39.32 35.13
CA THR A 264 26.69 39.00 33.73
C THR A 264 27.07 37.54 33.51
N LEU A 265 26.37 36.90 32.57
CA LEU A 265 26.63 35.52 32.20
C LEU A 265 27.07 35.43 30.75
N VAL A 266 28.29 34.98 30.52
CA VAL A 266 28.79 34.70 29.19
C VAL A 266 28.76 33.19 28.99
N VAL A 267 28.09 32.71 27.96
CA VAL A 267 27.96 31.26 27.76
C VAL A 267 28.18 30.87 26.30
N LYS A 268 29.06 29.90 26.07
CA LYS A 268 29.38 29.49 24.72
C LYS A 268 28.18 28.79 24.05
N SER A 269 27.90 29.19 22.81
CA SER A 269 26.83 28.60 22.02
C SER A 269 27.24 28.54 20.56
N TYR A 270 26.44 27.82 19.79
CA TYR A 270 26.51 27.80 18.34
C TYR A 270 25.42 28.68 17.70
N GLY A 271 24.80 29.51 18.52
CA GLY A 271 23.64 30.28 18.11
C GLY A 271 22.43 29.56 18.68
N TYR A 272 21.23 30.02 18.36
CA TYR A 272 20.06 29.17 18.56
C TYR A 272 19.35 28.95 17.23
N ALA A 273 19.75 27.91 16.50
CA ALA A 273 19.17 27.71 15.18
C ALA A 273 17.86 26.95 15.28
N ASP A 274 17.86 25.92 16.11
CA ASP A 274 16.70 25.08 16.29
C ASP A 274 15.71 25.76 17.24
N ARG A 275 14.44 25.39 17.09
CA ARG A 275 13.37 25.95 17.90
C ARG A 275 13.65 25.84 19.40
N ASN A 276 14.17 24.70 19.84
CA ASN A 276 14.43 24.52 21.26
C ASN A 276 15.53 25.45 21.79
N SER A 277 16.64 25.53 21.06
CA SER A 277 17.69 26.47 21.43
C SER A 277 17.14 27.89 21.54
N GLU A 278 16.29 28.30 20.60
CA GLU A 278 15.74 29.66 20.62
C GLU A 278 14.78 29.86 21.80
N ASP A 279 14.02 28.84 22.13
CA ASP A 279 13.09 28.94 23.25
C ASP A 279 13.87 29.12 24.53
N VAL A 280 15.00 28.44 24.62
CA VAL A 280 15.86 28.47 25.80
C VAL A 280 16.54 29.82 25.95
N VAL A 281 17.11 30.31 24.86
CA VAL A 281 17.82 31.56 24.87
C VAL A 281 16.83 32.69 25.16
N THR A 282 15.60 32.52 24.74
CA THR A 282 14.57 33.53 24.97
C THR A 282 14.20 33.59 26.45
N ALA A 283 13.93 32.44 27.05
CA ALA A 283 13.58 32.38 28.46
C ALA A 283 14.72 32.93 29.30
N LEU A 284 15.93 32.58 28.90
CA LEU A 284 17.14 32.97 29.62
C LEU A 284 17.30 34.49 29.50
N ALA A 285 17.04 35.00 28.30
CA ALA A 285 17.21 36.41 28.00
C ALA A 285 16.20 37.25 28.77
N ARG A 286 15.01 36.68 29.00
CA ARG A 286 13.97 37.42 29.71
C ARG A 286 14.47 37.87 31.09
N LYS A 287 15.46 37.15 31.63
CA LYS A 287 15.99 37.44 32.96
C LYS A 287 17.00 38.58 33.02
N PHE A 288 17.40 39.11 31.86
CA PHE A 288 18.47 40.12 31.81
C PHE A 288 18.02 41.39 31.11
N VAL A 289 18.67 42.50 31.46
CA VAL A 289 18.36 43.80 30.87
C VAL A 289 18.73 43.83 29.39
N ARG A 290 19.92 43.31 29.09
CA ARG A 290 20.43 43.25 27.72
C ARG A 290 20.97 41.87 27.40
N VAL A 291 20.97 41.52 26.13
CA VAL A 291 21.72 40.37 25.67
C VAL A 291 22.25 40.63 24.27
N SER A 292 23.52 40.29 24.06
CA SER A 292 24.21 40.47 22.80
C SER A 292 25.01 39.21 22.53
N ALA A 293 25.90 39.26 21.53
CA ALA A 293 26.73 38.13 21.16
C ALA A 293 28.10 38.60 20.68
N ALA A 294 29.05 37.67 20.69
CA ALA A 294 30.40 37.98 20.26
C ALA A 294 31.07 36.70 19.76
N ARG A 295 31.97 36.85 18.79
CA ARG A 295 32.80 35.75 18.36
C ARG A 295 34.25 36.23 18.44
N PRO A 296 34.83 36.22 19.65
CA PRO A 296 36.18 36.72 19.86
C PRO A 296 37.20 35.77 19.27
N ASP A 297 38.48 36.13 19.39
CA ASP A 297 39.55 35.37 18.77
C ASP A 297 39.76 34.03 19.47
N CYS A 298 39.17 33.86 20.65
CA CYS A 298 39.43 32.68 21.47
C CYS A 298 38.49 31.51 21.16
N VAL A 299 37.65 31.65 20.14
CA VAL A 299 36.81 30.56 19.70
C VAL A 299 37.64 29.48 19.01
N SER A 300 37.17 28.24 19.08
CA SER A 300 37.86 27.12 18.46
C SER A 300 37.27 26.71 17.11
N SER A 301 36.18 27.37 16.71
CA SER A 301 35.56 27.04 15.43
C SER A 301 34.75 28.22 14.93
N ASN A 302 34.34 28.15 13.67
CA ASN A 302 33.61 29.25 13.06
C ASN A 302 32.13 29.24 13.41
N THR A 303 31.65 28.14 13.98
CA THR A 303 30.26 28.07 14.48
C THR A 303 30.12 28.53 15.93
N GLU A 304 31.24 28.63 16.65
CA GLU A 304 31.18 29.03 18.07
C GLU A 304 30.79 30.50 18.22
N MET A 305 29.86 30.75 19.14
CA MET A 305 29.35 32.09 19.39
C MET A 305 29.14 32.21 20.90
N TYR A 306 29.77 33.20 21.52
CA TYR A 306 29.51 33.46 22.93
C TYR A 306 28.32 34.39 23.05
N LEU A 307 27.32 33.94 23.81
CA LEU A 307 26.19 34.78 24.21
C LEU A 307 26.46 35.55 25.49
N ILE A 308 26.20 36.84 25.46
CA ILE A 308 26.44 37.71 26.61
C ILE A 308 25.12 38.27 27.18
N PHE A 309 24.72 37.75 28.34
CA PHE A 309 23.55 38.26 29.06
C PHE A 309 24.01 39.23 30.15
N ARG A 310 23.53 40.47 30.10
CA ARG A 310 24.04 41.53 30.99
C ARG A 310 23.01 41.98 32.03
N GLN A 311 23.47 42.10 33.28
CA GLN A 311 22.63 42.61 34.36
C GLN A 311 21.39 41.76 34.68
N LEU A 312 21.60 40.68 35.42
CA LEU A 312 20.50 39.79 35.80
C LEU A 312 19.65 40.40 36.89
N ASP A 313 18.40 40.72 36.56
CA ASP A 313 17.37 40.97 37.57
C ASP A 313 16.33 39.83 37.69
N ASN A 314 16.47 38.82 36.83
CA ASN A 314 15.51 37.71 36.77
C ASN A 314 14.06 38.18 36.73
N SER A 315 13.76 39.08 35.80
CA SER A 315 12.44 39.63 35.66
C SER A 315 11.47 38.56 35.14
N ARG A 316 10.20 38.76 35.49
CA ARG A 316 9.12 37.89 35.10
C ARG A 316 8.48 38.40 33.80
N THR A 317 7.96 39.61 33.88
CA THR A 317 7.14 40.19 32.82
C THR A 317 7.93 40.87 31.70
N ARG A 318 9.25 40.85 31.76
CA ARG A 318 10.05 41.44 30.68
C ARG A 318 9.65 40.85 29.34
N GLN A 319 9.39 41.70 28.36
CA GLN A 319 8.97 41.22 27.06
C GLN A 319 10.17 41.25 26.12
N PHE A 320 10.71 40.07 25.83
CA PHE A 320 11.91 39.95 25.00
C PHE A 320 11.55 39.50 23.59
N THR A 321 12.16 40.13 22.60
CA THR A 321 12.00 39.70 21.21
C THR A 321 13.37 39.62 20.56
N PRO A 322 13.59 38.60 19.71
CA PRO A 322 14.94 38.39 19.19
C PRO A 322 15.30 39.19 17.95
N HIS A 323 14.86 40.44 17.84
CA HIS A 323 15.13 41.21 16.64
C HIS A 323 16.60 41.56 16.65
N HIS A 324 17.01 42.19 17.73
CA HIS A 324 18.39 42.61 17.91
C HIS A 324 19.34 41.43 17.84
N LEU A 325 19.12 40.45 18.71
CA LEU A 325 20.03 39.32 18.80
C LEU A 325 20.15 38.59 17.47
N ASN A 326 19.01 38.39 16.79
CA ASN A 326 19.05 37.78 15.46
C ASN A 326 19.98 38.52 14.53
N CYS A 327 19.80 39.84 14.46
CA CYS A 327 20.60 40.66 13.57
C CYS A 327 22.10 40.55 13.88
N VAL A 328 22.45 40.63 15.16
CA VAL A 328 23.83 40.60 15.61
C VAL A 328 24.52 39.28 15.27
N ILE A 329 23.97 38.19 15.78
CA ILE A 329 24.54 36.87 15.56
C ILE A 329 24.70 36.59 14.07
N SER A 330 23.65 36.88 13.31
CA SER A 330 23.64 36.58 11.88
C SER A 330 24.74 37.36 11.15
N SER A 331 24.87 38.63 11.49
CA SER A 331 25.86 39.47 10.86
C SER A 331 27.26 38.97 11.18
N VAL A 332 27.48 38.55 12.42
CA VAL A 332 28.79 38.02 12.82
C VAL A 332 29.16 36.78 12.01
N TYR A 333 28.21 35.85 11.90
CA TYR A 333 28.43 34.63 11.14
C TYR A 333 28.70 34.94 9.67
N GLU A 334 28.17 36.05 9.18
CA GLU A 334 28.35 36.44 7.79
C GLU A 334 29.52 37.41 7.61
N GLY A 335 30.23 37.71 8.70
CA GLY A 335 31.44 38.51 8.63
C GLY A 335 31.21 40.01 8.69
N THR A 336 29.96 40.42 8.53
CA THR A 336 29.61 41.84 8.50
C THR A 336 29.92 42.60 9.79
N ARG A 337 30.04 41.88 10.89
CA ARG A 337 30.24 42.53 12.19
C ARG A 337 31.38 41.98 13.00
N ASP A 338 31.53 42.49 14.22
CA ASP A 338 32.75 42.22 14.96
C ASP A 338 32.60 40.78 15.50
N GLY A 339 31.70 40.50 16.45
CA GLY A 339 31.20 41.46 17.41
C GLY A 339 32.08 41.27 18.64
N VAL A 340 31.90 42.05 19.71
CA VAL A 340 32.72 41.86 20.92
C VAL A 340 32.02 42.54 22.11
N GLY A 341 32.45 42.16 23.32
CA GLY A 341 31.69 42.34 24.55
C GLY A 341 31.90 43.63 25.35
N ALA A 342 32.25 44.74 24.71
CA ALA A 342 32.19 46.02 25.40
C ALA A 342 30.70 46.38 25.57
N ALA A 343 30.38 47.04 26.67
CA ALA A 343 28.99 47.22 27.09
C ALA A 343 28.42 48.58 26.73
N PRO A 344 27.34 48.60 25.92
CA PRO A 344 26.79 49.90 25.52
C PRO A 344 26.35 50.73 26.72
N SER A 345 26.36 52.05 26.56
CA SER A 345 25.98 52.95 27.65
C SER A 345 25.19 54.16 27.17
N TYR A 346 24.48 54.78 28.11
CA TYR A 346 23.76 56.01 27.85
C TYR A 346 24.50 57.19 28.45
N ARG A 347 24.41 58.35 27.81
CA ARG A 347 24.97 59.60 28.32
C ARG A 347 24.02 60.73 27.95
N THR A 348 24.23 61.92 28.52
CA THR A 348 23.44 63.09 28.13
C THR A 348 24.36 64.25 27.78
N LYS A 349 23.87 65.12 26.89
CA LYS A 349 24.59 66.34 26.54
C LYS A 349 23.57 67.48 26.52
N ARG A 350 23.95 68.64 27.03
CA ARG A 350 23.09 69.82 26.99
C ARG A 350 23.41 70.66 25.76
N GLU A 351 24.26 70.15 24.90
CA GLU A 351 24.76 70.88 23.75
C GLU A 351 23.78 70.90 22.57
N ASN A 352 24.14 71.63 21.53
CA ASN A 352 23.39 71.62 20.28
C ASN A 352 23.65 70.32 19.52
N ILE A 353 22.59 69.58 19.23
CA ILE A 353 22.74 68.26 18.64
C ILE A 353 23.40 68.31 17.26
N ALA A 354 23.29 69.45 16.58
CA ALA A 354 23.89 69.61 15.26
C ALA A 354 25.40 69.38 15.33
N ASP A 355 25.97 69.60 16.49
CA ASP A 355 27.42 69.48 16.66
C ASP A 355 27.86 68.08 17.14
N CYS A 356 26.91 67.15 17.21
CA CYS A 356 27.19 65.82 17.75
C CYS A 356 28.35 65.11 17.05
N GLN A 357 29.11 64.35 17.83
CA GLN A 357 30.21 63.53 17.32
C GLN A 357 29.80 62.07 17.07
N GLU A 358 28.56 61.72 17.39
CA GLU A 358 28.10 60.33 17.26
C GLU A 358 27.89 59.96 15.80
N GLU A 359 28.03 58.68 15.46
CA GLU A 359 27.98 58.21 14.08
C GLU A 359 26.70 58.60 13.36
N ALA A 360 25.57 58.47 14.06
CA ALA A 360 24.29 58.85 13.49
C ALA A 360 23.57 59.79 14.43
N VAL A 361 22.77 60.68 13.85
CA VAL A 361 21.97 61.60 14.63
C VAL A 361 20.51 61.39 14.26
N VAL A 362 19.64 61.44 15.26
CA VAL A 362 18.22 61.23 15.05
C VAL A 362 17.53 62.57 15.10
N ASN A 363 16.78 62.87 14.04
CA ASN A 363 15.93 64.05 14.02
C ASN A 363 14.56 63.73 14.58
N ALA A 364 13.98 64.69 15.30
CA ALA A 364 12.59 64.56 15.71
C ALA A 364 11.80 65.21 14.58
N ALA A 365 11.16 64.35 13.79
CA ALA A 365 10.68 64.74 12.48
C ALA A 365 9.17 64.89 12.46
N ASN A 366 8.66 65.29 11.30
CA ASN A 366 7.24 65.29 11.03
C ASN A 366 6.98 64.44 9.79
N PRO A 367 5.74 63.97 9.62
CA PRO A 367 5.37 63.05 8.54
C PRO A 367 5.71 63.54 7.14
N LEU A 368 5.74 64.87 6.95
CA LEU A 368 5.96 65.44 5.63
C LEU A 368 7.44 65.56 5.27
N GLY A 369 8.31 65.31 6.25
CA GLY A 369 9.75 65.38 6.05
C GLY A 369 10.21 66.78 5.75
N ARG A 370 9.47 67.77 6.26
CA ARG A 370 9.81 69.18 6.08
C ARG A 370 10.55 69.73 7.29
N PRO A 371 11.38 70.76 7.10
CA PRO A 371 12.03 71.42 8.23
C PRO A 371 11.00 72.04 9.18
N GLY A 372 11.31 72.10 10.47
CA GLY A 372 10.44 72.71 11.45
C GLY A 372 11.21 73.10 12.70
N GLU A 373 10.55 73.77 13.65
CA GLU A 373 11.25 74.17 14.87
C GLU A 373 11.50 72.95 15.75
N GLY A 374 12.64 72.94 16.43
CA GLY A 374 13.00 71.84 17.28
C GLY A 374 14.46 71.53 17.05
N VAL A 375 14.90 70.37 17.51
CA VAL A 375 16.19 69.85 17.07
C VAL A 375 16.21 69.90 15.55
N CYS A 376 15.04 69.69 14.96
CA CYS A 376 14.88 69.65 13.51
C CYS A 376 15.40 70.92 12.82
N ARG A 377 15.29 72.06 13.50
CA ARG A 377 15.85 73.30 12.96
C ARG A 377 17.36 73.17 12.78
N ALA A 378 18.04 72.70 13.82
CA ALA A 378 19.49 72.57 13.81
C ALA A 378 19.94 71.55 12.77
N ILE A 379 19.23 70.44 12.69
CA ILE A 379 19.59 69.36 11.78
C ILE A 379 19.43 69.81 10.33
N TYR A 380 18.38 70.58 10.05
CA TYR A 380 18.17 71.09 8.70
C TYR A 380 19.24 72.10 8.29
N LYS A 381 19.60 72.98 9.22
CA LYS A 381 20.59 74.00 8.90
C LYS A 381 21.97 73.40 8.62
N ARG A 382 22.36 72.38 9.37
CA ARG A 382 23.64 71.73 9.10
C ARG A 382 23.62 70.65 8.01
N TRP A 383 22.54 69.91 7.90
CA TRP A 383 22.47 68.82 6.91
C TRP A 383 21.25 68.94 6.01
N PRO A 384 21.14 70.05 5.26
CA PRO A 384 19.97 70.32 4.43
C PRO A 384 19.61 69.18 3.48
N THR A 385 20.60 68.59 2.83
CA THR A 385 20.33 67.63 1.77
C THR A 385 19.75 66.31 2.32
N SER A 386 19.78 66.14 3.63
CA SER A 386 19.15 64.98 4.24
C SER A 386 17.63 65.11 4.15
N PHE A 387 17.18 66.33 3.91
CA PHE A 387 15.75 66.63 3.77
C PHE A 387 15.27 66.55 2.32
N THR A 388 16.12 66.05 1.44
CA THR A 388 15.76 65.84 0.04
C THR A 388 14.53 64.93 -0.06
N ASP A 389 14.67 63.67 0.35
CA ASP A 389 13.48 62.87 0.62
C ASP A 389 13.54 62.35 2.05
N SER A 390 12.88 63.05 2.98
CA SER A 390 12.82 62.63 4.39
C SER A 390 11.46 62.09 4.84
N ALA A 391 10.46 62.14 3.97
CA ALA A 391 9.08 61.90 4.40
C ALA A 391 8.88 60.45 4.79
N THR A 392 8.27 60.25 5.96
CA THR A 392 8.01 58.92 6.48
C THR A 392 6.79 58.99 7.39
N GLU A 393 6.07 57.88 7.53
CA GLU A 393 4.81 57.90 8.28
C GLU A 393 5.04 57.99 9.78
N THR A 394 4.07 58.55 10.49
CA THR A 394 4.15 58.64 11.95
C THR A 394 4.34 57.24 12.53
N GLY A 395 5.25 57.11 13.50
CA GLY A 395 5.52 55.82 14.10
C GLY A 395 6.60 55.04 13.36
N THR A 396 7.27 55.69 12.42
CA THR A 396 8.34 55.05 11.65
C THR A 396 9.58 55.94 11.62
N ALA A 397 10.65 55.44 10.99
CA ALA A 397 11.88 56.21 10.83
C ALA A 397 12.54 55.90 9.50
N ARG A 398 13.16 56.92 8.91
CA ARG A 398 13.73 56.77 7.58
C ARG A 398 15.19 57.19 7.59
N MET A 399 16.03 56.31 7.04
CA MET A 399 17.46 56.57 6.97
C MET A 399 17.79 57.45 5.77
N THR A 400 18.55 58.51 6.02
CA THR A 400 19.07 59.33 4.94
C THR A 400 20.51 59.67 5.30
N VAL A 401 21.28 60.08 4.31
CA VAL A 401 22.68 60.39 4.54
C VAL A 401 23.04 61.72 3.90
N CYS A 402 23.69 62.58 4.67
CA CYS A 402 24.23 63.82 4.14
C CYS A 402 25.75 63.77 4.25
N LEU A 403 26.42 63.64 3.09
CA LEU A 403 27.87 63.49 3.06
C LEU A 403 28.30 62.38 4.02
N GLY A 404 29.08 62.71 5.04
CA GLY A 404 29.60 61.69 5.93
C GLY A 404 28.76 61.37 7.16
N LYS A 405 27.48 61.73 7.15
CA LYS A 405 26.67 61.51 8.35
C LYS A 405 25.30 60.90 8.11
N LYS A 406 24.94 59.95 8.97
CA LYS A 406 23.63 59.31 8.89
C LYS A 406 22.61 60.10 9.71
N VAL A 407 21.62 60.65 9.02
CA VAL A 407 20.51 61.33 9.67
C VAL A 407 19.27 60.46 9.58
N ILE A 408 18.79 60.00 10.74
CA ILE A 408 17.61 59.18 10.83
C ILE A 408 16.41 60.04 11.22
N HIS A 409 15.44 60.17 10.33
CA HIS A 409 14.26 60.98 10.64
C HIS A 409 13.22 60.09 11.31
N ALA A 410 12.97 60.34 12.59
CA ALA A 410 12.00 59.54 13.34
C ALA A 410 10.77 60.40 13.67
N VAL A 411 9.59 59.92 13.30
CA VAL A 411 8.38 60.70 13.47
C VAL A 411 7.52 60.19 14.63
N GLY A 412 7.52 60.96 15.71
CA GLY A 412 6.69 60.66 16.86
C GLY A 412 5.26 61.09 16.61
N PRO A 413 4.33 60.57 17.40
CA PRO A 413 2.92 60.96 17.28
C PRO A 413 2.66 62.35 17.82
N ASP A 414 1.73 63.07 17.20
CA ASP A 414 1.19 64.29 17.78
C ASP A 414 0.04 63.87 18.72
N PHE A 415 0.19 64.16 20.01
CA PHE A 415 -0.78 63.69 21.00
C PHE A 415 -2.12 64.41 20.93
N ARG A 416 -2.17 65.54 20.24
CA ARG A 416 -3.44 66.23 20.03
C ARG A 416 -4.27 65.47 19.00
N LYS A 417 -3.59 64.74 18.11
CA LYS A 417 -4.26 64.03 17.02
C LYS A 417 -4.49 62.52 17.28
N HIS A 418 -4.11 62.03 18.45
CA HIS A 418 -4.28 60.60 18.78
C HIS A 418 -4.66 60.36 20.23
N PRO A 419 -5.48 59.33 20.48
CA PRO A 419 -5.78 58.89 21.84
C PRO A 419 -4.53 58.36 22.53
N GLU A 420 -4.43 58.51 23.84
CA GLU A 420 -3.18 58.29 24.55
C GLU A 420 -2.57 56.90 24.34
N ALA A 421 -3.39 55.86 24.26
CA ALA A 421 -2.86 54.51 24.08
C ALA A 421 -2.25 54.33 22.69
N GLU A 422 -2.98 54.76 21.68
CA GLU A 422 -2.56 54.62 20.29
C GLU A 422 -1.29 55.44 20.04
N ALA A 423 -1.30 56.66 20.55
CA ALA A 423 -0.14 57.54 20.47
C ALA A 423 1.08 56.88 21.11
N LEU A 424 0.91 56.34 22.30
CA LEU A 424 1.98 55.69 23.01
C LEU A 424 2.61 54.60 22.15
N LYS A 425 1.76 53.79 21.52
CA LYS A 425 2.23 52.73 20.61
C LYS A 425 3.06 53.30 19.47
N LEU A 426 2.58 54.39 18.88
CA LEU A 426 3.29 55.03 17.77
C LEU A 426 4.65 55.54 18.21
N LEU A 427 4.72 56.11 19.40
CA LEU A 427 5.96 56.68 19.93
C LEU A 427 6.99 55.57 20.12
N GLN A 428 6.53 54.50 20.76
CA GLN A 428 7.36 53.34 21.00
C GLN A 428 7.86 52.79 19.67
N ASN A 429 6.99 52.79 18.67
CA ASN A 429 7.33 52.23 17.36
C ASN A 429 8.36 53.05 16.61
N ALA A 430 8.30 54.37 16.79
CA ALA A 430 9.28 55.27 16.18
C ALA A 430 10.63 54.93 16.75
N TYR A 431 10.70 54.81 18.07
CA TYR A 431 11.94 54.43 18.73
C TYR A 431 12.45 53.04 18.29
N HIS A 432 11.53 52.09 18.13
CA HIS A 432 11.92 50.75 17.70
C HIS A 432 12.50 50.78 16.29
N ALA A 433 11.98 51.68 15.47
CA ALA A 433 12.44 51.82 14.10
C ALA A 433 13.85 52.41 14.07
N VAL A 434 14.09 53.39 14.94
CA VAL A 434 15.44 53.91 15.12
C VAL A 434 16.37 52.76 15.47
N ALA A 435 15.93 51.91 16.39
CA ALA A 435 16.72 50.76 16.82
C ALA A 435 16.94 49.77 15.67
N ASP A 436 15.92 49.61 14.82
CA ASP A 436 16.01 48.67 13.72
C ASP A 436 17.15 49.10 12.80
N LEU A 437 17.17 50.40 12.48
CA LEU A 437 18.19 50.96 11.60
C LEU A 437 19.59 50.89 12.20
N VAL A 438 19.69 51.19 13.49
CA VAL A 438 20.96 51.15 14.20
C VAL A 438 21.57 49.76 14.08
N ASN A 439 20.74 48.74 14.29
CA ASN A 439 21.21 47.38 14.20
C ASN A 439 21.52 46.96 12.77
N GLU A 440 20.67 47.34 11.83
CA GLU A 440 20.82 46.91 10.45
C GLU A 440 22.08 47.50 9.83
N HIS A 441 22.41 48.73 10.20
CA HIS A 441 23.61 49.39 9.68
C HIS A 441 24.81 49.35 10.61
N ASN A 442 24.70 48.61 11.70
CA ASN A 442 25.77 48.49 12.70
C ASN A 442 26.31 49.86 13.13
N ILE A 443 25.40 50.75 13.46
CA ILE A 443 25.75 52.07 13.94
C ILE A 443 26.26 51.99 15.38
N LYS A 444 27.47 52.51 15.58
CA LYS A 444 28.17 52.37 16.86
C LYS A 444 27.72 53.38 17.93
N SER A 445 27.35 54.58 17.50
CA SER A 445 26.88 55.60 18.42
C SER A 445 25.75 56.39 17.78
N VAL A 446 24.79 56.82 18.59
CA VAL A 446 23.68 57.57 18.04
C VAL A 446 23.29 58.72 18.95
N ALA A 447 23.12 59.90 18.37
CA ALA A 447 22.60 61.05 19.10
C ALA A 447 21.11 61.10 18.85
N ILE A 448 20.33 61.21 19.92
CA ILE A 448 18.89 61.17 19.78
C ILE A 448 18.21 62.11 20.78
N PRO A 449 17.14 62.79 20.34
CA PRO A 449 16.35 63.64 21.24
C PRO A 449 15.18 62.85 21.81
N LEU A 450 14.38 63.46 22.68
CA LEU A 450 13.21 62.76 23.20
C LEU A 450 12.04 63.09 22.31
N LEU A 451 11.58 62.10 21.56
CA LEU A 451 10.51 62.31 20.60
C LEU A 451 9.21 62.71 21.29
N SER A 452 8.48 63.60 20.64
CA SER A 452 7.15 64.01 21.08
C SER A 452 7.11 64.71 22.43
N THR A 453 8.22 65.30 22.86
CA THR A 453 8.20 66.10 24.08
C THR A 453 8.09 67.61 23.88
N GLY A 454 8.32 68.10 22.67
CA GLY A 454 8.27 69.53 22.42
C GLY A 454 6.94 70.20 22.12
N ILE A 455 6.26 69.63 21.13
CA ILE A 455 5.06 70.22 20.56
C ILE A 455 3.98 69.16 20.53
N TYR A 456 4.35 68.06 19.90
CA TYR A 456 3.52 66.88 19.84
C TYR A 456 3.14 66.41 21.24
N ALA A 457 3.81 66.94 22.27
CA ALA A 457 3.50 66.57 23.65
C ALA A 457 2.11 67.04 24.09
N ALA A 458 1.54 67.97 23.33
CA ALA A 458 0.19 68.49 23.61
C ALA A 458 0.10 69.16 24.98
N GLY A 459 1.06 70.02 25.28
CA GLY A 459 1.01 70.85 26.48
C GLY A 459 1.27 70.12 27.78
N LYS A 460 1.66 68.86 27.70
CA LYS A 460 1.94 68.07 28.89
C LYS A 460 3.39 67.59 28.85
N ASP A 461 3.91 67.20 30.00
CA ASP A 461 5.32 66.82 30.13
C ASP A 461 5.47 65.32 29.92
N ARG A 462 6.06 64.95 28.78
CA ARG A 462 6.20 63.56 28.36
C ARG A 462 7.58 62.94 28.61
N LEU A 463 8.45 63.65 29.32
CA LEU A 463 9.84 63.20 29.49
C LEU A 463 9.95 61.74 29.92
N GLU A 464 9.30 61.38 31.03
CA GLU A 464 9.45 60.04 31.59
C GLU A 464 9.04 58.94 30.59
N VAL A 465 7.91 59.14 29.92
CA VAL A 465 7.36 58.13 29.02
C VAL A 465 8.12 58.05 27.70
N SER A 466 8.49 59.20 27.15
CA SER A 466 9.30 59.23 25.93
C SER A 466 10.64 58.56 26.19
N LEU A 467 11.20 58.79 27.37
CA LEU A 467 12.50 58.24 27.74
C LEU A 467 12.39 56.74 27.95
N ASN A 468 11.26 56.32 28.51
CA ASN A 468 11.03 54.89 28.72
C ASN A 468 10.94 54.16 27.39
N CYS A 469 10.26 54.76 26.42
CA CYS A 469 10.19 54.17 25.09
C CYS A 469 11.57 54.14 24.44
N LEU A 470 12.33 55.20 24.65
CA LEU A 470 13.67 55.30 24.09
C LEU A 470 14.55 54.12 24.53
N THR A 471 14.64 53.90 25.83
CA THR A 471 15.49 52.83 26.36
C THR A 471 14.93 51.45 26.05
N THR A 472 13.60 51.34 26.07
CA THR A 472 12.96 50.06 25.78
C THR A 472 13.42 49.60 24.40
N ALA A 473 13.42 50.54 23.47
CA ALA A 473 13.84 50.26 22.10
C ALA A 473 15.36 50.08 21.99
N LEU A 474 16.13 50.97 22.62
CA LEU A 474 17.57 51.06 22.39
C LEU A 474 18.43 50.18 23.29
N ASP A 475 17.82 49.54 24.28
CA ASP A 475 18.50 48.49 25.03
C ASP A 475 18.72 47.32 24.06
N ARG A 476 17.90 47.32 23.02
CA ARG A 476 17.88 46.26 22.01
C ARG A 476 18.86 46.54 20.88
N THR A 477 19.79 47.48 21.10
CA THR A 477 20.91 47.66 20.19
C THR A 477 22.26 47.48 20.90
N ASP A 478 23.35 47.52 20.14
CA ASP A 478 24.70 47.52 20.68
C ASP A 478 25.32 48.92 20.73
N ALA A 479 24.54 49.93 20.38
CA ALA A 479 25.05 51.29 20.22
C ALA A 479 25.19 52.04 21.54
N ASP A 480 26.22 52.88 21.63
CA ASP A 480 26.32 53.86 22.69
C ASP A 480 25.36 54.99 22.37
N VAL A 481 24.53 55.38 23.33
CA VAL A 481 23.50 56.37 23.09
C VAL A 481 23.76 57.67 23.84
N THR A 482 23.71 58.78 23.11
CA THR A 482 23.80 60.10 23.72
C THR A 482 22.50 60.88 23.49
N ILE A 483 21.78 61.10 24.59
CA ILE A 483 20.54 61.86 24.58
C ILE A 483 20.84 63.35 24.71
N TYR A 484 20.41 64.12 23.72
CA TYR A 484 20.65 65.56 23.67
C TYR A 484 19.39 66.25 24.11
N CYS A 485 19.50 67.21 25.04
CA CYS A 485 18.29 67.88 25.47
C CYS A 485 18.33 69.36 25.84
N LEU A 486 17.40 70.09 25.23
CA LEU A 486 16.53 71.02 25.95
C LEU A 486 17.16 71.87 27.06
N ASP A 487 16.56 71.70 28.24
CA ASP A 487 16.70 72.59 29.39
C ASP A 487 17.46 71.89 30.48
N LYS A 488 18.20 72.66 31.29
CA LYS A 488 19.03 72.08 32.32
C LYS A 488 18.21 71.17 33.23
N LYS A 489 16.95 71.54 33.50
CA LYS A 489 16.08 70.76 34.36
C LYS A 489 15.72 69.40 33.75
N TRP A 490 15.44 69.39 32.45
CA TRP A 490 15.17 68.15 31.76
C TRP A 490 16.41 67.25 31.76
N LYS A 491 17.59 67.86 31.63
CA LYS A 491 18.84 67.09 31.71
C LYS A 491 19.01 66.50 33.10
N GLU A 492 18.64 67.26 34.12
CA GLU A 492 18.76 66.79 35.50
C GLU A 492 17.95 65.52 35.67
N ARG A 493 16.73 65.59 35.19
CA ARG A 493 15.78 64.48 35.30
C ARG A 493 16.19 63.24 34.51
N ILE A 494 16.71 63.45 33.31
CA ILE A 494 17.16 62.34 32.47
C ILE A 494 18.34 61.62 33.11
N ASP A 495 19.26 62.40 33.67
CA ASP A 495 20.42 61.81 34.33
C ASP A 495 19.94 60.98 35.51
N ALA A 496 18.97 61.51 36.25
CA ALA A 496 18.42 60.79 37.39
C ALA A 496 17.82 59.44 36.98
N ALA A 497 17.01 59.45 35.94
CA ALA A 497 16.35 58.25 35.43
C ALA A 497 17.37 57.21 34.99
N LEU A 498 18.42 57.67 34.32
CA LEU A 498 19.45 56.78 33.79
C LEU A 498 20.25 56.13 34.91
N GLN A 499 20.53 56.89 35.96
CA GLN A 499 21.30 56.36 37.10
C GLN A 499 20.49 55.29 37.79
N LEU A 500 19.20 55.55 37.94
CA LEU A 500 18.27 54.56 38.49
C LEU A 500 18.27 53.28 37.67
N LYS A 501 18.18 53.43 36.35
CA LYS A 501 18.07 52.29 35.46
C LYS A 501 19.34 51.44 35.38
N GLU A 502 20.50 52.08 35.48
CA GLU A 502 21.75 51.36 35.31
C GLU A 502 22.06 50.52 36.55
N SER A 503 21.44 50.85 37.67
CA SER A 503 21.74 50.14 38.92
C SER A 503 20.77 48.99 39.16
N VAL A 504 21.27 47.75 39.02
CA VAL A 504 20.50 46.57 39.38
C VAL A 504 21.17 45.89 40.57
N THR A 505 20.63 46.10 41.77
CA THR A 505 21.22 45.53 42.97
C THR A 505 20.47 44.33 43.55
N GLU A 506 19.33 43.98 42.96
CA GLU A 506 18.51 42.91 43.52
C GLU A 506 17.55 42.29 42.49
N LEU A 507 17.12 41.06 42.77
CA LEU A 507 16.24 40.32 41.90
C LEU A 507 14.77 40.75 42.00
N LYS A 508 14.06 40.72 40.88
CA LYS A 508 12.65 41.04 40.88
C LYS A 508 11.81 39.79 41.19
N ASP A 509 12.45 38.63 41.08
CA ASP A 509 11.85 37.35 41.49
C ASP A 509 12.98 36.39 41.84
N GLU A 510 12.74 35.50 42.79
CA GLU A 510 13.79 34.59 43.22
C GLU A 510 13.78 33.23 42.51
N ASP A 511 12.74 32.96 41.71
CA ASP A 511 12.67 31.67 41.02
C ASP A 511 13.48 31.69 39.73
N MET A 512 14.53 30.88 39.71
CA MET A 512 15.56 30.95 38.70
C MET A 512 15.37 29.96 37.55
N GLU A 513 14.28 29.22 37.56
CA GLU A 513 14.07 28.21 36.53
C GLU A 513 13.93 28.89 35.17
N ILE A 514 14.43 28.22 34.13
CA ILE A 514 14.28 28.72 32.77
C ILE A 514 13.13 27.98 32.11
N ASP A 515 11.99 28.63 31.93
CA ASP A 515 10.85 27.91 31.36
C ASP A 515 10.79 28.25 29.88
N ASP A 516 11.24 27.32 29.05
CA ASP A 516 11.33 27.57 27.62
C ASP A 516 10.06 27.12 26.89
N GLU A 517 9.18 26.39 27.58
CA GLU A 517 7.90 26.00 27.00
C GLU A 517 6.85 27.10 27.13
N LEU A 518 6.90 27.87 28.22
CA LEU A 518 5.82 28.79 28.55
C LEU A 518 5.53 29.81 27.47
N VAL A 519 4.25 29.93 27.14
CA VAL A 519 3.77 30.92 26.17
C VAL A 519 2.93 31.99 26.85
N TRP A 520 3.20 33.24 26.52
CA TRP A 520 2.45 34.35 27.08
C TRP A 520 1.19 34.58 26.26
N ILE A 521 0.03 34.51 26.90
CA ILE A 521 -1.24 34.60 26.19
C ILE A 521 -2.06 35.82 26.62
N HIS A 522 -2.98 36.21 25.74
CA HIS A 522 -3.93 37.28 26.04
C HIS A 522 -4.78 36.92 27.27
N PRO A 523 -5.09 37.90 28.13
CA PRO A 523 -5.83 37.64 29.38
C PRO A 523 -7.21 37.00 29.18
N ASP A 524 -7.87 37.33 28.07
CA ASP A 524 -9.19 36.78 27.77
C ASP A 524 -9.11 35.42 27.04
N SER A 525 -7.90 34.91 26.88
CA SER A 525 -7.72 33.60 26.25
C SER A 525 -8.39 32.50 27.05
N CYS A 526 -8.92 31.51 26.34
CA CYS A 526 -9.53 30.35 26.97
C CYS A 526 -8.47 29.33 27.37
N LEU A 527 -7.20 29.64 27.08
CA LEU A 527 -6.11 28.75 27.45
C LEU A 527 -5.64 29.08 28.86
N LYS A 528 -6.21 30.14 29.42
CA LYS A 528 -5.87 30.54 30.78
C LYS A 528 -6.10 29.38 31.75
N GLY A 529 -5.11 29.13 32.59
CA GLY A 529 -5.18 28.02 33.54
C GLY A 529 -4.49 26.76 33.04
N ARG A 530 -4.30 26.66 31.73
CA ARG A 530 -3.71 25.46 31.15
C ARG A 530 -2.20 25.46 31.35
N LYS A 531 -1.64 24.28 31.62
CA LYS A 531 -0.21 24.19 31.87
C LYS A 531 0.49 24.51 30.56
N GLY A 532 1.54 25.31 30.61
CA GLY A 532 2.27 25.72 29.43
C GLY A 532 1.92 27.11 28.94
N PHE A 533 0.86 27.71 29.51
CA PHE A 533 0.43 29.04 29.11
C PHE A 533 0.23 29.95 30.32
N SER A 534 0.51 31.23 30.14
CA SER A 534 0.39 32.20 31.22
C SER A 534 -0.03 33.58 30.73
N THR A 535 -0.84 34.25 31.54
CA THR A 535 -1.32 35.60 31.25
C THR A 535 -0.30 36.68 31.58
N THR A 536 0.55 36.43 32.57
CA THR A 536 1.52 37.41 33.02
C THR A 536 2.96 37.28 32.48
N LYS A 537 3.27 36.20 31.76
CA LYS A 537 4.66 35.97 31.34
C LYS A 537 4.83 34.88 30.28
N GLY A 538 6.07 34.71 29.81
CA GLY A 538 6.39 33.76 28.76
C GLY A 538 6.77 34.37 27.40
N LYS A 539 6.96 33.50 26.41
CA LYS A 539 7.35 33.92 25.08
C LYS A 539 6.19 34.54 24.30
N LEU A 540 6.53 35.39 23.33
CA LEU A 540 5.55 36.22 22.64
C LEU A 540 5.08 35.70 21.27
N TYR A 541 5.57 34.54 20.87
CA TYR A 541 5.21 33.94 19.58
C TYR A 541 4.94 32.46 19.74
N SER A 542 3.90 31.96 19.10
CA SER A 542 3.62 30.53 19.13
C SER A 542 2.79 30.08 17.93
N TYR A 543 2.95 28.82 17.55
CA TYR A 543 2.03 28.21 16.58
C TYR A 543 0.85 27.50 17.25
N PHE A 544 0.90 27.37 18.58
CA PHE A 544 -0.18 26.73 19.33
C PHE A 544 -0.44 25.31 18.87
N GLU A 545 0.60 24.65 18.39
CA GLU A 545 0.45 23.24 18.04
C GLU A 545 0.03 22.46 19.27
N GLY A 546 -0.86 21.48 19.08
CA GLY A 546 -1.41 20.72 20.19
C GLY A 546 -2.70 21.32 20.71
N THR A 547 -3.11 22.44 20.13
CA THR A 547 -4.40 23.02 20.43
C THR A 547 -5.20 23.15 19.14
N LYS A 548 -6.43 23.61 19.25
CA LYS A 548 -7.30 23.72 18.08
C LYS A 548 -7.02 24.99 17.31
N PHE A 549 -6.17 25.84 17.88
CA PHE A 549 -5.81 27.10 17.23
C PHE A 549 -4.62 26.94 16.29
N HIS A 550 -4.08 25.73 16.21
CA HIS A 550 -2.91 25.49 15.37
C HIS A 550 -3.14 25.88 13.91
N GLN A 551 -4.24 25.42 13.33
CA GLN A 551 -4.50 25.67 11.91
C GLN A 551 -4.55 27.17 11.64
N ALA A 552 -5.31 27.89 12.48
CA ALA A 552 -5.41 29.34 12.34
C ALA A 552 -4.03 29.96 12.41
N ALA A 553 -3.20 29.49 13.33
CA ALA A 553 -1.85 30.02 13.50
C ALA A 553 -0.99 29.82 12.25
N LYS A 554 -1.05 28.62 11.69
CA LYS A 554 -0.26 28.25 10.52
C LYS A 554 -0.62 29.16 9.35
N ASP A 555 -1.92 29.36 9.19
CA ASP A 555 -2.44 30.12 8.06
C ASP A 555 -2.06 31.59 8.16
N MET A 556 -2.20 32.18 9.34
CA MET A 556 -1.75 33.56 9.58
C MET A 556 -0.27 33.69 9.22
N ALA A 557 0.51 32.70 9.66
CA ALA A 557 1.94 32.69 9.41
C ALA A 557 2.23 32.69 7.91
N GLU A 558 1.51 31.85 7.18
CA GLU A 558 1.74 31.69 5.75
C GLU A 558 1.35 32.96 5.03
N ILE A 559 0.29 33.60 5.50
CA ILE A 559 -0.18 34.83 4.87
C ILE A 559 0.90 35.90 5.02
N LYS A 560 1.52 35.93 6.19
CA LYS A 560 2.62 36.85 6.46
C LYS A 560 3.84 36.54 5.60
N VAL A 561 4.04 35.27 5.28
CA VAL A 561 5.14 34.90 4.40
C VAL A 561 4.86 35.40 2.99
N LEU A 562 3.61 35.28 2.54
CA LEU A 562 3.21 35.67 1.19
C LEU A 562 3.14 37.18 1.00
N PHE A 563 2.89 37.89 2.09
CA PHE A 563 2.74 39.34 2.05
C PHE A 563 3.59 39.94 3.17
N PRO A 564 4.90 40.07 2.92
CA PRO A 564 5.88 40.57 3.90
C PRO A 564 5.52 41.93 4.48
N ASN A 565 4.78 42.74 3.74
CA ASN A 565 4.31 44.01 4.26
C ASN A 565 3.22 43.80 5.31
N ASP A 566 3.43 44.34 6.51
CA ASP A 566 2.51 44.07 7.62
C ASP A 566 1.06 44.41 7.25
N GLN A 567 0.87 45.53 6.57
CA GLN A 567 -0.48 46.01 6.28
C GLN A 567 -1.18 45.20 5.20
N GLU A 568 -0.47 44.86 4.13
CA GLU A 568 -1.05 44.04 3.07
C GLU A 568 -1.40 42.69 3.68
N SER A 569 -0.52 42.21 4.56
CA SER A 569 -0.72 40.93 5.23
C SER A 569 -2.00 40.91 6.04
N ASN A 570 -2.21 41.94 6.85
CA ASN A 570 -3.39 41.99 7.71
C ASN A 570 -4.66 42.16 6.89
N GLU A 571 -4.54 42.81 5.74
CA GLU A 571 -5.68 42.92 4.82
C GLU A 571 -6.10 41.54 4.33
N GLN A 572 -5.13 40.74 3.90
CA GLN A 572 -5.40 39.38 3.46
C GLN A 572 -5.92 38.54 4.61
N LEU A 573 -5.46 38.83 5.82
CA LEU A 573 -5.93 38.11 7.00
C LEU A 573 -7.39 38.44 7.23
N CYS A 574 -7.78 39.68 6.96
CA CYS A 574 -9.18 40.07 7.09
C CYS A 574 -10.00 39.28 6.09
N ALA A 575 -9.50 39.19 4.87
CA ALA A 575 -10.15 38.37 3.84
C ALA A 575 -10.33 36.94 4.32
N TYR A 576 -9.30 36.40 4.97
CA TYR A 576 -9.27 35.02 5.45
C TYR A 576 -10.30 34.77 6.54
N ILE A 577 -10.44 35.76 7.43
CA ILE A 577 -11.41 35.68 8.51
C ILE A 577 -12.81 35.58 7.94
N LEU A 578 -12.99 36.21 6.80
CA LEU A 578 -14.29 36.31 6.15
C LEU A 578 -14.57 35.18 5.15
N GLY A 579 -13.68 34.18 5.09
CA GLY A 579 -13.76 33.16 4.06
C GLY A 579 -12.64 33.39 3.04
N GLU A 580 -12.76 32.78 1.85
CA GLU A 580 -11.76 32.91 0.78
C GLU A 580 -10.66 31.86 0.92
N THR A 581 -10.67 31.20 2.06
CA THR A 581 -9.69 30.16 2.37
C THR A 581 -8.26 30.57 2.03
N MET A 582 -7.42 29.56 1.78
CA MET A 582 -6.00 29.76 1.58
C MET A 582 -5.59 29.68 0.12
N GLU A 583 -5.94 28.58 -0.55
CA GLU A 583 -5.56 28.40 -1.94
C GLU A 583 -5.76 29.68 -2.74
N ALA A 584 -6.86 30.37 -2.48
CA ALA A 584 -7.19 31.59 -3.23
C ALA A 584 -6.15 32.67 -2.96
N ILE A 585 -5.77 32.82 -1.70
CA ILE A 585 -4.79 33.83 -1.30
C ILE A 585 -3.41 33.47 -1.86
N ARG A 586 -3.15 32.17 -1.98
CA ARG A 586 -1.88 31.73 -2.53
C ARG A 586 -1.81 32.09 -4.01
N GLU A 587 -2.95 32.00 -4.70
CA GLU A 587 -3.07 32.48 -6.07
C GLU A 587 -2.90 34.01 -6.14
N LYS A 588 -3.46 34.71 -5.17
CA LYS A 588 -3.32 36.17 -5.08
C LYS A 588 -1.83 36.55 -4.97
N CYS A 589 -0.99 35.61 -4.56
CA CYS A 589 0.44 35.85 -4.49
C CYS A 589 1.15 35.43 -5.79
N PRO A 590 1.94 36.34 -6.36
CA PRO A 590 2.59 36.15 -7.68
C PRO A 590 3.59 35.01 -7.77
N VAL A 591 4.08 34.47 -6.66
CA VAL A 591 5.29 33.67 -6.73
C VAL A 591 5.27 32.38 -5.90
N ASP A 592 6.36 31.63 -6.05
CA ASP A 592 6.59 30.37 -5.36
C ASP A 592 6.34 30.53 -3.86
N HIS A 593 5.74 29.52 -3.22
CA HIS A 593 5.47 29.62 -1.78
C HIS A 593 6.71 29.15 -1.03
N ASN A 594 6.94 29.70 0.15
CA ASN A 594 7.97 29.16 1.02
C ASN A 594 7.31 28.13 1.94
N PRO A 595 7.94 26.95 2.08
CA PRO A 595 7.43 25.95 3.01
C PRO A 595 7.50 26.40 4.47
N SER A 596 8.27 27.46 4.73
CA SER A 596 8.53 27.92 6.09
C SER A 596 7.81 29.23 6.39
N SER A 597 7.53 29.45 7.67
CA SER A 597 6.97 30.71 8.14
C SER A 597 7.55 31.02 9.51
N SER A 598 7.01 32.05 10.16
CA SER A 598 7.40 32.43 11.51
C SER A 598 6.20 32.36 12.44
N PRO A 599 6.45 32.03 13.71
CA PRO A 599 5.36 31.93 14.70
C PRO A 599 4.60 33.25 14.87
N PRO A 600 3.27 33.21 14.79
CA PRO A 600 2.50 34.46 14.94
C PRO A 600 2.67 34.98 16.35
N LYS A 601 2.64 36.30 16.53
CA LYS A 601 2.74 36.84 17.87
C LYS A 601 1.46 36.52 18.64
N THR A 602 1.64 36.14 19.91
CA THR A 602 0.54 35.77 20.79
C THR A 602 -0.08 36.95 21.52
N LEU A 603 0.57 38.11 21.48
CA LEU A 603 0.12 39.24 22.27
C LEU A 603 0.30 40.56 21.53
N PRO A 604 -0.40 40.75 20.41
CA PRO A 604 -0.30 41.97 19.60
C PRO A 604 -0.85 43.19 20.32
N CYS A 605 -1.85 42.97 21.17
CA CYS A 605 -2.34 44.02 22.06
C CYS A 605 -3.12 43.39 23.20
N LEU A 606 -3.52 44.22 24.15
CA LEU A 606 -4.27 43.74 25.31
C LEU A 606 -5.78 43.96 25.22
N CYS A 607 -6.24 44.58 24.13
CA CYS A 607 -7.65 44.92 24.01
C CYS A 607 -8.43 43.71 23.50
N MET A 608 -9.76 43.84 23.42
CA MET A 608 -10.63 42.70 23.12
C MET A 608 -10.53 42.25 21.67
N TYR A 609 -9.94 43.10 20.82
CA TYR A 609 -9.85 42.80 19.39
C TYR A 609 -8.50 42.21 18.97
N ALA A 610 -7.61 42.00 19.95
CA ALA A 610 -6.25 41.56 19.65
C ALA A 610 -6.28 40.37 18.71
N MET A 611 -5.47 40.39 17.65
CA MET A 611 -5.62 39.36 16.64
C MET A 611 -4.61 38.27 16.93
N THR A 612 -5.10 37.30 17.71
CA THR A 612 -4.39 36.09 18.05
C THR A 612 -4.85 34.98 17.14
N PRO A 613 -4.05 33.91 17.00
CA PRO A 613 -4.60 32.76 16.30
C PRO A 613 -5.95 32.34 16.92
N GLU A 614 -6.09 32.59 18.22
CA GLU A 614 -7.33 32.25 18.91
C GLU A 614 -8.47 33.07 18.35
N ARG A 615 -8.32 34.39 18.30
CA ARG A 615 -9.40 35.24 17.82
C ARG A 615 -9.72 34.95 16.37
N VAL A 616 -8.70 34.73 15.56
CA VAL A 616 -8.92 34.43 14.15
C VAL A 616 -9.78 33.19 14.03
N HIS A 617 -9.47 32.19 14.84
CA HIS A 617 -10.18 30.92 14.79
C HIS A 617 -11.65 31.07 15.21
N ARG A 618 -11.89 31.83 16.28
CA ARG A 618 -13.26 32.00 16.78
C ARG A 618 -14.10 32.72 15.74
N LEU A 619 -13.56 33.78 15.16
CA LEU A 619 -14.28 34.56 14.15
C LEU A 619 -14.59 33.72 12.91
N ARG A 620 -13.59 32.99 12.42
CA ARG A 620 -13.74 32.23 11.19
C ARG A 620 -14.67 31.03 11.37
N SER A 621 -14.70 30.47 12.57
CA SER A 621 -15.57 29.33 12.86
C SER A 621 -17.02 29.76 13.09
N ASN A 622 -17.22 31.05 13.37
CA ASN A 622 -18.56 31.63 13.49
C ASN A 622 -19.03 32.21 12.17
N ASN A 623 -18.18 32.13 11.15
CA ASN A 623 -18.50 32.64 9.83
C ASN A 623 -19.08 34.05 9.89
N VAL A 624 -18.40 34.93 10.62
CA VAL A 624 -18.83 36.31 10.73
C VAL A 624 -18.89 36.95 9.36
N LYS A 625 -19.88 37.81 9.16
CA LYS A 625 -20.02 38.54 7.90
C LYS A 625 -19.18 39.81 7.96
N GLU A 626 -18.74 40.17 9.16
CA GLU A 626 -17.88 41.34 9.36
C GLU A 626 -16.89 41.14 10.50
N VAL A 627 -15.85 41.96 10.52
CA VAL A 627 -14.87 41.90 11.58
C VAL A 627 -14.44 43.31 12.00
N THR A 628 -14.15 43.45 13.28
CA THR A 628 -13.60 44.68 13.83
C THR A 628 -12.11 44.51 14.11
N VAL A 629 -11.32 45.50 13.68
CA VAL A 629 -9.87 45.45 13.84
C VAL A 629 -9.38 46.70 14.54
N CYS A 630 -8.47 46.53 15.50
CA CYS A 630 -7.95 47.67 16.23
C CYS A 630 -6.69 48.23 15.58
N SER A 631 -6.17 49.32 16.13
CA SER A 631 -5.06 50.04 15.52
C SER A 631 -3.74 49.29 15.70
N SER A 632 -3.72 48.32 16.60
CA SER A 632 -2.53 47.48 16.79
C SER A 632 -2.46 46.37 15.75
N THR A 633 -3.45 46.33 14.87
CA THR A 633 -3.37 45.47 13.70
C THR A 633 -3.43 46.39 12.50
N PRO A 634 -2.27 46.94 12.10
CA PRO A 634 -2.19 47.95 11.04
C PRO A 634 -2.80 47.46 9.74
N LEU A 635 -3.57 48.32 9.10
CA LEU A 635 -4.18 47.99 7.82
C LEU A 635 -3.85 49.06 6.80
N PRO A 636 -4.07 48.76 5.53
CA PRO A 636 -3.86 49.79 4.52
C PRO A 636 -4.67 51.02 4.85
N LYS A 637 -4.23 52.15 4.32
CA LYS A 637 -4.84 53.45 4.62
C LYS A 637 -6.24 53.55 4.02
N HIS A 638 -6.50 52.87 2.91
CA HIS A 638 -7.84 52.88 2.33
C HIS A 638 -8.78 52.03 3.18
N LYS A 639 -10.03 51.89 2.73
CA LYS A 639 -11.01 51.13 3.50
C LYS A 639 -11.30 49.77 2.85
N ILE A 640 -11.62 48.80 3.70
CA ILE A 640 -11.84 47.40 3.29
C ILE A 640 -13.27 47.00 3.66
N LYS A 641 -14.00 46.42 2.71
CA LYS A 641 -15.40 46.09 2.96
C LYS A 641 -15.54 45.10 4.12
N ASN A 642 -16.59 45.30 4.91
CA ASN A 642 -16.86 44.45 6.06
C ASN A 642 -15.75 44.45 7.10
N VAL A 643 -14.98 45.52 7.13
CA VAL A 643 -13.94 45.68 8.14
C VAL A 643 -14.10 47.04 8.80
N GLN A 644 -14.44 47.05 10.09
CA GLN A 644 -14.52 48.31 10.83
C GLN A 644 -13.19 48.55 11.54
N LYS A 645 -12.58 49.70 11.28
CA LYS A 645 -11.33 50.05 11.93
C LYS A 645 -11.60 50.87 13.20
N VAL A 646 -11.06 50.42 14.33
CA VAL A 646 -11.25 51.10 15.60
C VAL A 646 -9.91 51.23 16.32
N GLN A 647 -9.85 52.10 17.32
CA GLN A 647 -8.62 52.33 18.06
C GLN A 647 -8.40 51.26 19.11
N CYS A 648 -7.13 50.91 19.35
CA CYS A 648 -6.77 49.98 20.41
C CYS A 648 -6.62 50.74 21.73
N THR A 649 -7.39 50.32 22.73
CA THR A 649 -7.44 51.00 24.02
C THR A 649 -6.34 50.59 25.02
N LYS A 650 -5.74 49.42 24.82
CA LYS A 650 -4.60 48.98 25.62
C LYS A 650 -3.55 48.28 24.75
N VAL A 651 -2.32 48.78 24.76
CA VAL A 651 -1.32 48.30 23.80
C VAL A 651 -0.12 47.61 24.45
N VAL A 652 0.76 47.07 23.60
CA VAL A 652 2.02 46.48 24.04
C VAL A 652 3.17 47.24 23.40
N LEU A 653 4.27 47.35 24.13
CA LEU A 653 5.40 48.20 23.74
C LEU A 653 6.63 47.52 23.10
N PHE A 654 6.59 46.21 22.85
CA PHE A 654 7.73 45.56 22.21
C PHE A 654 7.68 45.72 20.69
N ASN A 655 8.72 45.25 20.00
CA ASN A 655 8.83 45.41 18.55
C ASN A 655 7.81 44.58 17.78
N PRO A 656 6.92 45.26 17.04
CA PRO A 656 5.79 44.69 16.29
C PRO A 656 6.17 43.92 15.03
N HIS A 657 7.32 44.24 14.44
CA HIS A 657 7.77 43.56 13.22
C HIS A 657 8.07 42.09 13.44
N THR A 658 7.93 41.30 12.39
CA THR A 658 8.39 39.92 12.41
C THR A 658 9.92 39.97 12.53
N PRO A 659 10.47 39.28 13.53
CA PRO A 659 11.94 39.27 13.59
C PRO A 659 12.54 38.80 12.26
N ALA A 660 13.64 39.41 11.85
CA ALA A 660 14.26 39.04 10.58
C ALA A 660 14.66 37.56 10.62
N PHE A 661 14.70 36.93 9.45
CA PHE A 661 15.00 35.50 9.41
C PHE A 661 15.63 35.08 8.09
N VAL A 662 16.19 33.88 8.10
CA VAL A 662 16.71 33.24 6.91
C VAL A 662 15.86 31.99 6.62
N PRO A 663 15.18 31.95 5.46
CA PRO A 663 14.41 30.75 5.11
C PRO A 663 15.27 29.50 5.14
N ALA A 664 14.81 28.46 5.81
CA ALA A 664 15.61 27.25 5.96
C ALA A 664 15.95 26.63 4.60
N ARG A 665 15.07 26.87 3.63
CA ARG A 665 15.20 26.28 2.31
C ARG A 665 16.58 26.61 1.73
N LYS A 666 17.12 27.76 2.13
CA LYS A 666 18.43 28.19 1.66
C LYS A 666 19.52 27.14 1.90
N TYR A 667 19.41 26.43 3.02
CA TYR A 667 20.39 25.42 3.41
C TYR A 667 19.96 24.02 2.98
N ILE A 668 18.94 23.97 2.12
CA ILE A 668 18.39 22.71 1.66
C ILE A 668 18.27 22.73 0.13
N ASN B 7 -16.06 -47.85 -27.00
CA ASN B 7 -17.38 -48.28 -26.55
C ASN B 7 -17.58 -48.14 -25.03
N PRO B 8 -16.49 -48.16 -24.24
CA PRO B 8 -16.70 -48.11 -22.79
C PRO B 8 -17.16 -46.73 -22.29
N PHE B 9 -16.83 -45.69 -23.04
CA PHE B 9 -17.17 -44.32 -22.65
C PHE B 9 -18.46 -43.83 -23.30
N SER B 10 -19.16 -44.73 -23.99
CA SER B 10 -20.36 -44.39 -24.76
C SER B 10 -21.46 -43.75 -23.90
N CYS B 11 -22.06 -42.69 -24.46
CA CYS B 11 -23.13 -41.95 -23.80
C CYS B 11 -22.69 -41.32 -22.48
N LYS B 12 -21.40 -40.97 -22.40
CA LYS B 12 -20.86 -40.34 -21.21
C LYS B 12 -20.09 -39.08 -21.60
N THR B 13 -20.62 -37.92 -21.19
CA THR B 13 -20.01 -36.63 -21.49
C THR B 13 -18.89 -36.12 -20.56
N ASN B 14 -19.01 -36.43 -19.26
CA ASN B 14 -18.07 -35.91 -18.25
C ASN B 14 -16.95 -36.84 -17.79
N VAL B 15 -16.74 -37.95 -18.49
CA VAL B 15 -15.80 -38.98 -18.07
C VAL B 15 -14.40 -38.85 -18.68
N CYS B 16 -14.11 -37.70 -19.27
CA CYS B 16 -12.80 -37.48 -19.89
C CYS B 16 -11.64 -37.93 -19.00
N TRP B 17 -11.82 -37.81 -17.68
CA TRP B 17 -10.82 -38.28 -16.71
C TRP B 17 -10.51 -39.79 -16.86
N ALA B 18 -11.54 -40.58 -17.10
CA ALA B 18 -11.36 -42.00 -17.36
C ALA B 18 -10.63 -42.24 -18.70
N LYS B 19 -11.10 -41.58 -19.76
CA LYS B 19 -10.47 -41.74 -21.07
C LYS B 19 -8.98 -41.42 -20.95
N ALA B 20 -8.65 -40.44 -20.12
CA ALA B 20 -7.27 -40.00 -19.95
C ALA B 20 -6.44 -41.05 -19.23
N LEU B 21 -7.02 -41.72 -18.24
CA LEU B 21 -6.36 -42.84 -17.58
C LEU B 21 -6.14 -44.08 -18.46
N GLU B 22 -7.08 -44.34 -19.38
CA GLU B 22 -7.09 -45.59 -20.17
C GLU B 22 -5.72 -46.10 -20.70
N PRO B 23 -4.93 -45.23 -21.36
CA PRO B 23 -3.62 -45.69 -21.86
C PRO B 23 -2.61 -45.96 -20.75
N ILE B 24 -2.76 -45.27 -19.62
CA ILE B 24 -1.88 -45.48 -18.48
C ILE B 24 -2.18 -46.83 -17.84
N LEU B 25 -3.45 -47.18 -17.77
CA LEU B 25 -3.85 -48.49 -17.28
C LEU B 25 -3.32 -49.59 -18.21
N ALA B 26 -3.30 -49.29 -19.50
CA ALA B 26 -2.83 -50.24 -20.51
C ALA B 26 -1.40 -50.69 -20.25
N THR B 27 -0.55 -49.78 -19.80
CA THR B 27 0.84 -50.09 -19.53
C THR B 27 0.94 -51.14 -18.43
N ALA B 28 -0.09 -51.24 -17.60
CA ALA B 28 -0.13 -52.22 -16.52
C ALA B 28 -0.90 -53.45 -16.96
N GLY B 29 -1.31 -53.49 -18.23
CA GLY B 29 -2.06 -54.61 -18.76
C GLY B 29 -3.54 -54.54 -18.45
N ILE B 30 -3.95 -53.39 -17.90
CA ILE B 30 -5.33 -53.19 -17.48
C ILE B 30 -6.17 -52.53 -18.56
N VAL B 31 -7.28 -53.16 -18.91
CA VAL B 31 -8.25 -52.56 -19.82
C VAL B 31 -9.64 -52.68 -19.21
N LEU B 32 -10.21 -51.55 -18.80
CA LEU B 32 -11.49 -51.57 -18.13
C LEU B 32 -12.63 -51.51 -19.13
N THR B 33 -13.64 -52.32 -18.89
CA THR B 33 -14.87 -52.27 -19.68
C THR B 33 -15.76 -51.19 -19.10
N GLY B 34 -16.88 -50.92 -19.77
CA GLY B 34 -17.80 -49.90 -19.33
C GLY B 34 -18.43 -50.24 -18.00
N CYS B 35 -18.85 -51.50 -17.86
CA CYS B 35 -19.47 -51.98 -16.64
C CYS B 35 -18.49 -51.92 -15.48
N GLN B 36 -17.24 -52.26 -15.76
CA GLN B 36 -16.21 -52.25 -14.75
C GLN B 36 -15.95 -50.81 -14.26
N TRP B 37 -15.92 -49.87 -15.21
CA TRP B 37 -15.79 -48.47 -14.86
C TRP B 37 -16.92 -48.04 -13.94
N SER B 38 -18.14 -48.44 -14.28
CA SER B 38 -19.32 -48.05 -13.50
C SER B 38 -19.30 -48.67 -12.11
N GLU B 39 -18.77 -49.89 -12.01
CA GLU B 39 -18.78 -50.58 -10.74
C GLU B 39 -17.75 -49.95 -9.81
N LEU B 40 -16.62 -49.54 -10.35
CA LEU B 40 -15.55 -48.94 -9.56
C LEU B 40 -15.82 -47.51 -9.11
N PHE B 41 -16.35 -46.69 -10.02
CA PHE B 41 -16.60 -45.29 -9.71
C PHE B 41 -18.08 -44.90 -9.81
N PRO B 42 -18.67 -44.47 -8.69
CA PRO B 42 -20.01 -43.91 -8.78
C PRO B 42 -20.04 -42.72 -9.74
N GLN B 43 -18.94 -41.98 -9.79
CA GLN B 43 -18.85 -40.81 -10.65
C GLN B 43 -18.97 -41.20 -12.11
N PHE B 44 -18.37 -42.33 -12.47
CA PHE B 44 -18.47 -42.80 -13.84
C PHE B 44 -19.88 -43.29 -14.10
N ALA B 45 -20.39 -44.12 -13.20
CA ALA B 45 -21.76 -44.65 -13.34
C ALA B 45 -22.78 -43.53 -13.53
N ASP B 46 -22.58 -42.40 -12.85
CA ASP B 46 -23.51 -41.27 -12.92
C ASP B 46 -23.09 -40.21 -13.93
N ASP B 47 -22.00 -40.46 -14.66
CA ASP B 47 -21.53 -39.54 -15.68
C ASP B 47 -21.31 -38.15 -15.08
N LYS B 48 -20.48 -38.09 -14.04
CA LYS B 48 -20.16 -36.84 -13.36
C LYS B 48 -18.66 -36.57 -13.46
N PRO B 49 -18.26 -35.29 -13.44
CA PRO B 49 -16.82 -34.95 -13.50
C PRO B 49 -16.06 -35.44 -12.26
N HIS B 50 -14.78 -35.73 -12.44
CA HIS B 50 -13.97 -36.33 -11.39
C HIS B 50 -12.47 -36.13 -11.66
N SER B 51 -11.66 -36.33 -10.61
CA SER B 51 -10.21 -36.25 -10.73
C SER B 51 -9.60 -37.55 -11.23
N ALA B 52 -8.90 -37.46 -12.35
CA ALA B 52 -8.21 -38.62 -12.93
C ALA B 52 -7.17 -39.17 -11.95
N ILE B 53 -6.55 -38.27 -11.18
CA ILE B 53 -5.51 -38.68 -10.24
C ILE B 53 -6.11 -39.54 -9.13
N TYR B 54 -7.17 -39.05 -8.51
CA TYR B 54 -7.83 -39.79 -7.45
C TYR B 54 -8.21 -41.15 -8.01
N ALA B 55 -8.77 -41.14 -9.21
CA ALA B 55 -9.25 -42.36 -9.86
C ALA B 55 -8.10 -43.35 -10.03
N LEU B 56 -6.93 -42.84 -10.40
CA LEU B 56 -5.79 -43.70 -10.65
C LEU B 56 -5.37 -44.38 -9.36
N ASP B 57 -5.40 -43.62 -8.26
CA ASP B 57 -5.07 -44.17 -6.94
C ASP B 57 -6.06 -45.27 -6.56
N VAL B 58 -7.34 -45.02 -6.82
CA VAL B 58 -8.39 -45.98 -6.50
C VAL B 58 -8.15 -47.28 -7.25
N ILE B 59 -7.78 -47.17 -8.53
CA ILE B 59 -7.57 -48.33 -9.37
C ILE B 59 -6.33 -49.09 -8.93
N CYS B 60 -5.30 -48.35 -8.51
CA CYS B 60 -4.05 -48.96 -8.10
C CYS B 60 -4.31 -49.85 -6.91
N ILE B 61 -5.04 -49.33 -5.94
CA ILE B 61 -5.40 -50.09 -4.76
C ILE B 61 -6.27 -51.29 -5.12
N LYS B 62 -7.21 -51.09 -6.04
CA LYS B 62 -8.15 -52.18 -6.36
C LYS B 62 -7.47 -53.37 -7.03
N PHE B 63 -6.56 -53.13 -7.96
CA PHE B 63 -5.85 -54.20 -8.64
C PHE B 63 -4.67 -54.76 -7.83
N PHE B 64 -3.83 -53.87 -7.31
CA PHE B 64 -2.61 -54.27 -6.60
C PHE B 64 -2.68 -54.24 -5.07
N GLY B 65 -3.83 -53.88 -4.51
CA GLY B 65 -3.97 -53.83 -3.07
C GLY B 65 -3.03 -52.84 -2.40
N MET B 66 -2.55 -51.87 -3.17
CA MET B 66 -1.68 -50.83 -2.66
C MET B 66 -1.98 -49.50 -3.35
N ASP B 67 -1.68 -48.38 -2.70
CA ASP B 67 -1.94 -47.07 -3.30
C ASP B 67 -0.69 -46.53 -4.02
N LEU B 68 -0.80 -45.34 -4.59
CA LEU B 68 0.23 -44.82 -5.49
C LEU B 68 1.59 -44.58 -4.84
N THR B 69 1.65 -44.54 -3.51
CA THR B 69 2.92 -44.33 -2.84
C THR B 69 3.81 -45.56 -3.00
N SER B 70 3.23 -46.65 -3.48
CA SER B 70 4.01 -47.84 -3.82
C SER B 70 4.97 -47.55 -4.96
N GLY B 71 4.60 -46.62 -5.85
CA GLY B 71 5.42 -46.28 -7.00
C GLY B 71 5.12 -47.12 -8.22
N LEU B 72 4.13 -48.00 -8.10
CA LEU B 72 3.78 -48.92 -9.17
C LEU B 72 3.43 -48.20 -10.48
N PHE B 73 2.71 -47.10 -10.37
CA PHE B 73 2.36 -46.28 -11.53
C PHE B 73 3.29 -45.10 -11.78
N SER B 74 4.39 -45.06 -11.05
CA SER B 74 5.22 -43.86 -11.04
C SER B 74 6.31 -43.79 -12.12
N LYS B 75 6.32 -44.75 -13.05
CA LYS B 75 7.23 -44.68 -14.18
C LYS B 75 6.72 -43.57 -15.09
N GLN B 76 7.60 -42.69 -15.54
CA GLN B 76 7.16 -41.51 -16.27
C GLN B 76 7.03 -41.90 -17.74
N SER B 77 5.80 -42.09 -18.19
CA SER B 77 5.55 -42.64 -19.51
C SER B 77 4.57 -41.75 -20.26
N ILE B 78 3.34 -41.74 -19.78
CA ILE B 78 2.27 -40.99 -20.41
C ILE B 78 1.91 -39.78 -19.56
N PRO B 79 1.93 -38.58 -20.15
CA PRO B 79 1.51 -37.45 -19.32
C PRO B 79 0.03 -37.52 -19.00
N LEU B 80 -0.32 -37.17 -17.76
CA LEU B 80 -1.72 -36.99 -17.39
C LEU B 80 -1.90 -35.54 -17.04
N THR B 81 -2.62 -34.82 -17.89
CA THR B 81 -2.62 -33.36 -17.88
C THR B 81 -4.02 -32.80 -17.71
N TYR B 82 -4.15 -31.90 -16.74
CA TYR B 82 -5.41 -31.24 -16.45
C TYR B 82 -5.46 -29.89 -17.15
N HIS B 83 -6.57 -29.59 -17.79
CA HIS B 83 -6.76 -28.28 -18.40
C HIS B 83 -7.89 -27.51 -17.73
N PRO B 84 -7.54 -26.49 -16.94
CA PRO B 84 -8.47 -25.64 -16.20
C PRO B 84 -9.33 -24.79 -17.11
N ALA B 85 -10.40 -24.24 -16.53
CA ALA B 85 -11.25 -23.28 -17.23
C ALA B 85 -10.44 -22.01 -17.52
N ASP B 86 -10.76 -21.37 -18.64
CA ASP B 86 -10.15 -20.08 -18.97
C ASP B 86 -11.26 -19.11 -19.39
N SER B 87 -10.89 -17.92 -19.85
CA SER B 87 -11.88 -16.90 -20.18
C SER B 87 -12.84 -17.38 -21.26
N ALA B 88 -12.35 -18.28 -22.10
CA ALA B 88 -13.15 -18.88 -23.18
C ALA B 88 -13.93 -20.11 -22.73
N ARG B 89 -13.21 -21.11 -22.23
CA ARG B 89 -13.76 -22.42 -21.90
C ARG B 89 -13.94 -22.56 -20.39
N PRO B 90 -15.21 -22.52 -19.92
CA PRO B 90 -15.57 -22.58 -18.49
C PRO B 90 -15.39 -23.96 -17.85
N VAL B 91 -15.32 -25.02 -18.65
CA VAL B 91 -15.29 -26.38 -18.09
C VAL B 91 -13.99 -27.13 -18.40
N ALA B 92 -13.41 -27.65 -17.32
CA ALA B 92 -12.12 -28.34 -17.36
C ALA B 92 -12.14 -29.73 -17.99
N HIS B 93 -10.99 -30.12 -18.54
CA HIS B 93 -10.83 -31.39 -19.24
C HIS B 93 -9.50 -32.06 -18.90
N TRP B 94 -9.52 -33.39 -18.87
CA TRP B 94 -8.31 -34.19 -18.70
C TRP B 94 -7.92 -34.81 -20.03
N ASP B 95 -6.64 -34.79 -20.36
CA ASP B 95 -6.17 -35.55 -21.51
C ASP B 95 -4.70 -35.95 -21.33
N ASN B 96 -4.14 -36.55 -22.37
CA ASN B 96 -2.76 -37.02 -22.33
C ASN B 96 -1.73 -36.07 -22.97
N SER B 97 -2.16 -34.85 -23.28
CA SER B 97 -1.27 -33.86 -23.89
C SER B 97 0.00 -33.66 -23.06
N PRO B 98 1.07 -33.17 -23.70
CA PRO B 98 2.37 -32.96 -23.05
C PRO B 98 2.27 -32.16 -21.75
N GLY B 99 3.06 -32.58 -20.77
CA GLY B 99 3.07 -31.93 -19.48
C GLY B 99 4.09 -32.58 -18.58
N THR B 100 4.43 -31.91 -17.49
CA THR B 100 5.52 -32.37 -16.66
C THR B 100 5.09 -33.51 -15.72
N ARG B 101 3.77 -33.66 -15.50
CA ARG B 101 3.26 -34.74 -14.65
C ARG B 101 2.91 -35.95 -15.52
N LYS B 102 3.63 -37.05 -15.33
CA LYS B 102 3.43 -38.26 -16.13
C LYS B 102 3.35 -39.51 -15.25
N TYR B 103 2.74 -40.55 -15.79
CA TYR B 103 2.53 -41.81 -15.07
C TYR B 103 2.72 -42.99 -15.98
N GLY B 104 3.00 -44.15 -15.39
CA GLY B 104 3.02 -45.41 -16.10
C GLY B 104 3.45 -46.56 -15.22
N TYR B 105 3.07 -47.77 -15.64
CA TYR B 105 3.36 -48.97 -14.87
C TYR B 105 4.87 -49.22 -14.79
N ASP B 106 5.33 -49.52 -13.58
CA ASP B 106 6.74 -49.82 -13.34
C ASP B 106 6.90 -51.30 -12.97
N HIS B 107 7.45 -52.10 -13.88
CA HIS B 107 7.53 -53.55 -13.69
C HIS B 107 8.54 -53.91 -12.62
N ALA B 108 9.56 -53.06 -12.47
CA ALA B 108 10.61 -53.28 -11.48
C ALA B 108 10.01 -53.30 -10.08
N ILE B 109 9.15 -52.33 -9.81
CA ILE B 109 8.50 -52.23 -8.51
C ILE B 109 7.68 -53.48 -8.19
N ALA B 110 6.92 -53.98 -9.15
CA ALA B 110 6.05 -55.13 -8.90
C ALA B 110 6.85 -56.41 -8.67
N ALA B 111 7.91 -56.58 -9.44
CA ALA B 111 8.76 -57.77 -9.34
C ALA B 111 9.45 -57.80 -7.99
N GLU B 112 9.96 -56.65 -7.58
CA GLU B 112 10.62 -56.52 -6.30
C GLU B 112 9.65 -56.75 -5.15
N LEU B 113 8.43 -56.24 -5.30
CA LEU B 113 7.39 -56.42 -4.30
C LEU B 113 6.99 -57.87 -4.16
N SER B 114 7.14 -58.64 -5.24
CA SER B 114 6.73 -60.03 -5.25
C SER B 114 7.53 -60.88 -4.26
N ARG B 115 8.60 -60.31 -3.68
CA ARG B 115 9.36 -61.01 -2.65
C ARG B 115 8.49 -61.22 -1.40
N ARG B 116 7.85 -60.15 -0.92
CA ARG B 116 6.92 -60.27 0.20
C ARG B 116 5.52 -60.72 -0.22
N PHE B 117 5.12 -60.37 -1.45
CA PHE B 117 3.80 -60.71 -1.97
C PHE B 117 3.91 -61.43 -3.31
N PRO B 118 4.17 -62.76 -3.27
CA PRO B 118 4.45 -63.55 -4.46
C PRO B 118 3.42 -63.41 -5.59
N VAL B 119 2.18 -63.04 -5.25
CA VAL B 119 1.12 -62.95 -6.25
C VAL B 119 1.48 -61.96 -7.37
N PHE B 120 2.38 -61.03 -7.07
CA PHE B 120 2.86 -60.05 -8.05
C PHE B 120 3.54 -60.69 -9.26
N GLN B 121 3.93 -61.96 -9.16
CA GLN B 121 4.46 -62.65 -10.33
C GLN B 121 3.36 -62.69 -11.39
N LEU B 122 2.11 -62.64 -10.93
CA LEU B 122 0.95 -62.76 -11.82
C LEU B 122 0.45 -61.39 -12.30
N ALA B 123 1.12 -60.32 -11.90
CA ALA B 123 0.68 -58.98 -12.23
C ALA B 123 0.87 -58.68 -13.70
N GLY B 124 0.18 -57.66 -14.19
CA GLY B 124 0.32 -57.25 -15.58
C GLY B 124 -0.62 -58.03 -16.48
N LYS B 125 -1.36 -58.98 -15.91
CA LYS B 125 -2.30 -59.78 -16.68
C LYS B 125 -3.71 -59.16 -16.69
N GLY B 126 -3.84 -57.97 -16.10
CA GLY B 126 -5.09 -57.23 -16.14
C GLY B 126 -6.11 -57.73 -15.13
N THR B 127 -5.64 -58.48 -14.14
CA THR B 127 -6.52 -59.11 -13.15
C THR B 127 -6.30 -58.53 -11.77
N GLN B 128 -7.32 -58.64 -10.92
CA GLN B 128 -7.21 -58.19 -9.54
C GLN B 128 -6.40 -59.19 -8.72
N LEU B 129 -5.38 -58.68 -8.02
CA LEU B 129 -4.54 -59.51 -7.19
C LEU B 129 -5.05 -59.54 -5.75
N ASP B 130 -5.19 -60.75 -5.19
CA ASP B 130 -5.45 -60.87 -3.76
C ASP B 130 -4.08 -61.13 -3.12
N LEU B 131 -3.58 -60.12 -2.41
CA LEU B 131 -2.24 -60.19 -1.86
C LEU B 131 -2.15 -61.21 -0.74
N GLN B 132 -3.31 -61.55 -0.18
CA GLN B 132 -3.37 -62.42 1.00
C GLN B 132 -3.50 -63.90 0.63
N THR B 133 -4.59 -64.27 -0.05
CA THR B 133 -4.77 -65.65 -0.48
C THR B 133 -3.86 -65.99 -1.67
N GLY B 134 -3.46 -64.98 -2.42
CA GLY B 134 -2.52 -65.15 -3.52
C GLY B 134 -3.16 -65.62 -4.82
N ARG B 135 -4.48 -65.61 -4.87
CA ARG B 135 -5.19 -65.98 -6.10
C ARG B 135 -5.41 -64.70 -6.93
N THR B 136 -6.06 -64.84 -8.08
CA THR B 136 -6.39 -63.68 -8.91
C THR B 136 -7.87 -63.72 -9.22
N ARG B 137 -8.40 -62.60 -9.71
CA ARG B 137 -9.84 -62.42 -9.80
C ARG B 137 -10.22 -61.44 -10.90
N VAL B 138 -11.47 -61.51 -11.34
CA VAL B 138 -12.04 -60.47 -12.19
C VAL B 138 -12.07 -59.19 -11.36
N ILE B 139 -11.72 -58.07 -11.95
CA ILE B 139 -11.67 -56.83 -11.17
C ILE B 139 -13.02 -56.60 -10.47
N SER B 140 -12.95 -56.31 -9.17
CA SER B 140 -14.16 -56.13 -8.37
C SER B 140 -14.01 -55.02 -7.35
N ALA B 141 -15.04 -54.18 -7.24
CA ALA B 141 -15.04 -53.06 -6.30
C ALA B 141 -15.24 -53.56 -4.87
N GLN B 142 -15.53 -54.84 -4.72
CA GLN B 142 -15.85 -55.42 -3.41
C GLN B 142 -14.63 -56.05 -2.73
N HIS B 143 -13.47 -55.94 -3.36
CA HIS B 143 -12.23 -56.52 -2.82
C HIS B 143 -11.12 -55.51 -2.81
N ASN B 144 -10.04 -55.82 -2.10
CA ASN B 144 -8.97 -54.87 -1.90
C ASN B 144 -9.55 -53.53 -1.44
N LEU B 145 -10.36 -53.58 -0.39
CA LEU B 145 -11.02 -52.40 0.12
C LEU B 145 -10.07 -51.45 0.86
N VAL B 146 -9.01 -52.00 1.44
CA VAL B 146 -8.00 -51.16 2.10
C VAL B 146 -6.60 -51.40 1.53
N PRO B 147 -5.86 -50.31 1.27
CA PRO B 147 -4.48 -50.50 0.82
C PRO B 147 -3.58 -50.96 1.97
N VAL B 148 -2.80 -52.00 1.74
CA VAL B 148 -2.04 -52.63 2.82
C VAL B 148 -0.76 -51.87 3.16
N ASN B 149 -0.32 -51.01 2.25
CA ASN B 149 0.96 -50.34 2.41
C ASN B 149 0.84 -48.97 3.06
N ARG B 150 -0.38 -48.61 3.45
CA ARG B 150 -0.65 -47.28 3.99
C ARG B 150 -0.83 -47.28 5.49
N ASN B 151 -0.18 -46.34 6.18
CA ASN B 151 -0.51 -46.10 7.58
C ASN B 151 -1.69 -45.15 7.61
N LEU B 152 -2.80 -45.63 8.16
CA LEU B 152 -4.04 -44.87 8.19
C LEU B 152 -3.94 -43.79 9.26
N PRO B 153 -4.33 -42.56 8.94
CA PRO B 153 -4.20 -41.47 9.91
C PRO B 153 -5.10 -41.64 11.13
N HIS B 154 -6.17 -42.44 11.01
CA HIS B 154 -7.12 -42.61 12.11
C HIS B 154 -7.88 -43.91 11.95
N ALA B 155 -8.56 -44.32 13.01
CA ALA B 155 -9.31 -45.57 13.00
C ALA B 155 -10.48 -45.51 12.01
N LEU B 156 -10.92 -46.69 11.59
CA LEU B 156 -12.10 -46.80 10.75
C LEU B 156 -13.16 -47.58 11.53
N VAL B 157 -14.38 -47.67 11.01
CA VAL B 157 -15.43 -48.40 11.68
C VAL B 157 -15.43 -49.83 11.17
N PRO B 158 -15.53 -50.81 12.08
CA PRO B 158 -15.60 -52.20 11.63
C PRO B 158 -16.83 -52.47 10.78
N GLU B 159 -17.99 -52.01 11.27
CA GLU B 159 -19.27 -52.31 10.64
C GLU B 159 -20.12 -51.06 10.43
N TYR B 160 -20.61 -50.88 9.21
CA TYR B 160 -21.45 -49.74 8.88
C TYR B 160 -22.82 -49.88 9.56
N LYS B 161 -23.20 -48.85 10.32
CA LYS B 161 -24.51 -48.81 10.95
C LYS B 161 -25.13 -47.43 10.76
N GLU B 162 -26.29 -47.39 10.11
CA GLU B 162 -27.03 -46.15 9.95
C GLU B 162 -27.82 -45.83 11.21
N LYS B 163 -28.13 -44.55 11.42
CA LYS B 163 -28.95 -44.13 12.54
C LYS B 163 -29.91 -43.07 12.04
N GLN B 164 -30.99 -42.85 12.77
CA GLN B 164 -31.90 -41.76 12.43
C GLN B 164 -31.36 -40.52 13.16
N PRO B 165 -31.04 -39.46 12.41
CA PRO B 165 -30.35 -38.30 12.99
C PRO B 165 -31.21 -37.44 13.90
N GLY B 166 -30.58 -36.83 14.88
CA GLY B 166 -31.23 -35.85 15.74
C GLY B 166 -31.35 -34.54 14.99
N PRO B 167 -31.86 -33.51 15.67
CA PRO B 167 -31.99 -32.19 15.04
C PRO B 167 -30.64 -31.54 14.75
N VAL B 168 -30.46 -31.04 13.54
CA VAL B 168 -29.22 -30.40 13.17
C VAL B 168 -29.10 -29.09 13.96
N LYS B 169 -30.25 -28.54 14.35
CA LYS B 169 -30.28 -27.27 15.08
C LYS B 169 -29.43 -27.33 16.35
N LYS B 170 -29.49 -28.47 17.05
CA LYS B 170 -28.70 -28.63 18.26
C LYS B 170 -27.22 -28.41 17.97
N PHE B 171 -26.78 -28.85 16.80
CA PHE B 171 -25.37 -28.74 16.43
C PHE B 171 -25.00 -27.33 16.02
N LEU B 172 -25.83 -26.72 15.18
CA LEU B 172 -25.57 -25.37 14.70
C LEU B 172 -25.55 -24.33 15.83
N ASN B 173 -26.32 -24.58 16.88
CA ASN B 173 -26.32 -23.65 18.01
C ASN B 173 -24.98 -23.61 18.74
N GLN B 174 -24.10 -24.56 18.42
CA GLN B 174 -22.77 -24.63 19.02
C GLN B 174 -21.82 -23.58 18.42
N PHE B 175 -22.26 -22.93 17.35
CA PHE B 175 -21.45 -21.91 16.71
C PHE B 175 -22.11 -20.57 16.90
N LYS B 176 -21.32 -19.55 17.22
CA LYS B 176 -21.85 -18.32 17.75
C LYS B 176 -22.39 -17.40 16.65
N HIS B 177 -22.24 -17.82 15.40
CA HIS B 177 -22.67 -16.99 14.27
C HIS B 177 -24.15 -17.17 13.96
N HIS B 178 -24.84 -16.05 13.77
CA HIS B 178 -26.29 -16.03 13.54
C HIS B 178 -26.71 -16.42 12.12
N SER B 179 -26.02 -15.85 11.14
CA SER B 179 -26.35 -16.06 9.74
C SER B 179 -25.49 -17.17 9.13
N VAL B 180 -26.13 -18.19 8.57
CA VAL B 180 -25.44 -19.40 8.12
C VAL B 180 -25.78 -19.76 6.67
N LEU B 181 -24.75 -20.04 5.87
CA LEU B 181 -24.97 -20.56 4.53
C LEU B 181 -25.00 -22.06 4.67
N VAL B 182 -26.04 -22.69 4.16
CA VAL B 182 -26.21 -24.12 4.34
C VAL B 182 -26.35 -24.78 2.99
N VAL B 183 -25.44 -25.70 2.69
CA VAL B 183 -25.56 -26.53 1.50
C VAL B 183 -26.00 -27.93 1.93
N SER B 184 -27.23 -28.28 1.59
CA SER B 184 -27.79 -29.53 2.03
C SER B 184 -28.86 -30.00 1.06
N GLU B 185 -29.01 -31.32 0.94
CA GLU B 185 -30.04 -31.89 0.10
C GLU B 185 -31.38 -31.85 0.82
N GLU B 186 -31.30 -31.71 2.14
CA GLU B 186 -32.47 -31.76 3.01
C GLU B 186 -32.54 -30.49 3.84
N LYS B 187 -33.76 -30.03 4.10
CA LYS B 187 -33.95 -28.75 4.78
C LYS B 187 -33.41 -28.76 6.20
N ILE B 188 -32.87 -27.63 6.64
CA ILE B 188 -32.38 -27.51 8.01
C ILE B 188 -33.27 -26.57 8.81
N GLU B 189 -33.84 -27.08 9.90
CA GLU B 189 -34.67 -26.27 10.78
C GLU B 189 -33.79 -25.70 11.88
N ALA B 190 -33.55 -24.39 11.82
CA ALA B 190 -32.80 -23.69 12.85
C ALA B 190 -33.45 -22.33 13.07
N PRO B 191 -34.50 -22.28 13.88
CA PRO B 191 -35.28 -21.05 14.07
C PRO B 191 -34.44 -19.92 14.69
N ARG B 192 -33.39 -20.28 15.41
CA ARG B 192 -32.51 -19.30 16.05
C ARG B 192 -31.49 -18.68 15.06
N LYS B 193 -31.48 -19.18 13.82
CA LYS B 193 -30.52 -18.74 12.80
C LYS B 193 -31.22 -18.15 11.58
N ARG B 194 -30.49 -17.36 10.80
CA ARG B 194 -30.95 -17.03 9.46
C ARG B 194 -30.21 -17.97 8.52
N ILE B 195 -30.97 -18.80 7.82
CA ILE B 195 -30.41 -19.83 6.97
C ILE B 195 -30.58 -19.48 5.49
N GLU B 196 -29.48 -19.37 4.78
CA GLU B 196 -29.54 -19.35 3.32
C GLU B 196 -29.31 -20.79 2.86
N TRP B 197 -30.26 -21.34 2.10
CA TRP B 197 -30.22 -22.75 1.77
C TRP B 197 -29.94 -23.02 0.29
N ILE B 198 -28.80 -23.65 0.03
CA ILE B 198 -28.49 -24.13 -1.31
C ILE B 198 -28.72 -25.62 -1.35
N ALA B 199 -29.43 -26.08 -2.36
CA ALA B 199 -29.71 -27.50 -2.52
C ALA B 199 -29.45 -27.94 -3.95
N PRO B 200 -29.33 -29.26 -4.17
CA PRO B 200 -29.25 -29.76 -5.54
C PRO B 200 -30.50 -29.45 -6.34
N ILE B 201 -30.50 -29.80 -7.62
CA ILE B 201 -31.44 -29.23 -8.60
C ILE B 201 -32.92 -29.46 -8.34
N GLY B 202 -33.31 -30.71 -8.07
CA GLY B 202 -34.72 -31.04 -7.99
C GLY B 202 -35.41 -30.69 -6.68
N ILE B 203 -34.74 -29.97 -5.79
CA ILE B 203 -35.24 -29.82 -4.42
C ILE B 203 -36.04 -28.54 -4.23
N ALA B 204 -37.28 -28.71 -3.78
CA ALA B 204 -38.18 -27.57 -3.57
C ALA B 204 -37.88 -26.91 -2.22
N GLY B 205 -38.19 -25.60 -2.13
CA GLY B 205 -38.12 -24.88 -0.89
C GLY B 205 -36.77 -24.27 -0.58
N ALA B 206 -35.80 -24.52 -1.46
CA ALA B 206 -34.46 -23.96 -1.29
C ALA B 206 -34.41 -22.53 -1.78
N ASP B 207 -33.49 -21.75 -1.22
CA ASP B 207 -33.26 -20.38 -1.68
C ASP B 207 -32.51 -20.36 -3.02
N LYS B 208 -31.64 -21.34 -3.23
CA LYS B 208 -30.94 -21.48 -4.51
C LYS B 208 -30.75 -22.97 -4.81
N ASN B 209 -30.78 -23.30 -6.10
CA ASN B 209 -30.51 -24.67 -6.54
C ASN B 209 -29.41 -24.70 -7.57
N TYR B 210 -28.42 -25.55 -7.36
CA TYR B 210 -27.33 -25.71 -8.31
C TYR B 210 -27.02 -27.19 -8.50
N ASN B 211 -26.24 -27.49 -9.55
CA ASN B 211 -25.77 -28.84 -9.76
C ASN B 211 -24.42 -28.99 -9.07
N LEU B 212 -24.41 -29.72 -7.96
CA LEU B 212 -23.31 -29.65 -7.00
C LEU B 212 -22.12 -30.49 -7.42
N ALA B 213 -22.31 -31.33 -8.43
CA ALA B 213 -21.18 -32.04 -9.02
C ALA B 213 -20.19 -31.01 -9.56
N PHE B 214 -20.72 -29.84 -9.91
CA PHE B 214 -19.92 -28.70 -10.36
C PHE B 214 -19.63 -27.64 -9.28
N GLY B 215 -19.98 -27.93 -8.03
CA GLY B 215 -19.81 -26.95 -6.98
C GLY B 215 -20.99 -26.01 -6.98
N PHE B 216 -20.79 -24.82 -6.42
CA PHE B 216 -21.82 -23.78 -6.51
C PHE B 216 -21.14 -22.43 -6.67
N PRO B 217 -21.74 -21.54 -7.48
CA PRO B 217 -21.13 -20.22 -7.73
C PRO B 217 -21.13 -19.36 -6.49
N PRO B 218 -20.27 -18.34 -6.45
CA PRO B 218 -20.18 -17.53 -5.24
C PRO B 218 -21.50 -16.89 -4.85
N GLN B 219 -21.85 -17.10 -3.58
CA GLN B 219 -22.92 -16.36 -2.93
C GLN B 219 -22.34 -15.16 -2.18
N ALA B 220 -23.13 -14.59 -1.27
CA ALA B 220 -22.62 -13.57 -0.37
C ALA B 220 -21.63 -14.25 0.58
N ARG B 221 -21.07 -13.49 1.50
CA ARG B 221 -20.09 -14.04 2.42
C ARG B 221 -20.69 -14.15 3.82
N TYR B 222 -20.35 -15.23 4.50
CA TYR B 222 -20.93 -15.54 5.79
C TYR B 222 -19.83 -15.82 6.79
N ASP B 223 -20.16 -15.78 8.08
CA ASP B 223 -19.19 -16.12 9.11
C ASP B 223 -19.22 -17.64 9.39
N LEU B 224 -20.29 -18.30 8.98
CA LEU B 224 -20.39 -19.75 9.09
C LEU B 224 -21.01 -20.37 7.85
N VAL B 225 -20.28 -21.30 7.24
CA VAL B 225 -20.81 -22.07 6.11
C VAL B 225 -20.82 -23.53 6.51
N PHE B 226 -21.92 -24.22 6.19
CA PHE B 226 -22.16 -25.58 6.64
C PHE B 226 -22.50 -26.44 5.43
N ILE B 227 -21.59 -27.33 5.04
CA ILE B 227 -21.85 -28.27 3.95
C ILE B 227 -22.35 -29.61 4.48
N ASN B 228 -23.61 -29.92 4.20
CA ASN B 228 -24.26 -31.12 4.70
C ASN B 228 -24.31 -32.29 3.72
N ILE B 229 -23.67 -32.15 2.56
CA ILE B 229 -23.76 -33.17 1.51
C ILE B 229 -22.91 -34.40 1.81
N GLY B 230 -23.56 -35.56 1.84
CA GLY B 230 -22.88 -36.82 2.03
C GLY B 230 -22.79 -37.63 0.75
N THR B 231 -22.04 -38.72 0.79
CA THR B 231 -21.96 -39.65 -0.33
C THR B 231 -22.26 -41.06 0.21
N LYS B 232 -22.82 -41.91 -0.64
CA LYS B 232 -23.38 -43.18 -0.18
C LYS B 232 -22.32 -44.24 0.14
N TYR B 233 -22.55 -44.93 1.26
CA TYR B 233 -21.69 -46.03 1.68
C TYR B 233 -21.88 -47.18 0.71
N ARG B 234 -20.82 -47.90 0.39
CA ARG B 234 -20.99 -49.13 -0.37
C ARG B 234 -20.39 -50.35 0.33
N ASN B 235 -19.09 -50.57 0.16
CA ASN B 235 -18.45 -51.76 0.73
C ASN B 235 -17.56 -51.57 1.96
N HIS B 236 -17.27 -50.33 2.34
CA HIS B 236 -16.29 -50.10 3.40
C HIS B 236 -16.09 -48.63 3.69
N HIS B 237 -15.59 -48.34 4.88
CA HIS B 237 -15.36 -46.97 5.30
C HIS B 237 -14.33 -46.31 4.40
N PHE B 238 -13.15 -46.90 4.32
CA PHE B 238 -12.12 -46.43 3.42
C PHE B 238 -12.71 -46.12 2.04
N GLN B 239 -13.55 -47.01 1.52
CA GLN B 239 -14.13 -46.77 0.20
C GLN B 239 -15.04 -45.56 0.20
N GLN B 240 -15.74 -45.33 1.30
CA GLN B 240 -16.64 -44.19 1.39
C GLN B 240 -15.82 -42.91 1.30
N CYS B 241 -14.66 -42.90 1.95
CA CYS B 241 -13.75 -41.76 1.89
C CYS B 241 -13.30 -41.52 0.45
N GLU B 242 -12.88 -42.59 -0.22
CA GLU B 242 -12.45 -42.51 -1.62
C GLU B 242 -13.53 -41.80 -2.43
N ASP B 243 -14.75 -42.29 -2.31
CA ASP B 243 -15.88 -41.76 -3.06
C ASP B 243 -16.12 -40.30 -2.70
N HIS B 244 -15.90 -39.96 -1.43
CA HIS B 244 -16.20 -38.63 -0.94
C HIS B 244 -15.11 -37.58 -1.23
N ALA B 245 -13.88 -38.01 -1.45
CA ALA B 245 -12.75 -37.08 -1.54
C ALA B 245 -12.98 -35.90 -2.47
N ALA B 246 -13.33 -36.19 -3.73
CA ALA B 246 -13.52 -35.12 -4.71
C ALA B 246 -14.69 -34.22 -4.33
N THR B 247 -15.76 -34.81 -3.80
CA THR B 247 -16.92 -34.04 -3.35
C THR B 247 -16.50 -33.03 -2.28
N LEU B 248 -15.65 -33.50 -1.38
CA LEU B 248 -15.19 -32.70 -0.25
C LEU B 248 -14.41 -31.51 -0.79
N LYS B 249 -13.50 -31.76 -1.73
CA LYS B 249 -12.70 -30.70 -2.29
C LYS B 249 -13.53 -29.65 -3.04
N THR B 250 -14.48 -30.11 -3.85
CA THR B 250 -15.28 -29.21 -4.67
C THR B 250 -16.13 -28.29 -3.79
N LEU B 251 -16.86 -28.88 -2.86
CA LEU B 251 -17.79 -28.11 -2.04
C LEU B 251 -17.03 -27.19 -1.08
N SER B 252 -15.89 -27.65 -0.58
CA SER B 252 -15.07 -26.81 0.29
C SER B 252 -14.56 -25.60 -0.49
N ARG B 253 -14.16 -25.83 -1.74
CA ARG B 253 -13.60 -24.75 -2.55
C ARG B 253 -14.67 -23.71 -2.86
N SER B 254 -15.89 -24.15 -3.16
CA SER B 254 -16.98 -23.22 -3.38
C SER B 254 -17.26 -22.45 -2.09
N ALA B 255 -17.20 -23.16 -0.96
CA ALA B 255 -17.54 -22.55 0.31
C ALA B 255 -16.56 -21.43 0.63
N LEU B 256 -15.29 -21.63 0.30
CA LEU B 256 -14.29 -20.59 0.57
C LEU B 256 -14.66 -19.25 -0.06
N ASN B 257 -15.32 -19.29 -1.22
CA ASN B 257 -15.74 -18.06 -1.89
C ASN B 257 -16.81 -17.33 -1.09
N CYS B 258 -17.57 -18.09 -0.31
CA CYS B 258 -18.69 -17.59 0.49
C CYS B 258 -18.35 -17.33 1.95
N LEU B 259 -17.06 -17.40 2.30
CA LEU B 259 -16.63 -17.34 3.69
C LEU B 259 -15.87 -16.06 4.01
N ASN B 260 -16.28 -15.36 5.07
CA ASN B 260 -15.58 -14.15 5.51
C ASN B 260 -14.25 -14.44 6.15
N PRO B 261 -13.33 -13.48 6.13
CA PRO B 261 -12.12 -13.69 6.92
C PRO B 261 -12.49 -13.92 8.36
N GLY B 262 -11.77 -14.81 9.04
CA GLY B 262 -12.10 -15.21 10.40
C GLY B 262 -13.30 -16.13 10.52
N GLY B 263 -13.89 -16.50 9.39
CA GLY B 263 -15.07 -17.35 9.37
C GLY B 263 -14.80 -18.82 9.64
N THR B 264 -15.88 -19.58 9.76
CA THR B 264 -15.79 -21.00 10.07
C THR B 264 -16.51 -21.87 9.04
N LEU B 265 -15.86 -22.94 8.62
CA LEU B 265 -16.42 -23.88 7.66
C LEU B 265 -16.63 -25.24 8.32
N VAL B 266 -17.86 -25.67 8.45
CA VAL B 266 -18.16 -27.03 8.91
C VAL B 266 -18.61 -27.88 7.72
N VAL B 267 -17.91 -28.99 7.46
CA VAL B 267 -18.20 -29.82 6.28
C VAL B 267 -18.28 -31.30 6.64
N LYS B 268 -19.35 -31.96 6.21
CA LYS B 268 -19.53 -33.36 6.51
C LYS B 268 -18.48 -34.17 5.76
N SER B 269 -17.87 -35.11 6.47
CA SER B 269 -16.92 -36.02 5.86
C SER B 269 -17.01 -37.39 6.51
N TYR B 270 -16.27 -38.33 5.96
CA TYR B 270 -16.08 -39.64 6.56
C TYR B 270 -14.68 -39.77 7.20
N GLY B 271 -13.99 -38.65 7.36
CA GLY B 271 -12.60 -38.66 7.79
C GLY B 271 -11.75 -38.48 6.55
N TYR B 272 -10.43 -38.59 6.68
CA TYR B 272 -9.61 -38.75 5.49
C TYR B 272 -8.81 -40.04 5.58
N ALA B 273 -9.34 -41.13 5.07
CA ALA B 273 -8.67 -42.41 5.22
C ALA B 273 -7.65 -42.60 4.10
N ASP B 274 -8.07 -42.27 2.88
CA ASP B 274 -7.22 -42.41 1.71
C ASP B 274 -6.26 -41.22 1.57
N ARG B 275 -5.13 -41.48 0.91
CA ARG B 275 -4.10 -40.46 0.73
C ARG B 275 -4.66 -39.15 0.16
N ASN B 276 -5.54 -39.24 -0.83
CA ASN B 276 -6.09 -38.05 -1.45
C ASN B 276 -6.96 -37.22 -0.51
N SER B 277 -7.87 -37.88 0.19
CA SER B 277 -8.68 -37.20 1.19
C SER B 277 -7.80 -36.48 2.22
N GLU B 278 -6.73 -37.12 2.65
CA GLU B 278 -5.86 -36.49 3.63
C GLU B 278 -5.16 -35.27 3.07
N ASP B 279 -4.71 -35.37 1.83
CA ASP B 279 -4.02 -34.27 1.19
C ASP B 279 -4.95 -33.08 1.06
N VAL B 280 -6.22 -33.37 0.78
CA VAL B 280 -7.21 -32.31 0.61
C VAL B 280 -7.44 -31.60 1.92
N VAL B 281 -7.67 -32.38 2.97
CA VAL B 281 -7.95 -31.83 4.27
C VAL B 281 -6.75 -31.04 4.77
N THR B 282 -5.56 -31.46 4.39
CA THR B 282 -4.34 -30.79 4.81
C THR B 282 -4.24 -29.42 4.15
N ALA B 283 -4.44 -29.40 2.84
CA ALA B 283 -4.38 -28.17 2.07
C ALA B 283 -5.42 -27.19 2.59
N LEU B 284 -6.60 -27.70 2.90
CA LEU B 284 -7.68 -26.88 3.38
C LEU B 284 -7.31 -26.36 4.76
N ALA B 285 -6.70 -27.24 5.54
CA ALA B 285 -6.40 -26.95 6.93
C ALA B 285 -5.39 -25.80 7.04
N ARG B 286 -4.47 -25.73 6.07
CA ARG B 286 -3.49 -24.64 6.06
C ARG B 286 -4.18 -23.28 6.08
N LYS B 287 -5.41 -23.23 5.58
CA LYS B 287 -6.13 -21.95 5.47
C LYS B 287 -6.74 -21.47 6.79
N PHE B 288 -6.68 -22.29 7.83
CA PHE B 288 -7.33 -21.94 9.08
C PHE B 288 -6.40 -21.98 10.29
N VAL B 289 -6.74 -21.18 11.30
CA VAL B 289 -5.98 -21.14 12.54
C VAL B 289 -6.11 -22.48 13.25
N ARG B 290 -7.33 -23.01 13.27
CA ARG B 290 -7.61 -24.28 13.93
C ARG B 290 -8.43 -25.22 13.04
N VAL B 291 -8.31 -26.51 13.28
CA VAL B 291 -9.25 -27.46 12.73
C VAL B 291 -9.41 -28.60 13.73
N SER B 292 -10.65 -28.99 13.96
CA SER B 292 -11.00 -30.10 14.84
C SER B 292 -12.09 -30.89 14.14
N ALA B 293 -12.71 -31.82 14.83
CA ALA B 293 -13.80 -32.61 14.26
C ALA B 293 -14.80 -32.98 15.34
N ALA B 294 -16.01 -33.28 14.92
CA ALA B 294 -17.07 -33.60 15.85
C ALA B 294 -18.08 -34.50 15.16
N ARG B 295 -18.73 -35.39 15.89
CA ARG B 295 -19.85 -36.11 15.30
C ARG B 295 -21.04 -36.09 16.25
N PRO B 296 -21.88 -35.05 16.11
CA PRO B 296 -23.07 -34.79 16.94
C PRO B 296 -24.21 -35.76 16.63
N ASP B 297 -25.32 -35.59 17.32
CA ASP B 297 -26.44 -36.52 17.20
C ASP B 297 -27.10 -36.43 15.83
N CYS B 298 -26.78 -35.41 15.06
CA CYS B 298 -27.47 -35.16 13.79
C CYS B 298 -26.84 -35.89 12.62
N VAL B 299 -25.85 -36.72 12.90
CA VAL B 299 -25.28 -37.59 11.88
C VAL B 299 -26.25 -38.74 11.55
N SER B 300 -26.18 -39.23 10.30
CA SER B 300 -27.03 -40.32 9.83
C SER B 300 -26.35 -41.69 9.85
N SER B 301 -25.07 -41.74 10.21
CA SER B 301 -24.36 -43.02 10.27
C SER B 301 -23.15 -42.94 11.20
N ASN B 302 -22.49 -44.08 11.41
CA ASN B 302 -21.35 -44.13 12.31
C ASN B 302 -20.03 -43.71 11.64
N THR B 303 -20.03 -43.65 10.32
CA THR B 303 -18.86 -43.16 9.58
C THR B 303 -18.85 -41.65 9.38
N GLU B 304 -20.01 -41.00 9.54
CA GLU B 304 -20.11 -39.56 9.31
C GLU B 304 -19.34 -38.76 10.36
N MET B 305 -18.56 -37.80 9.89
CA MET B 305 -17.74 -36.96 10.73
C MET B 305 -17.76 -35.53 10.21
N TYR B 306 -18.16 -34.58 11.05
CA TYR B 306 -18.06 -33.19 10.64
C TYR B 306 -16.68 -32.62 10.95
N LEU B 307 -16.01 -32.13 9.90
CA LEU B 307 -14.76 -31.41 10.06
C LEU B 307 -15.06 -29.94 10.31
N ILE B 308 -14.46 -29.38 11.35
CA ILE B 308 -14.66 -27.98 11.68
C ILE B 308 -13.37 -27.16 11.51
N PHE B 309 -13.33 -26.34 10.48
CA PHE B 309 -12.24 -25.41 10.23
C PHE B 309 -12.60 -24.03 10.78
N ARG B 310 -11.77 -23.51 11.68
CA ARG B 310 -12.11 -22.28 12.40
C ARG B 310 -11.19 -21.13 12.04
N GLN B 311 -11.79 -19.95 11.83
CA GLN B 311 -11.00 -18.74 11.55
C GLN B 311 -10.15 -18.77 10.28
N LEU B 312 -10.80 -18.55 9.14
CA LEU B 312 -10.11 -18.53 7.86
C LEU B 312 -9.32 -17.25 7.70
N ASP B 313 -7.99 -17.36 7.67
CA ASP B 313 -7.16 -16.28 7.17
C ASP B 313 -6.57 -16.59 5.79
N ASN B 314 -6.80 -17.81 5.32
CA ASN B 314 -6.23 -18.28 4.06
C ASN B 314 -4.74 -18.02 3.95
N SER B 315 -3.97 -18.46 4.94
CA SER B 315 -2.54 -18.21 4.91
C SER B 315 -1.91 -19.10 3.85
N ARG B 316 -0.65 -18.84 3.55
CA ARG B 316 0.07 -19.57 2.53
C ARG B 316 1.04 -20.51 3.22
N THR B 317 1.91 -19.92 4.01
CA THR B 317 3.05 -20.61 4.59
C THR B 317 2.75 -21.35 5.89
N ARG B 318 1.49 -21.33 6.34
CA ARG B 318 1.14 -22.05 7.57
C ARG B 318 1.57 -23.51 7.45
N GLN B 319 2.25 -24.00 8.48
CA GLN B 319 2.74 -25.37 8.45
C GLN B 319 1.82 -26.25 9.28
N PHE B 320 1.01 -27.05 8.59
CA PHE B 320 0.00 -27.87 9.23
C PHE B 320 0.44 -29.31 9.31
N THR B 321 0.19 -29.92 10.46
CA THR B 321 0.42 -31.34 10.62
C THR B 321 -0.81 -31.97 11.26
N PRO B 322 -1.15 -33.18 10.82
CA PRO B 322 -2.37 -33.93 11.17
C PRO B 322 -2.38 -34.49 12.60
N HIS B 323 -1.29 -34.34 13.35
CA HIS B 323 -1.15 -34.98 14.67
C HIS B 323 -2.42 -34.81 15.48
N HIS B 324 -2.77 -33.56 15.74
CA HIS B 324 -3.96 -33.28 16.53
C HIS B 324 -5.19 -33.91 15.90
N LEU B 325 -5.47 -33.55 14.65
CA LEU B 325 -6.69 -33.99 13.98
C LEU B 325 -6.78 -35.52 13.90
N ASN B 326 -5.65 -36.17 13.65
CA ASN B 326 -5.60 -37.63 13.67
C ASN B 326 -6.09 -38.16 15.02
N CYS B 327 -5.54 -37.61 16.09
CA CYS B 327 -5.91 -38.05 17.43
C CYS B 327 -7.39 -37.85 17.71
N VAL B 328 -7.91 -36.67 17.38
CA VAL B 328 -9.29 -36.33 17.69
C VAL B 328 -10.23 -37.27 16.96
N ILE B 329 -10.14 -37.30 15.64
CA ILE B 329 -11.01 -38.12 14.81
C ILE B 329 -10.99 -39.58 15.24
N SER B 330 -9.79 -40.11 15.45
CA SER B 330 -9.65 -41.52 15.79
C SER B 330 -10.37 -41.81 17.09
N SER B 331 -10.17 -40.93 18.07
CA SER B 331 -10.79 -41.12 19.37
C SER B 331 -12.31 -41.05 19.27
N VAL B 332 -12.81 -40.17 18.43
CA VAL B 332 -14.26 -40.03 18.23
C VAL B 332 -14.88 -41.30 17.67
N TYR B 333 -14.24 -41.85 16.63
CA TYR B 333 -14.72 -43.08 16.03
C TYR B 333 -14.70 -44.25 17.01
N GLU B 334 -13.77 -44.19 17.96
CA GLU B 334 -13.59 -45.27 18.92
C GLU B 334 -14.44 -45.06 20.17
N GLY B 335 -15.20 -43.96 20.19
CA GLY B 335 -16.18 -43.70 21.24
C GLY B 335 -15.62 -43.04 22.49
N THR B 336 -14.30 -43.07 22.63
CA THR B 336 -13.64 -42.52 23.81
C THR B 336 -13.72 -41.01 23.90
N ARG B 337 -14.32 -40.34 22.91
CA ARG B 337 -14.34 -38.89 22.93
C ARG B 337 -15.59 -38.19 22.37
N ASP B 338 -15.72 -36.92 22.78
CA ASP B 338 -16.93 -36.10 22.66
C ASP B 338 -17.64 -36.07 21.30
N GLY B 339 -16.91 -35.75 20.23
CA GLY B 339 -17.48 -34.91 19.19
C GLY B 339 -17.39 -33.44 19.56
N VAL B 340 -18.51 -32.74 19.68
CA VAL B 340 -18.51 -31.26 19.67
C VAL B 340 -17.39 -30.65 20.52
N GLY B 341 -16.79 -29.57 20.02
CA GLY B 341 -17.34 -28.75 18.95
C GLY B 341 -17.74 -27.33 19.37
N ALA B 342 -17.48 -26.99 20.63
CA ALA B 342 -17.40 -25.60 21.07
C ALA B 342 -15.93 -25.18 20.99
N ALA B 343 -15.66 -23.91 20.71
CA ALA B 343 -14.31 -23.49 20.35
C ALA B 343 -13.39 -23.15 21.53
N PRO B 344 -12.18 -23.73 21.53
CA PRO B 344 -11.21 -23.50 22.61
C PRO B 344 -10.79 -22.04 22.69
N SER B 345 -10.35 -21.59 23.85
CA SER B 345 -9.92 -20.22 24.00
C SER B 345 -8.70 -20.09 24.90
N TYR B 346 -8.00 -18.97 24.78
CA TYR B 346 -6.93 -18.62 25.69
C TYR B 346 -7.42 -17.54 26.62
N ARG B 347 -6.95 -17.56 27.85
CA ARG B 347 -7.18 -16.45 28.76
C ARG B 347 -5.94 -16.30 29.63
N THR B 348 -5.84 -15.21 30.37
CA THR B 348 -4.72 -15.04 31.29
C THR B 348 -5.22 -14.79 32.70
N LYS B 349 -4.43 -15.24 33.66
CA LYS B 349 -4.66 -14.94 35.06
C LYS B 349 -3.34 -14.63 35.68
N ARG B 350 -3.26 -13.58 36.49
CA ARG B 350 -2.08 -13.42 37.33
C ARG B 350 -2.49 -13.89 38.71
N GLU B 351 -2.07 -15.10 39.04
CA GLU B 351 -2.43 -15.74 40.29
C GLU B 351 -1.35 -16.78 40.50
N ASN B 352 -1.36 -17.44 41.65
CA ASN B 352 -0.43 -18.53 41.85
C ASN B 352 -0.97 -19.71 41.07
N ILE B 353 -0.17 -20.23 40.14
CA ILE B 353 -0.62 -21.30 39.27
C ILE B 353 -0.97 -22.54 40.12
N ALA B 354 -0.43 -22.61 41.31
CA ALA B 354 -0.72 -23.70 42.23
C ALA B 354 -2.20 -23.76 42.58
N ASP B 355 -2.90 -22.64 42.44
CA ASP B 355 -4.32 -22.58 42.79
C ASP B 355 -5.22 -22.83 41.58
N CYS B 356 -4.64 -23.19 40.45
CA CYS B 356 -5.39 -23.37 39.21
C CYS B 356 -6.56 -24.34 39.35
N GLN B 357 -7.65 -24.04 38.66
CA GLN B 357 -8.80 -24.94 38.64
C GLN B 357 -8.79 -25.82 37.40
N GLU B 358 -7.82 -25.62 36.52
CA GLU B 358 -7.79 -26.32 35.24
C GLU B 358 -7.42 -27.79 35.46
N GLU B 359 -7.82 -28.66 34.53
CA GLU B 359 -7.63 -30.10 34.68
C GLU B 359 -6.17 -30.51 34.88
N ALA B 360 -5.28 -29.93 34.07
CA ALA B 360 -3.86 -30.25 34.18
C ALA B 360 -3.10 -28.94 34.33
N VAL B 361 -1.96 -29.02 35.01
CA VAL B 361 -1.12 -27.86 35.22
C VAL B 361 0.24 -28.20 34.64
N VAL B 362 0.87 -27.23 34.00
CA VAL B 362 2.17 -27.43 33.38
C VAL B 362 3.21 -26.72 34.23
N ASN B 363 4.18 -27.48 34.71
CA ASN B 363 5.30 -26.94 35.43
C ASN B 363 6.44 -26.56 34.49
N ALA B 364 7.12 -25.45 34.78
CA ALA B 364 8.32 -25.13 34.04
C ALA B 364 9.44 -25.78 34.83
N ALA B 365 9.93 -26.89 34.28
CA ALA B 365 10.74 -27.85 35.02
C ALA B 365 12.20 -27.80 34.60
N ASN B 366 12.99 -28.65 35.24
CA ASN B 366 14.37 -28.84 34.84
C ASN B 366 14.59 -30.31 34.50
N PRO B 367 15.65 -30.60 33.74
CA PRO B 367 15.91 -31.95 33.23
C PRO B 367 16.01 -33.01 34.31
N LEU B 368 16.42 -32.61 35.51
CA LEU B 368 16.65 -33.56 36.61
C LEU B 368 15.41 -33.90 37.42
N GLY B 369 14.30 -33.22 37.15
CA GLY B 369 13.06 -33.48 37.83
C GLY B 369 13.08 -33.10 39.31
N ARG B 370 13.83 -32.05 39.63
CA ARG B 370 13.94 -31.58 41.01
C ARG B 370 13.26 -30.24 41.19
N PRO B 371 12.82 -29.95 42.41
CA PRO B 371 12.24 -28.64 42.73
C PRO B 371 13.21 -27.47 42.52
N GLY B 372 12.69 -26.29 42.19
CA GLY B 372 13.50 -25.09 41.99
C GLY B 372 12.65 -23.82 42.12
N GLU B 373 13.27 -22.64 42.10
CA GLU B 373 12.51 -21.40 42.23
C GLU B 373 11.66 -21.18 40.99
N GLY B 374 10.57 -20.42 41.16
CA GLY B 374 9.67 -20.14 40.07
C GLY B 374 8.37 -20.87 40.31
N VAL B 375 7.55 -20.94 39.28
CA VAL B 375 6.35 -21.74 39.37
C VAL B 375 6.69 -23.09 39.96
N CYS B 376 7.83 -23.67 39.58
CA CYS B 376 8.18 -25.01 40.03
C CYS B 376 8.18 -25.17 41.55
N ARG B 377 8.61 -24.13 42.28
CA ARG B 377 8.59 -24.16 43.73
C ARG B 377 7.14 -24.26 44.21
N ALA B 378 6.26 -23.46 43.62
CA ALA B 378 4.85 -23.46 43.99
C ALA B 378 4.21 -24.83 43.69
N ILE B 379 4.59 -25.41 42.56
CA ILE B 379 4.05 -26.70 42.12
C ILE B 379 4.48 -27.78 43.11
N TYR B 380 5.73 -27.66 43.58
CA TYR B 380 6.27 -28.62 44.52
C TYR B 380 5.59 -28.48 45.87
N LYS B 381 5.32 -27.25 46.30
CA LYS B 381 4.71 -27.03 47.60
C LYS B 381 3.30 -27.62 47.62
N ARG B 382 2.55 -27.47 46.53
CA ARG B 382 1.23 -28.11 46.45
C ARG B 382 1.24 -29.59 46.05
N TRP B 383 2.12 -29.98 45.15
CA TRP B 383 2.10 -31.37 44.67
C TRP B 383 3.44 -32.08 44.75
N PRO B 384 4.00 -32.20 45.96
CA PRO B 384 5.33 -32.79 46.12
C PRO B 384 5.53 -34.14 45.43
N THR B 385 4.56 -35.03 45.53
CA THR B 385 4.75 -36.39 45.03
C THR B 385 4.80 -36.48 43.51
N SER B 386 4.41 -35.40 42.81
CA SER B 386 4.51 -35.41 41.35
C SER B 386 5.97 -35.34 40.96
N PHE B 387 6.81 -35.01 41.94
CA PHE B 387 8.26 -34.95 41.74
C PHE B 387 8.96 -36.28 42.08
N THR B 388 8.18 -37.33 42.32
CA THR B 388 8.75 -38.66 42.59
C THR B 388 9.67 -39.09 41.45
N ASP B 389 9.14 -39.36 40.26
CA ASP B 389 10.03 -39.41 39.10
C ASP B 389 9.54 -38.41 38.06
N SER B 390 10.17 -37.24 38.07
CA SER B 390 9.82 -36.12 37.20
C SER B 390 10.81 -35.89 36.06
N ALA B 391 11.91 -36.63 36.04
CA ALA B 391 13.02 -36.29 35.15
C ALA B 391 12.66 -36.55 33.71
N THR B 392 12.92 -35.56 32.87
CA THR B 392 12.66 -35.66 31.44
C THR B 392 13.66 -34.74 30.76
N GLU B 393 14.02 -35.03 29.52
CA GLU B 393 15.09 -34.28 28.85
C GLU B 393 14.60 -32.91 28.42
N THR B 394 15.52 -31.96 28.27
CA THR B 394 15.14 -30.66 27.71
C THR B 394 14.53 -30.90 26.33
N GLY B 395 13.44 -30.19 26.06
CA GLY B 395 12.73 -30.34 24.80
C GLY B 395 11.63 -31.38 24.87
N THR B 396 11.34 -31.87 26.08
CA THR B 396 10.28 -32.86 26.26
C THR B 396 9.34 -32.48 27.40
N ALA B 397 8.32 -33.31 27.60
CA ALA B 397 7.39 -33.11 28.70
C ALA B 397 6.94 -34.45 29.25
N ARG B 398 6.71 -34.52 30.55
CA ARG B 398 6.39 -35.77 31.19
C ARG B 398 5.15 -35.69 32.04
N MET B 399 4.22 -36.61 31.80
CA MET B 399 2.97 -36.64 32.54
C MET B 399 3.16 -37.35 33.88
N THR B 400 2.73 -36.69 34.94
CA THR B 400 2.72 -37.29 36.28
C THR B 400 1.39 -36.92 36.91
N VAL B 401 1.00 -37.67 37.93
CA VAL B 401 -0.28 -37.41 38.58
C VAL B 401 -0.10 -37.42 40.09
N CYS B 402 -0.62 -36.38 40.74
CA CYS B 402 -0.66 -36.33 42.18
C CYS B 402 -2.12 -36.35 42.60
N LEU B 403 -2.55 -37.46 43.19
CA LEU B 403 -3.94 -37.62 43.56
C LEU B 403 -4.85 -37.33 42.37
N GLY B 404 -5.70 -36.31 42.47
CA GLY B 404 -6.65 -36.03 41.40
C GLY B 404 -6.17 -35.05 40.34
N LYS B 405 -4.87 -34.82 40.24
CA LYS B 405 -4.37 -33.76 39.36
C LYS B 405 -3.23 -34.18 38.44
N LYS B 406 -3.33 -33.81 37.17
CA LYS B 406 -2.28 -34.11 36.22
C LYS B 406 -1.26 -32.97 36.21
N VAL B 407 -0.04 -33.29 36.64
CA VAL B 407 1.05 -32.33 36.57
C VAL B 407 2.00 -32.75 35.46
N ILE B 408 2.07 -31.91 34.42
CA ILE B 408 2.94 -32.12 33.27
C ILE B 408 4.20 -31.28 33.38
N HIS B 409 5.35 -31.93 33.50
CA HIS B 409 6.61 -31.22 33.61
C HIS B 409 7.21 -30.99 32.23
N ALA B 410 7.26 -29.73 31.83
CA ALA B 410 7.84 -29.38 30.55
C ALA B 410 9.15 -28.67 30.81
N VAL B 411 10.22 -29.14 30.18
CA VAL B 411 11.54 -28.57 30.42
C VAL B 411 11.97 -27.70 29.24
N GLY B 412 11.96 -26.40 29.45
CA GLY B 412 12.41 -25.47 28.44
C GLY B 412 13.92 -25.46 28.40
N PRO B 413 14.50 -24.93 27.32
CA PRO B 413 15.94 -24.80 27.21
C PRO B 413 16.50 -23.69 28.10
N ASP B 414 17.71 -23.89 28.61
CA ASP B 414 18.47 -22.81 29.22
C ASP B 414 19.16 -22.14 28.04
N PHE B 415 18.84 -20.88 27.80
CA PHE B 415 19.37 -20.19 26.63
C PHE B 415 20.88 -19.90 26.75
N ARG B 416 21.42 -20.02 27.95
CA ARG B 416 22.86 -19.83 28.14
C ARG B 416 23.62 -21.04 27.63
N LYS B 417 22.98 -22.21 27.65
CA LYS B 417 23.65 -23.45 27.29
C LYS B 417 23.37 -23.88 25.83
N HIS B 418 22.62 -23.08 25.08
CA HIS B 418 22.28 -23.46 23.71
C HIS B 418 22.30 -22.29 22.74
N PRO B 419 22.70 -22.55 21.49
CA PRO B 419 22.63 -21.55 20.41
C PRO B 419 21.17 -21.22 20.08
N GLU B 420 20.92 -19.98 19.63
CA GLU B 420 19.55 -19.47 19.57
C GLU B 420 18.60 -20.30 18.71
N ALA B 421 19.07 -20.82 17.58
CA ALA B 421 18.18 -21.60 16.72
C ALA B 421 17.82 -22.92 17.38
N GLU B 422 18.83 -23.59 17.91
CA GLU B 422 18.66 -24.89 18.55
C GLU B 422 17.78 -24.76 19.79
N ALA B 423 18.03 -23.71 20.57
CA ALA B 423 17.21 -23.41 21.73
C ALA B 423 15.75 -23.21 21.32
N LEU B 424 15.54 -22.42 20.27
CA LEU B 424 14.20 -22.15 19.79
C LEU B 424 13.47 -23.45 19.48
N LYS B 425 14.15 -24.36 18.81
CA LYS B 425 13.53 -25.64 18.47
C LYS B 425 13.16 -26.42 19.72
N LEU B 426 14.06 -26.45 20.71
CA LEU B 426 13.81 -27.18 21.96
C LEU B 426 12.62 -26.64 22.72
N LEU B 427 12.49 -25.33 22.77
CA LEU B 427 11.39 -24.68 23.49
C LEU B 427 10.09 -25.07 22.81
N GLN B 428 10.07 -24.93 21.49
CA GLN B 428 8.91 -25.29 20.69
C GLN B 428 8.53 -26.74 20.89
N ASN B 429 9.52 -27.61 21.00
CA ASN B 429 9.29 -29.05 21.13
C ASN B 429 8.72 -29.39 22.49
N ALA B 430 9.13 -28.63 23.50
CA ALA B 430 8.60 -28.79 24.85
C ALA B 430 7.11 -28.52 24.83
N TYR B 431 6.75 -27.38 24.25
CA TYR B 431 5.33 -27.03 24.12
C TYR B 431 4.57 -28.06 23.29
N HIS B 432 5.19 -28.59 22.25
CA HIS B 432 4.54 -29.60 21.42
C HIS B 432 4.27 -30.85 22.25
N ALA B 433 5.19 -31.15 23.17
CA ALA B 433 5.07 -32.33 24.02
C ALA B 433 3.90 -32.15 25.00
N VAL B 434 3.77 -30.95 25.52
CA VAL B 434 2.61 -30.63 26.34
C VAL B 434 1.34 -30.89 25.55
N ALA B 435 1.33 -30.42 24.30
CA ALA B 435 0.16 -30.59 23.43
C ALA B 435 -0.12 -32.06 23.13
N ASP B 436 0.92 -32.85 22.94
CA ASP B 436 0.74 -34.25 22.61
C ASP B 436 -0.01 -34.90 23.76
N LEU B 437 0.43 -34.58 24.97
CA LEU B 437 -0.20 -35.11 26.17
C LEU B 437 -1.64 -34.65 26.32
N VAL B 438 -1.89 -33.37 26.08
CA VAL B 438 -3.23 -32.81 26.22
C VAL B 438 -4.20 -33.58 25.34
N ASN B 439 -3.77 -33.87 24.12
CA ASN B 439 -4.60 -34.61 23.17
C ASN B 439 -4.76 -36.09 23.50
N GLU B 440 -3.67 -36.74 23.92
CA GLU B 440 -3.69 -38.18 24.15
C GLU B 440 -4.60 -38.51 25.34
N HIS B 441 -4.63 -37.62 26.32
CA HIS B 441 -5.47 -37.77 27.49
C HIS B 441 -6.79 -36.98 27.49
N ASN B 442 -7.11 -36.35 26.37
CA ASN B 442 -8.31 -35.54 26.24
C ASN B 442 -8.48 -34.57 27.41
N ILE B 443 -7.40 -33.85 27.71
CA ILE B 443 -7.41 -32.86 28.76
C ILE B 443 -8.21 -31.64 28.30
N LYS B 444 -9.22 -31.28 29.09
CA LYS B 444 -10.16 -30.24 28.69
C LYS B 444 -9.64 -28.84 28.91
N SER B 445 -8.87 -28.66 29.98
CA SER B 445 -8.28 -27.36 30.28
C SER B 445 -6.88 -27.54 30.86
N VAL B 446 -6.00 -26.60 30.54
CA VAL B 446 -4.64 -26.67 31.04
C VAL B 446 -4.16 -25.29 31.46
N ALA B 447 -3.56 -25.23 32.65
CA ALA B 447 -2.89 -24.04 33.14
C ALA B 447 -1.43 -24.17 32.77
N ILE B 448 -0.86 -23.12 32.18
CA ILE B 448 0.52 -23.21 31.73
C ILE B 448 1.26 -21.89 31.89
N PRO B 449 2.53 -21.95 32.34
CA PRO B 449 3.38 -20.75 32.42
C PRO B 449 4.19 -20.60 31.14
N LEU B 450 4.94 -19.52 30.99
CA LEU B 450 5.76 -19.38 29.79
C LEU B 450 7.12 -19.98 30.05
N LEU B 451 7.41 -21.07 29.35
CA LEU B 451 8.64 -21.81 29.56
C LEU B 451 9.82 -20.91 29.21
N SER B 452 10.90 -21.05 29.98
CA SER B 452 12.16 -20.37 29.69
C SER B 452 12.11 -18.84 29.79
N THR B 453 11.18 -18.30 30.59
CA THR B 453 11.20 -16.87 30.90
C THR B 453 11.86 -16.61 32.27
N GLY B 454 12.18 -17.69 32.98
CA GLY B 454 12.88 -17.59 34.25
C GLY B 454 14.38 -17.58 34.02
N ILE B 455 15.14 -18.14 34.95
CA ILE B 455 16.60 -18.10 34.87
C ILE B 455 17.11 -18.62 33.53
N TYR B 456 16.37 -19.54 32.91
CA TYR B 456 16.72 -20.04 31.59
C TYR B 456 16.66 -18.96 30.50
N ALA B 457 16.08 -17.81 30.83
CA ALA B 457 15.95 -16.70 29.87
C ALA B 457 17.29 -16.04 29.55
N ALA B 458 18.29 -16.28 30.39
CA ALA B 458 19.62 -15.72 30.18
C ALA B 458 19.58 -14.18 30.19
N GLY B 459 18.85 -13.62 31.14
CA GLY B 459 18.86 -12.19 31.39
C GLY B 459 18.17 -11.31 30.35
N LYS B 460 17.53 -11.91 29.37
CA LYS B 460 16.85 -11.15 28.32
C LYS B 460 15.36 -11.52 28.34
N ASP B 461 14.52 -10.69 27.73
CA ASP B 461 13.06 -10.85 27.85
C ASP B 461 12.54 -11.76 26.73
N ARG B 462 12.13 -12.96 27.12
CA ARG B 462 11.72 -14.00 26.20
C ARG B 462 10.19 -14.14 26.04
N LEU B 463 9.42 -13.22 26.62
CA LEU B 463 7.96 -13.33 26.62
C LEU B 463 7.35 -13.61 25.24
N GLU B 464 7.60 -12.73 24.27
CA GLU B 464 6.94 -12.85 22.97
C GLU B 464 7.26 -14.20 22.29
N VAL B 465 8.51 -14.65 22.42
CA VAL B 465 8.96 -15.88 21.77
C VAL B 465 8.35 -17.13 22.40
N SER B 466 8.34 -17.17 23.73
CA SER B 466 7.76 -18.28 24.46
C SER B 466 6.26 -18.39 24.17
N LEU B 467 5.59 -17.24 24.11
CA LEU B 467 4.14 -17.22 23.90
C LEU B 467 3.79 -17.67 22.50
N ASN B 468 4.62 -17.29 21.53
CA ASN B 468 4.39 -17.74 20.16
C ASN B 468 4.57 -19.25 20.04
N CYS B 469 5.57 -19.80 20.70
CA CYS B 469 5.76 -21.24 20.68
C CYS B 469 4.60 -21.96 21.36
N LEU B 470 4.11 -21.35 22.45
CA LEU B 470 3.00 -21.91 23.20
C LEU B 470 1.76 -22.08 22.31
N THR B 471 1.36 -20.98 21.66
CA THR B 471 0.15 -21.02 20.84
C THR B 471 0.31 -21.89 19.60
N THR B 472 1.51 -21.88 19.03
CA THR B 472 1.82 -22.72 17.88
C THR B 472 1.52 -24.18 18.25
N ALA B 473 1.94 -24.57 19.44
CA ALA B 473 1.71 -25.93 19.90
C ALA B 473 0.25 -26.19 20.30
N LEU B 474 -0.32 -25.26 21.06
CA LEU B 474 -1.61 -25.51 21.71
C LEU B 474 -2.83 -25.11 20.88
N ASP B 475 -2.61 -24.47 19.74
CA ASP B 475 -3.68 -24.31 18.75
C ASP B 475 -4.01 -25.69 18.19
N ARG B 476 -3.07 -26.61 18.37
CA ARG B 476 -3.18 -27.98 17.93
C ARG B 476 -3.82 -28.91 18.96
N THR B 477 -4.46 -28.33 19.97
CA THR B 477 -5.30 -29.11 20.88
C THR B 477 -6.71 -28.54 20.91
N ASP B 478 -7.61 -29.24 21.61
CA ASP B 478 -8.96 -28.75 21.86
C ASP B 478 -9.13 -28.13 23.25
N ALA B 479 -8.03 -28.02 23.99
CA ALA B 479 -8.09 -27.60 25.38
C ALA B 479 -8.26 -26.09 25.52
N ASP B 480 -8.99 -25.68 26.55
CA ASP B 480 -8.97 -24.29 26.97
C ASP B 480 -7.65 -24.07 27.68
N VAL B 481 -6.96 -22.99 27.33
CA VAL B 481 -5.65 -22.71 27.90
C VAL B 481 -5.68 -21.45 28.76
N THR B 482 -5.18 -21.59 29.99
CA THR B 482 -5.05 -20.46 30.89
C THR B 482 -3.58 -20.22 31.16
N ILE B 483 -3.07 -19.10 30.64
CA ILE B 483 -1.70 -18.70 30.87
C ILE B 483 -1.59 -17.93 32.17
N TYR B 484 -0.76 -18.45 33.08
CA TYR B 484 -0.58 -17.86 34.41
C TYR B 484 0.70 -17.05 34.41
N CYS B 485 0.66 -15.83 34.93
CA CYS B 485 1.90 -15.06 34.99
C CYS B 485 2.07 -14.14 36.18
N LEU B 486 3.22 -14.27 36.83
CA LEU B 486 4.09 -13.14 37.10
C LEU B 486 3.43 -11.79 37.44
N ASP B 487 3.80 -10.81 36.60
CA ASP B 487 3.70 -9.39 36.88
C ASP B 487 2.66 -8.73 35.98
N LYS B 488 2.07 -7.66 36.49
CA LYS B 488 1.00 -6.95 35.79
C LYS B 488 1.42 -6.49 34.39
N LYS B 489 2.67 -6.08 34.22
CA LYS B 489 3.15 -5.62 32.92
C LYS B 489 3.17 -6.78 31.92
N TRP B 490 3.67 -7.93 32.38
CA TRP B 490 3.71 -9.12 31.56
C TRP B 490 2.31 -9.62 31.20
N LYS B 491 1.36 -9.52 32.13
CA LYS B 491 0.00 -9.93 31.84
C LYS B 491 -0.62 -9.04 30.77
N GLU B 492 -0.38 -7.73 30.87
CA GLU B 492 -0.92 -6.80 29.88
C GLU B 492 -0.39 -7.13 28.50
N ARG B 493 0.91 -7.39 28.40
CA ARG B 493 1.52 -7.73 27.11
C ARG B 493 0.94 -9.02 26.55
N ILE B 494 0.70 -10.00 27.42
CA ILE B 494 0.14 -11.27 26.97
C ILE B 494 -1.27 -11.12 26.46
N ASP B 495 -2.07 -10.34 27.16
CA ASP B 495 -3.46 -10.09 26.78
C ASP B 495 -3.50 -9.39 25.44
N ALA B 496 -2.56 -8.46 25.24
CA ALA B 496 -2.47 -7.71 23.99
C ALA B 496 -2.19 -8.65 22.83
N ALA B 497 -1.23 -9.56 23.02
CA ALA B 497 -0.88 -10.54 22.01
C ALA B 497 -2.04 -11.48 21.66
N LEU B 498 -2.74 -11.95 22.69
CA LEU B 498 -3.80 -12.92 22.50
C LEU B 498 -4.97 -12.27 21.80
N GLN B 499 -5.20 -11.00 22.12
CA GLN B 499 -6.30 -10.25 21.54
C GLN B 499 -6.01 -10.05 20.07
N LEU B 500 -4.75 -9.73 19.78
CA LEU B 500 -4.25 -9.62 18.41
C LEU B 500 -4.47 -10.90 17.64
N LYS B 501 -4.12 -12.01 18.27
CA LYS B 501 -4.15 -13.30 17.59
C LYS B 501 -5.58 -13.71 17.31
N GLU B 502 -6.48 -13.32 18.22
CA GLU B 502 -7.87 -13.76 18.15
C GLU B 502 -8.68 -13.03 17.07
N SER B 503 -8.28 -11.82 16.69
CA SER B 503 -9.04 -11.09 15.68
C SER B 503 -8.46 -11.32 14.29
N VAL B 504 -9.21 -12.03 13.46
CA VAL B 504 -8.85 -12.20 12.07
C VAL B 504 -9.86 -11.45 11.23
N THR B 505 -9.47 -10.26 10.76
CA THR B 505 -10.38 -9.42 9.98
C THR B 505 -10.06 -9.41 8.49
N GLU B 506 -8.96 -10.04 8.10
CA GLU B 506 -8.51 -9.98 6.71
C GLU B 506 -7.67 -11.19 6.31
N LEU B 507 -7.69 -11.48 5.02
CA LEU B 507 -6.98 -12.62 4.46
C LEU B 507 -5.51 -12.30 4.26
N LYS B 508 -4.69 -13.32 4.46
CA LYS B 508 -3.27 -13.17 4.25
C LYS B 508 -2.91 -13.37 2.78
N ASP B 509 -3.83 -13.98 2.04
CA ASP B 509 -3.69 -14.13 0.60
C ASP B 509 -5.07 -14.30 -0.02
N GLU B 510 -5.22 -13.91 -1.28
CA GLU B 510 -6.51 -14.02 -1.96
C GLU B 510 -6.73 -15.29 -2.75
N ASP B 511 -5.69 -16.10 -2.93
CA ASP B 511 -5.83 -17.30 -3.76
C ASP B 511 -6.43 -18.42 -2.93
N MET B 512 -7.63 -18.82 -3.33
CA MET B 512 -8.47 -19.69 -2.53
C MET B 512 -8.40 -21.17 -2.90
N GLU B 513 -7.59 -21.56 -3.87
CA GLU B 513 -7.56 -22.98 -4.19
C GLU B 513 -6.93 -23.83 -3.10
N ILE B 514 -7.43 -25.05 -3.07
CA ILE B 514 -6.95 -26.09 -2.21
C ILE B 514 -6.01 -26.90 -3.08
N ASP B 515 -4.71 -26.77 -2.84
CA ASP B 515 -3.72 -27.45 -3.66
C ASP B 515 -3.25 -28.65 -2.85
N ASP B 516 -3.78 -29.83 -3.20
CA ASP B 516 -3.49 -31.04 -2.46
C ASP B 516 -2.32 -31.75 -3.11
N GLU B 517 -1.88 -31.19 -4.23
CA GLU B 517 -0.82 -31.75 -5.02
C GLU B 517 0.49 -31.33 -4.39
N LEU B 518 0.51 -30.09 -3.95
CA LEU B 518 1.73 -29.37 -3.63
C LEU B 518 2.53 -29.92 -2.45
N VAL B 519 3.83 -30.13 -2.68
CA VAL B 519 4.74 -30.54 -1.62
C VAL B 519 5.71 -29.41 -1.30
N TRP B 520 5.87 -29.14 -0.01
CA TRP B 520 6.78 -28.12 0.46
C TRP B 520 8.17 -28.75 0.53
N ILE B 521 9.13 -28.14 -0.15
CA ILE B 521 10.49 -28.68 -0.23
C ILE B 521 11.56 -27.75 0.34
N HIS B 522 12.69 -28.34 0.69
CA HIS B 522 13.85 -27.60 1.18
C HIS B 522 14.32 -26.58 0.11
N PRO B 523 14.77 -25.37 0.55
CA PRO B 523 15.17 -24.32 -0.41
C PRO B 523 16.30 -24.71 -1.36
N ASP B 524 17.22 -25.55 -0.88
CA ASP B 524 18.34 -26.03 -1.69
C ASP B 524 17.99 -27.28 -2.49
N SER B 525 16.72 -27.70 -2.44
CA SER B 525 16.26 -28.87 -3.18
C SER B 525 16.43 -28.64 -4.68
N CYS B 526 16.74 -29.70 -5.41
CA CYS B 526 16.90 -29.61 -6.86
C CYS B 526 15.56 -29.69 -7.59
N LEU B 527 14.48 -29.84 -6.84
CA LEU B 527 13.13 -29.92 -7.41
C LEU B 527 12.51 -28.52 -7.54
N LYS B 528 13.21 -27.52 -7.05
CA LYS B 528 12.72 -26.14 -7.14
C LYS B 528 12.42 -25.79 -8.59
N GLY B 529 11.24 -25.18 -8.81
CA GLY B 529 10.82 -24.79 -10.15
C GLY B 529 9.96 -25.83 -10.82
N ARG B 530 10.02 -27.06 -10.32
CA ARG B 530 9.25 -28.16 -10.89
C ARG B 530 7.79 -28.14 -10.41
N LYS B 531 6.89 -28.56 -11.30
CA LYS B 531 5.47 -28.59 -10.98
C LYS B 531 5.21 -29.60 -9.88
N GLY B 532 4.37 -29.23 -8.92
CA GLY B 532 4.01 -30.11 -7.82
C GLY B 532 4.81 -29.85 -6.56
N PHE B 533 5.83 -28.99 -6.67
CA PHE B 533 6.72 -28.70 -5.56
C PHE B 533 6.93 -27.20 -5.35
N SER B 534 7.09 -26.81 -4.10
CA SER B 534 7.27 -25.41 -3.75
C SER B 534 8.22 -25.19 -2.57
N THR B 535 8.97 -24.10 -2.65
CA THR B 535 9.93 -23.70 -1.62
C THR B 535 9.27 -22.96 -0.44
N THR B 536 8.20 -22.25 -0.74
CA THR B 536 7.51 -21.43 0.26
C THR B 536 6.23 -22.00 0.89
N LYS B 537 5.75 -23.14 0.40
CA LYS B 537 4.46 -23.64 0.89
C LYS B 537 4.17 -25.08 0.45
N GLY B 538 3.05 -25.63 0.93
CA GLY B 538 2.66 -27.00 0.65
C GLY B 538 2.72 -28.00 1.79
N LYS B 539 2.44 -29.27 1.50
CA LYS B 539 2.40 -30.31 2.52
C LYS B 539 3.81 -30.72 2.96
N LEU B 540 3.92 -31.20 4.20
CA LEU B 540 5.22 -31.41 4.83
C LEU B 540 5.75 -32.84 4.81
N TYR B 541 5.02 -33.74 4.15
CA TYR B 541 5.44 -35.14 4.07
C TYR B 541 5.25 -35.68 2.66
N SER B 542 6.21 -36.44 2.16
CA SER B 542 6.08 -37.06 0.85
C SER B 542 6.92 -38.32 0.68
N TYR B 543 6.47 -39.22 -0.19
CA TYR B 543 7.28 -40.35 -0.61
C TYR B 543 8.09 -39.99 -1.86
N PHE B 544 7.78 -38.83 -2.44
CA PHE B 544 8.48 -38.34 -3.63
C PHE B 544 8.37 -39.32 -4.79
N GLU B 545 7.29 -40.11 -4.79
CA GLU B 545 7.05 -41.04 -5.87
C GLU B 545 6.96 -40.25 -7.17
N GLY B 546 7.47 -40.82 -8.26
CA GLY B 546 7.51 -40.12 -9.53
C GLY B 546 8.81 -39.37 -9.72
N THR B 547 9.69 -39.44 -8.73
CA THR B 547 11.05 -38.91 -8.83
C THR B 547 12.07 -39.98 -8.48
N LYS B 548 13.35 -39.61 -8.54
CA LYS B 548 14.44 -40.53 -8.25
C LYS B 548 14.73 -40.65 -6.76
N PHE B 549 14.07 -39.81 -5.96
CA PHE B 549 14.22 -39.85 -4.51
C PHE B 549 13.24 -40.81 -3.87
N HIS B 550 12.38 -41.40 -4.68
CA HIS B 550 11.37 -42.32 -4.19
C HIS B 550 11.99 -43.42 -3.33
N GLN B 551 13.03 -44.06 -3.82
CA GLN B 551 13.61 -45.19 -3.11
C GLN B 551 14.10 -44.81 -1.73
N ALA B 552 14.87 -43.72 -1.65
CA ALA B 552 15.37 -43.24 -0.36
C ALA B 552 14.20 -42.96 0.58
N ALA B 553 13.11 -42.40 0.06
CA ALA B 553 11.95 -42.11 0.88
C ALA B 553 11.31 -43.38 1.45
N LYS B 554 11.11 -44.39 0.62
CA LYS B 554 10.48 -45.64 1.07
C LYS B 554 11.32 -46.30 2.15
N ASP B 555 12.64 -46.30 1.95
CA ASP B 555 13.54 -46.95 2.88
C ASP B 555 13.59 -46.23 4.23
N MET B 556 13.69 -44.90 4.21
CA MET B 556 13.64 -44.10 5.44
C MET B 556 12.36 -44.38 6.20
N ALA B 557 11.26 -44.40 5.47
CA ALA B 557 9.96 -44.63 6.05
C ALA B 557 9.97 -46.00 6.74
N GLU B 558 10.54 -46.99 6.06
CA GLU B 558 10.56 -48.34 6.59
C GLU B 558 11.43 -48.44 7.84
N ILE B 559 12.52 -47.67 7.87
CA ILE B 559 13.43 -47.70 9.00
C ILE B 559 12.69 -47.18 10.22
N LYS B 560 11.89 -46.14 10.03
CA LYS B 560 11.09 -45.59 11.12
C LYS B 560 10.01 -46.56 11.57
N VAL B 561 9.54 -47.43 10.67
CA VAL B 561 8.56 -48.44 11.04
C VAL B 561 9.19 -49.49 11.94
N LEU B 562 10.41 -49.89 11.60
CA LEU B 562 11.12 -50.91 12.36
C LEU B 562 11.62 -50.34 13.69
N PHE B 563 11.87 -49.04 13.71
CA PHE B 563 12.44 -48.37 14.89
C PHE B 563 11.60 -47.15 15.25
N PRO B 564 10.50 -47.38 15.96
CA PRO B 564 9.56 -46.32 16.35
C PRO B 564 10.22 -45.18 17.12
N ASN B 565 11.29 -45.47 17.86
CA ASN B 565 12.02 -44.42 18.56
C ASN B 565 12.77 -43.54 17.57
N ASP B 566 12.50 -42.24 17.60
CA ASP B 566 13.07 -41.34 16.61
C ASP B 566 14.60 -41.41 16.58
N GLN B 567 15.22 -41.49 17.74
CA GLN B 567 16.68 -41.45 17.80
C GLN B 567 17.34 -42.75 17.30
N GLU B 568 16.79 -43.89 17.68
CA GLU B 568 17.29 -45.16 17.18
C GLU B 568 17.08 -45.23 15.67
N SER B 569 15.94 -44.70 15.23
CA SER B 569 15.61 -44.66 13.81
C SER B 569 16.67 -43.87 13.02
N ASN B 570 17.00 -42.69 13.52
CA ASN B 570 17.97 -41.83 12.84
C ASN B 570 19.37 -42.43 12.89
N GLU B 571 19.65 -43.19 13.94
CA GLU B 571 20.92 -43.90 14.02
C GLU B 571 21.03 -44.91 12.89
N GLN B 572 19.98 -45.70 12.69
CA GLN B 572 19.94 -46.66 11.60
C GLN B 572 19.98 -45.96 10.26
N LEU B 573 19.38 -44.78 10.18
CA LEU B 573 19.39 -44.03 8.93
C LEU B 573 20.81 -43.61 8.61
N CYS B 574 21.59 -43.28 9.64
CA CYS B 574 22.99 -42.92 9.43
C CYS B 574 23.74 -44.14 8.91
N ALA B 575 23.51 -45.30 9.51
CA ALA B 575 24.08 -46.56 9.04
C ALA B 575 23.76 -46.80 7.57
N TYR B 576 22.53 -46.49 7.20
CA TYR B 576 22.02 -46.71 5.85
C TYR B 576 22.72 -45.78 4.85
N ILE B 577 22.94 -44.54 5.27
CA ILE B 577 23.60 -43.54 4.46
C ILE B 577 25.03 -44.00 4.15
N LEU B 578 25.59 -44.76 5.09
CA LEU B 578 27.00 -45.17 5.02
C LEU B 578 27.17 -46.46 4.22
N GLY B 579 26.08 -46.94 3.61
CA GLY B 579 26.13 -48.12 2.78
C GLY B 579 25.44 -49.36 3.33
N GLU B 580 25.13 -49.38 4.62
CA GLU B 580 24.46 -50.55 5.19
C GLU B 580 23.16 -50.79 4.43
N THR B 581 22.86 -52.05 4.12
CA THR B 581 21.70 -52.35 3.30
C THR B 581 20.41 -52.43 4.12
N MET B 582 19.28 -52.71 3.46
CA MET B 582 17.98 -52.75 4.12
C MET B 582 17.77 -54.13 4.74
N GLU B 583 18.15 -55.16 3.99
CA GLU B 583 18.09 -56.54 4.45
C GLU B 583 18.67 -56.62 5.87
N ALA B 584 19.80 -55.96 6.04
CA ALA B 584 20.55 -55.97 7.29
C ALA B 584 19.79 -55.26 8.41
N ILE B 585 19.19 -54.13 8.08
CA ILE B 585 18.47 -53.32 9.05
C ILE B 585 17.24 -54.07 9.56
N ARG B 586 16.63 -54.85 8.65
CA ARG B 586 15.44 -55.62 8.96
C ARG B 586 15.78 -56.79 9.88
N GLU B 587 16.96 -57.39 9.65
CA GLU B 587 17.49 -58.40 10.56
C GLU B 587 17.75 -57.81 11.95
N LYS B 588 18.29 -56.59 11.98
CA LYS B 588 18.57 -55.89 13.22
C LYS B 588 17.31 -55.65 14.07
N CYS B 589 16.14 -55.75 13.45
CA CYS B 589 14.88 -55.60 14.19
C CYS B 589 14.44 -56.96 14.73
N PRO B 590 14.23 -57.04 16.05
CA PRO B 590 13.99 -58.34 16.70
C PRO B 590 12.74 -59.07 16.24
N VAL B 591 11.84 -58.36 15.56
CA VAL B 591 10.49 -58.89 15.37
C VAL B 591 10.01 -58.61 13.94
N ASP B 592 8.83 -59.10 13.62
CA ASP B 592 8.28 -58.99 12.27
C ASP B 592 8.03 -57.54 11.85
N HIS B 593 7.63 -57.37 10.60
CA HIS B 593 7.44 -56.06 9.98
C HIS B 593 6.02 -55.77 9.48
N ASN B 594 5.66 -54.49 9.44
CA ASN B 594 4.43 -54.06 8.79
C ASN B 594 4.71 -53.69 7.33
N PRO B 595 3.82 -54.07 6.41
CA PRO B 595 3.93 -53.66 5.00
C PRO B 595 3.79 -52.15 4.78
N SER B 596 3.29 -51.42 5.79
CA SER B 596 2.96 -50.01 5.65
C SER B 596 3.94 -49.10 6.40
N SER B 597 4.07 -47.87 5.90
CA SER B 597 4.91 -46.87 6.54
C SER B 597 4.22 -45.51 6.46
N SER B 598 4.93 -44.46 6.87
CA SER B 598 4.41 -43.09 6.78
C SER B 598 5.34 -42.23 5.94
N PRO B 599 4.77 -41.26 5.20
CA PRO B 599 5.61 -40.38 4.38
C PRO B 599 6.62 -39.59 5.21
N PRO B 600 7.89 -39.60 4.81
CA PRO B 600 8.96 -38.89 5.52
C PRO B 600 8.76 -37.39 5.54
N LYS B 601 9.28 -36.70 6.55
CA LYS B 601 9.22 -35.25 6.58
C LYS B 601 10.01 -34.70 5.40
N THR B 602 9.46 -33.71 4.70
CA THR B 602 10.17 -33.10 3.60
C THR B 602 10.98 -31.89 4.06
N LEU B 603 10.69 -31.44 5.28
CA LEU B 603 11.28 -30.20 5.77
C LEU B 603 11.58 -30.24 7.27
N PRO B 604 12.49 -31.13 7.67
CA PRO B 604 12.89 -31.30 9.09
C PRO B 604 13.62 -30.08 9.67
N CYS B 605 14.39 -29.42 8.80
CA CYS B 605 15.04 -28.17 9.14
C CYS B 605 15.35 -27.44 7.85
N LEU B 606 15.76 -26.17 7.96
CA LEU B 606 16.09 -25.38 6.77
C LEU B 606 17.59 -25.28 6.47
N CYS B 607 18.42 -25.91 7.30
CA CYS B 607 19.87 -25.80 7.13
C CYS B 607 20.38 -26.78 6.09
N MET B 608 21.67 -26.71 5.78
CA MET B 608 22.24 -27.48 4.68
C MET B 608 22.33 -28.97 4.95
N TYR B 609 22.19 -29.35 6.23
CA TYR B 609 22.32 -30.75 6.62
C TYR B 609 20.96 -31.45 6.73
N ALA B 610 19.89 -30.73 6.42
CA ALA B 610 18.55 -31.26 6.60
C ALA B 610 18.40 -32.64 5.97
N MET B 611 17.86 -33.62 6.69
CA MET B 611 17.86 -34.96 6.12
C MET B 611 16.53 -35.19 5.45
N THR B 612 16.52 -34.87 4.16
CA THR B 612 15.38 -35.14 3.31
C THR B 612 15.65 -36.43 2.55
N PRO B 613 14.60 -37.08 2.04
CA PRO B 613 14.90 -38.21 1.17
C PRO B 613 15.90 -37.79 0.11
N GLU B 614 15.89 -36.51 -0.28
CA GLU B 614 16.83 -36.01 -1.27
C GLU B 614 18.28 -36.10 -0.76
N ARG B 615 18.56 -35.51 0.40
CA ARG B 615 19.93 -35.52 0.92
C ARG B 615 20.39 -36.95 1.19
N VAL B 616 19.46 -37.77 1.67
CA VAL B 616 19.76 -39.18 1.92
C VAL B 616 20.20 -39.83 0.62
N HIS B 617 19.47 -39.54 -0.46
CA HIS B 617 19.75 -40.16 -1.74
C HIS B 617 21.11 -39.73 -2.30
N ARG B 618 21.41 -38.45 -2.19
CA ARG B 618 22.67 -37.94 -2.73
C ARG B 618 23.86 -38.56 -2.01
N LEU B 619 23.80 -38.59 -0.68
CA LEU B 619 24.87 -39.14 0.12
C LEU B 619 25.08 -40.63 -0.16
N ARG B 620 24.00 -41.40 -0.19
CA ARG B 620 24.11 -42.84 -0.38
C ARG B 620 24.59 -43.18 -1.78
N SER B 621 24.22 -42.36 -2.75
CA SER B 621 24.62 -42.59 -4.14
C SER B 621 26.09 -42.19 -4.39
N ASN B 622 26.63 -41.36 -3.50
CA ASN B 622 28.03 -40.97 -3.57
C ASN B 622 28.93 -41.86 -2.71
N ASN B 623 28.32 -42.86 -2.06
CA ASN B 623 29.07 -43.77 -1.20
C ASN B 623 29.98 -42.98 -0.28
N VAL B 624 29.42 -41.97 0.39
CA VAL B 624 30.19 -41.18 1.33
C VAL B 624 30.74 -42.08 2.42
N LYS B 625 31.97 -41.80 2.86
CA LYS B 625 32.57 -42.57 3.93
C LYS B 625 32.18 -42.00 5.30
N GLU B 626 31.67 -40.79 5.32
CA GLU B 626 31.20 -40.14 6.55
C GLU B 626 30.03 -39.21 6.28
N VAL B 627 29.29 -38.86 7.33
CA VAL B 627 28.16 -37.95 7.21
C VAL B 627 28.10 -36.96 8.37
N THR B 628 27.69 -35.73 8.08
CA THR B 628 27.45 -34.74 9.12
C THR B 628 25.95 -34.59 9.34
N VAL B 629 25.53 -34.60 10.60
CA VAL B 629 24.12 -34.55 10.95
C VAL B 629 23.84 -33.41 11.92
N CYS B 630 22.75 -32.67 11.68
CA CYS B 630 22.41 -31.54 12.54
C CYS B 630 21.49 -31.94 13.71
N SER B 631 21.20 -30.96 14.56
CA SER B 631 20.44 -31.20 15.80
C SER B 631 18.95 -31.36 15.56
N SER B 632 18.48 -31.00 14.37
CA SER B 632 17.08 -31.21 14.00
C SER B 632 16.89 -32.65 13.53
N THR B 633 17.97 -33.42 13.55
CA THR B 633 17.92 -34.87 13.37
C THR B 633 18.46 -35.53 14.63
N PRO B 634 17.61 -35.70 15.66
CA PRO B 634 18.03 -36.21 16.97
C PRO B 634 18.71 -37.57 16.87
N LEU B 635 19.79 -37.72 17.63
CA LEU B 635 20.52 -38.98 17.70
C LEU B 635 20.66 -39.39 19.16
N PRO B 636 21.02 -40.67 19.42
CA PRO B 636 21.30 -41.08 20.79
C PRO B 636 22.41 -40.21 21.39
N LYS B 637 22.47 -40.14 22.72
CA LYS B 637 23.44 -39.26 23.38
C LYS B 637 24.87 -39.74 23.15
N HIS B 638 25.06 -41.04 22.99
CA HIS B 638 26.39 -41.60 22.77
C HIS B 638 26.90 -41.23 21.38
N LYS B 639 28.08 -41.72 21.01
CA LYS B 639 28.68 -41.32 19.76
C LYS B 639 28.58 -42.42 18.70
N ILE B 640 28.47 -42.01 17.45
CA ILE B 640 28.27 -42.94 16.34
C ILE B 640 29.42 -42.80 15.35
N LYS B 641 30.03 -43.92 15.00
CA LYS B 641 31.21 -43.89 14.14
C LYS B 641 30.87 -43.36 12.76
N ASN B 642 31.80 -42.57 12.21
CA ASN B 642 31.62 -41.93 10.91
C ASN B 642 30.44 -40.96 10.85
N VAL B 643 30.04 -40.45 12.01
CA VAL B 643 28.94 -39.50 12.08
C VAL B 643 29.34 -38.24 12.86
N GLN B 644 29.37 -37.12 12.15
CA GLN B 644 29.71 -35.83 12.74
C GLN B 644 28.44 -35.12 13.19
N LYS B 645 28.36 -34.82 14.49
CA LYS B 645 27.22 -34.08 15.02
C LYS B 645 27.52 -32.59 15.07
N VAL B 646 26.62 -31.80 14.51
CA VAL B 646 26.77 -30.34 14.52
C VAL B 646 25.43 -29.70 14.85
N GLN B 647 25.47 -28.42 15.19
CA GLN B 647 24.24 -27.72 15.54
C GLN B 647 23.49 -27.32 14.28
N CYS B 648 22.16 -27.30 14.36
CA CYS B 648 21.34 -26.81 13.27
C CYS B 648 21.19 -25.30 13.38
N THR B 649 21.59 -24.59 12.33
CA THR B 649 21.56 -23.12 12.34
C THR B 649 20.24 -22.48 11.90
N LYS B 650 19.39 -23.23 11.20
CA LYS B 650 18.06 -22.74 10.83
C LYS B 650 17.00 -23.84 10.99
N VAL B 651 15.96 -23.58 11.80
CA VAL B 651 15.04 -24.63 12.20
C VAL B 651 13.60 -24.40 11.78
N VAL B 652 12.79 -25.44 11.91
CA VAL B 652 11.36 -25.36 11.67
C VAL B 652 10.61 -25.71 12.95
N LEU B 653 9.46 -25.06 13.13
CA LEU B 653 8.72 -25.10 14.39
C LEU B 653 7.49 -26.04 14.50
N PHE B 654 7.24 -26.86 13.49
CA PHE B 654 6.09 -27.79 13.60
C PHE B 654 6.46 -29.05 14.39
N ASN B 655 5.46 -29.90 14.64
CA ASN B 655 5.65 -31.09 15.47
C ASN B 655 6.55 -32.13 14.79
N PRO B 656 7.70 -32.44 15.41
CA PRO B 656 8.71 -33.33 14.85
C PRO B 656 8.33 -34.81 14.84
N HIS B 657 7.45 -35.22 15.75
CA HIS B 657 7.04 -36.62 15.83
C HIS B 657 6.27 -37.05 14.58
N THR B 658 6.36 -38.34 14.26
CA THR B 658 5.51 -38.95 13.24
C THR B 658 4.07 -38.94 13.70
N PRO B 659 3.17 -38.37 12.90
CA PRO B 659 1.76 -38.38 13.33
C PRO B 659 1.33 -39.81 13.65
N ALA B 660 0.55 -39.98 14.71
CA ALA B 660 0.09 -41.30 15.11
C ALA B 660 -0.75 -41.88 13.99
N PHE B 661 -0.79 -43.19 13.92
CA PHE B 661 -1.51 -43.85 12.84
C PHE B 661 -2.01 -45.23 13.23
N VAL B 662 -2.82 -45.83 12.36
CA VAL B 662 -3.25 -47.21 12.51
C VAL B 662 -2.71 -48.00 11.35
N PRO B 663 -1.86 -49.00 11.63
CA PRO B 663 -1.38 -49.85 10.53
C PRO B 663 -2.57 -50.44 9.77
N ALA B 664 -2.55 -50.34 8.45
CA ALA B 664 -3.69 -50.77 7.64
C ALA B 664 -4.00 -52.25 7.83
N ARG B 665 -3.02 -53.04 8.26
CA ARG B 665 -3.23 -54.47 8.40
C ARG B 665 -4.45 -54.79 9.26
N LYS B 666 -4.74 -53.98 10.28
CA LYS B 666 -5.88 -54.27 11.14
C LYS B 666 -7.15 -54.45 10.33
N TYR B 667 -7.30 -53.66 9.28
CA TYR B 667 -8.49 -53.72 8.46
C TYR B 667 -8.17 -54.50 7.19
N ILE B 668 -8.65 -55.75 7.11
CA ILE B 668 -8.40 -56.58 5.94
C ILE B 668 -9.49 -57.64 5.74
N ASN C 7 13.35 29.06 -18.62
CA ASN C 7 12.78 29.11 -17.27
C ASN C 7 11.31 28.64 -17.17
N PRO C 8 10.87 27.72 -18.06
CA PRO C 8 9.45 27.35 -18.12
C PRO C 8 8.95 26.49 -16.97
N PHE C 9 9.86 25.75 -16.33
CA PHE C 9 9.47 24.77 -15.31
C PHE C 9 9.56 25.29 -13.89
N SER C 10 9.89 26.57 -13.72
CA SER C 10 10.06 27.09 -12.38
C SER C 10 8.77 26.99 -11.57
N CYS C 11 8.94 26.72 -10.28
CA CYS C 11 7.83 26.58 -9.34
C CYS C 11 6.98 25.34 -9.60
N LYS C 12 7.58 24.30 -10.18
CA LYS C 12 6.82 23.07 -10.45
C LYS C 12 7.61 21.83 -10.03
N THR C 13 7.12 21.14 -9.01
CA THR C 13 7.79 19.96 -8.48
C THR C 13 7.50 18.64 -9.23
N ASN C 14 6.31 18.52 -9.79
CA ASN C 14 5.87 17.29 -10.46
C ASN C 14 5.88 17.22 -12.00
N VAL C 15 6.51 18.18 -12.66
CA VAL C 15 6.44 18.28 -14.11
C VAL C 15 7.58 17.60 -14.89
N CYS C 16 8.30 16.70 -14.23
CA CYS C 16 9.37 15.95 -14.87
C CYS C 16 8.94 15.37 -16.25
N TRP C 17 7.67 15.04 -16.40
CA TRP C 17 7.16 14.55 -17.68
C TRP C 17 7.38 15.56 -18.80
N ALA C 18 7.15 16.83 -18.48
CA ALA C 18 7.40 17.92 -19.42
C ALA C 18 8.90 18.09 -19.71
N LYS C 19 9.72 18.16 -18.67
CA LYS C 19 11.17 18.31 -18.85
C LYS C 19 11.67 17.20 -19.76
N ALA C 20 11.09 16.02 -19.60
CA ALA C 20 11.51 14.85 -20.33
C ALA C 20 11.17 15.00 -21.82
N LEU C 21 9.98 15.54 -22.09
CA LEU C 21 9.57 15.85 -23.46
C LEU C 21 10.34 16.97 -24.13
N GLU C 22 10.81 17.95 -23.36
CA GLU C 22 11.40 19.16 -23.94
C GLU C 22 12.35 18.90 -25.14
N PRO C 23 13.34 18.02 -24.96
CA PRO C 23 14.29 17.77 -26.06
C PRO C 23 13.65 17.09 -27.28
N ILE C 24 12.61 16.29 -27.05
CA ILE C 24 11.91 15.62 -28.15
C ILE C 24 11.11 16.62 -28.96
N LEU C 25 10.51 17.58 -28.27
CA LEU C 25 9.78 18.65 -28.96
C LEU C 25 10.73 19.49 -29.80
N ALA C 26 11.95 19.67 -29.32
CA ALA C 26 12.93 20.49 -30.03
C ALA C 26 13.21 19.96 -31.43
N THR C 27 13.25 18.64 -31.59
CA THR C 27 13.57 18.05 -32.90
C THR C 27 12.51 18.46 -33.92
N ALA C 28 11.34 18.83 -33.39
CA ALA C 28 10.19 19.27 -34.19
C ALA C 28 10.10 20.78 -34.33
N GLY C 29 11.09 21.48 -33.78
CA GLY C 29 11.13 22.94 -33.83
C GLY C 29 10.29 23.57 -32.74
N ILE C 30 9.76 22.76 -31.83
CA ILE C 30 8.87 23.25 -30.78
C ILE C 30 9.60 23.53 -29.46
N VAL C 31 9.43 24.75 -28.96
CA VAL C 31 9.88 25.12 -27.63
C VAL C 31 8.76 25.82 -26.87
N LEU C 32 8.20 25.16 -25.88
CA LEU C 32 7.06 25.70 -25.17
C LEU C 32 7.52 26.56 -24.01
N THR C 33 6.87 27.71 -23.83
CA THR C 33 7.10 28.54 -22.67
C THR C 33 6.31 28.00 -21.50
N GLY C 34 6.49 28.59 -20.33
CA GLY C 34 5.80 28.13 -19.14
C GLY C 34 4.30 28.31 -19.27
N CYS C 35 3.87 29.47 -19.76
CA CYS C 35 2.46 29.75 -19.94
C CYS C 35 1.84 28.81 -20.94
N GLN C 36 2.60 28.50 -21.99
CA GLN C 36 2.12 27.58 -23.02
C GLN C 36 1.93 26.17 -22.45
N TRP C 37 2.85 25.73 -21.61
CA TRP C 37 2.68 24.46 -20.93
C TRP C 37 1.41 24.48 -20.12
N SER C 38 1.20 25.58 -19.40
CA SER C 38 0.05 25.71 -18.51
C SER C 38 -1.26 25.73 -19.30
N GLU C 39 -1.24 26.31 -20.48
CA GLU C 39 -2.46 26.44 -21.26
C GLU C 39 -2.83 25.10 -21.86
N LEU C 40 -1.83 24.32 -22.26
CA LEU C 40 -2.08 23.02 -22.88
C LEU C 40 -2.48 21.91 -21.91
N PHE C 41 -1.80 21.83 -20.76
CA PHE C 41 -2.07 20.77 -19.78
C PHE C 41 -2.53 21.32 -18.45
N PRO C 42 -3.78 20.98 -18.06
CA PRO C 42 -4.25 21.31 -16.70
C PRO C 42 -3.31 20.72 -15.66
N GLN C 43 -2.73 19.58 -15.97
CA GLN C 43 -1.80 18.92 -15.05
C GLN C 43 -0.57 19.80 -14.78
N PHE C 44 -0.10 20.47 -15.82
CA PHE C 44 1.05 21.34 -15.66
C PHE C 44 0.66 22.59 -14.89
N ALA C 45 -0.44 23.22 -15.29
CA ALA C 45 -0.91 24.41 -14.59
C ALA C 45 -1.04 24.15 -13.08
N ASP C 46 -1.54 22.96 -12.74
CA ASP C 46 -1.76 22.59 -11.35
C ASP C 46 -0.60 21.79 -10.73
N ASP C 47 0.48 21.63 -11.49
CA ASP C 47 1.67 20.95 -10.99
C ASP C 47 1.34 19.55 -10.47
N LYS C 48 0.82 18.69 -11.34
CA LYS C 48 0.47 17.33 -10.97
C LYS C 48 1.28 16.38 -11.84
N PRO C 49 1.59 15.18 -11.32
CA PRO C 49 2.30 14.20 -12.14
C PRO C 49 1.45 13.81 -13.34
N HIS C 50 2.08 13.38 -14.42
CA HIS C 50 1.37 13.08 -15.66
C HIS C 50 2.20 12.15 -16.52
N SER C 51 1.57 11.55 -17.53
CA SER C 51 2.27 10.69 -18.48
C SER C 51 2.93 11.50 -19.59
N ALA C 52 4.24 11.36 -19.72
CA ALA C 52 4.97 12.05 -20.76
C ALA C 52 4.46 11.61 -22.13
N ILE C 53 4.08 10.34 -22.25
CA ILE C 53 3.61 9.79 -23.51
C ILE C 53 2.27 10.41 -23.91
N TYR C 54 1.32 10.40 -22.98
CA TYR C 54 0.03 11.01 -23.24
C TYR C 54 0.24 12.46 -23.64
N ALA C 55 1.10 13.15 -22.90
CA ALA C 55 1.35 14.55 -23.18
C ALA C 55 1.89 14.70 -24.59
N LEU C 56 2.76 13.79 -25.02
CA LEU C 56 3.37 13.90 -26.33
C LEU C 56 2.31 13.80 -27.42
N ASP C 57 1.35 12.90 -27.22
CA ASP C 57 0.24 12.75 -28.17
C ASP C 57 -0.59 14.02 -28.23
N VAL C 58 -0.88 14.59 -27.07
CA VAL C 58 -1.66 15.83 -26.99
C VAL C 58 -0.96 16.97 -27.73
N ILE C 59 0.36 17.05 -27.57
CA ILE C 59 1.16 18.12 -28.17
C ILE C 59 1.23 17.94 -29.68
N CYS C 60 1.31 16.70 -30.12
CA CYS C 60 1.38 16.37 -31.53
C CYS C 60 0.10 16.81 -32.25
N ILE C 61 -1.03 16.47 -31.65
CA ILE C 61 -2.33 16.87 -32.19
C ILE C 61 -2.48 18.39 -32.21
N LYS C 62 -2.06 19.03 -31.13
CA LYS C 62 -2.23 20.47 -31.02
C LYS C 62 -1.40 21.19 -32.08
N PHE C 63 -0.18 20.72 -32.33
CA PHE C 63 0.67 21.38 -33.34
C PHE C 63 0.37 20.95 -34.78
N PHE C 64 0.27 19.64 -35.01
CA PHE C 64 0.10 19.08 -36.37
C PHE C 64 -1.31 18.59 -36.72
N GLY C 65 -2.27 18.75 -35.83
CA GLY C 65 -3.64 18.34 -36.10
C GLY C 65 -3.81 16.86 -36.40
N MET C 66 -2.85 16.06 -35.96
CA MET C 66 -2.87 14.61 -36.13
C MET C 66 -2.24 14.02 -34.88
N ASP C 67 -2.59 12.77 -34.54
CA ASP C 67 -2.03 12.12 -33.36
C ASP C 67 -0.82 11.27 -33.74
N LEU C 68 -0.23 10.59 -32.76
CA LEU C 68 1.06 9.92 -32.93
C LEU C 68 1.09 8.78 -33.95
N THR C 69 -0.08 8.25 -34.32
CA THR C 69 -0.11 7.18 -35.30
C THR C 69 0.23 7.71 -36.69
N SER C 70 0.30 9.02 -36.81
CA SER C 70 0.79 9.64 -38.04
C SER C 70 2.26 9.26 -38.27
N GLY C 71 2.98 9.01 -37.16
CA GLY C 71 4.39 8.69 -37.22
C GLY C 71 5.29 9.92 -37.10
N LEU C 72 4.68 11.08 -36.90
CA LEU C 72 5.43 12.34 -36.85
C LEU C 72 6.54 12.35 -35.80
N PHE C 73 6.26 11.81 -34.62
CA PHE C 73 7.25 11.72 -33.54
C PHE C 73 7.91 10.35 -33.40
N SER C 74 7.69 9.47 -34.38
CA SER C 74 8.07 8.06 -34.22
C SER C 74 9.50 7.72 -34.64
N LYS C 75 10.30 8.73 -34.99
CA LYS C 75 11.71 8.46 -35.28
C LYS C 75 12.47 8.19 -33.97
N GLN C 76 13.20 7.09 -33.88
CA GLN C 76 13.72 6.73 -32.57
C GLN C 76 15.06 7.41 -32.39
N SER C 77 15.04 8.50 -31.65
CA SER C 77 16.17 9.42 -31.55
C SER C 77 16.49 9.66 -30.09
N ILE C 78 15.56 10.28 -29.39
CA ILE C 78 15.72 10.56 -27.97
C ILE C 78 14.85 9.65 -27.13
N PRO C 79 15.45 8.94 -26.17
CA PRO C 79 14.66 8.06 -25.31
C PRO C 79 13.74 8.78 -24.35
N LEU C 80 12.51 8.27 -24.22
CA LEU C 80 11.58 8.75 -23.22
C LEU C 80 11.33 7.60 -22.27
N THR C 81 11.84 7.73 -21.05
CA THR C 81 11.98 6.63 -20.11
C THR C 81 11.26 6.87 -18.79
N TYR C 82 10.40 5.92 -18.42
CA TYR C 82 9.67 5.99 -17.16
C TYR C 82 10.42 5.20 -16.09
N HIS C 83 10.53 5.79 -14.91
CA HIS C 83 11.15 5.10 -13.79
C HIS C 83 10.07 4.85 -12.75
N PRO C 84 9.64 3.58 -12.64
CA PRO C 84 8.53 3.24 -11.73
C PRO C 84 8.90 3.44 -10.29
N ALA C 85 7.88 3.62 -9.46
CA ALA C 85 8.09 3.75 -8.03
C ALA C 85 8.57 2.44 -7.47
N ASP C 86 9.48 2.51 -6.51
CA ASP C 86 9.87 1.36 -5.72
C ASP C 86 10.03 1.84 -4.28
N SER C 87 10.44 0.95 -3.39
CA SER C 87 10.54 1.32 -1.98
C SER C 87 11.57 2.41 -1.74
N ALA C 88 12.59 2.51 -2.60
CA ALA C 88 13.59 3.56 -2.44
C ALA C 88 13.10 4.91 -2.97
N ARG C 89 12.58 4.95 -4.20
CA ARG C 89 11.79 6.11 -4.61
C ARG C 89 10.36 5.68 -4.82
N PRO C 90 9.50 6.02 -3.85
CA PRO C 90 8.06 5.80 -3.90
C PRO C 90 7.38 6.72 -4.92
N VAL C 91 8.10 7.74 -5.41
CA VAL C 91 7.55 8.70 -6.34
C VAL C 91 8.14 8.52 -7.74
N ALA C 92 7.32 8.04 -8.67
CA ALA C 92 7.79 7.79 -10.03
C ALA C 92 8.13 9.08 -10.77
N HIS C 93 9.07 8.98 -11.71
CA HIS C 93 9.55 10.14 -12.46
C HIS C 93 9.94 9.77 -13.92
N TRP C 94 9.82 10.74 -14.82
CA TRP C 94 10.22 10.60 -16.23
C TRP C 94 11.52 11.31 -16.54
N ASP C 95 12.39 10.68 -17.34
CA ASP C 95 13.56 11.37 -17.86
C ASP C 95 14.02 10.78 -19.20
N ASN C 96 15.16 11.23 -19.69
CA ASN C 96 15.71 10.79 -20.98
C ASN C 96 16.80 9.71 -20.91
N SER C 97 16.99 9.11 -19.74
CA SER C 97 17.98 8.06 -19.57
C SER C 97 17.77 6.94 -20.60
N PRO C 98 18.83 6.16 -20.88
CA PRO C 98 18.84 5.08 -21.88
C PRO C 98 17.69 4.10 -21.75
N GLY C 99 17.17 3.68 -22.90
CA GLY C 99 16.07 2.74 -22.97
C GLY C 99 15.69 2.48 -24.42
N THR C 100 14.87 1.45 -24.65
CA THR C 100 14.49 1.06 -26.00
C THR C 100 13.32 1.90 -26.52
N ARG C 101 12.66 2.63 -25.61
CA ARG C 101 11.56 3.47 -26.03
C ARG C 101 12.06 4.87 -26.32
N LYS C 102 11.98 5.25 -27.61
CA LYS C 102 12.47 6.54 -28.07
C LYS C 102 11.46 7.23 -28.98
N TYR C 103 11.63 8.54 -29.11
CA TYR C 103 10.79 9.35 -29.96
C TYR C 103 11.62 10.44 -30.62
N GLY C 104 11.11 10.97 -31.71
CA GLY C 104 11.66 12.16 -32.32
C GLY C 104 10.91 12.49 -33.58
N TYR C 105 10.99 13.75 -33.96
CA TYR C 105 10.28 14.27 -35.11
C TYR C 105 10.84 13.64 -36.38
N ASP C 106 9.94 13.19 -37.25
CA ASP C 106 10.38 12.67 -38.55
C ASP C 106 9.95 13.66 -39.62
N HIS C 107 10.92 14.40 -40.15
CA HIS C 107 10.62 15.45 -41.09
C HIS C 107 10.15 14.84 -42.43
N ALA C 108 10.58 13.61 -42.68
CA ALA C 108 10.14 12.91 -43.89
C ALA C 108 8.63 12.74 -43.86
N ILE C 109 8.11 12.25 -42.73
CA ILE C 109 6.67 12.07 -42.56
C ILE C 109 5.92 13.38 -42.80
N ALA C 110 6.46 14.50 -42.32
CA ALA C 110 5.79 15.78 -42.51
C ALA C 110 5.79 16.14 -43.99
N ALA C 111 6.87 15.77 -44.67
CA ALA C 111 6.99 16.03 -46.09
C ALA C 111 5.92 15.26 -46.87
N GLU C 112 5.71 13.99 -46.54
CA GLU C 112 4.68 13.23 -47.27
C GLU C 112 3.29 13.81 -46.94
N LEU C 113 3.08 14.18 -45.69
CA LEU C 113 1.79 14.71 -45.30
C LEU C 113 1.50 15.99 -46.06
N SER C 114 2.55 16.72 -46.43
CA SER C 114 2.37 17.96 -47.16
C SER C 114 1.75 17.76 -48.55
N ARG C 115 1.67 16.53 -49.06
CA ARG C 115 1.03 16.33 -50.36
C ARG C 115 -0.47 16.65 -50.23
N ARG C 116 -1.16 16.07 -49.25
CA ARG C 116 -2.56 16.42 -49.03
C ARG C 116 -2.75 17.67 -48.17
N PHE C 117 -1.80 17.97 -47.30
CA PHE C 117 -1.90 19.09 -46.37
C PHE C 117 -0.72 20.06 -46.49
N PRO C 118 -0.80 20.97 -47.47
CA PRO C 118 0.32 21.88 -47.76
C PRO C 118 0.83 22.65 -46.55
N VAL C 119 0.03 22.81 -45.50
CA VAL C 119 0.48 23.60 -44.36
C VAL C 119 1.75 23.03 -43.74
N PHE C 120 1.96 21.73 -43.89
CA PHE C 120 3.19 21.07 -43.41
C PHE C 120 4.43 21.65 -44.09
N GLN C 121 4.22 22.26 -45.24
CA GLN C 121 5.28 22.96 -45.93
C GLN C 121 5.79 24.10 -45.02
N LEU C 122 4.89 24.57 -44.15
CA LEU C 122 5.12 25.71 -43.25
C LEU C 122 5.60 25.31 -41.85
N ALA C 123 5.85 24.03 -41.64
CA ALA C 123 6.26 23.51 -40.33
C ALA C 123 7.70 23.86 -39.94
N GLY C 124 8.08 23.53 -38.71
CA GLY C 124 9.45 23.68 -38.25
C GLY C 124 9.76 24.98 -37.54
N LYS C 125 8.81 25.91 -37.55
CA LYS C 125 8.97 27.20 -36.91
C LYS C 125 8.38 27.30 -35.50
N GLY C 126 7.91 26.19 -34.93
CA GLY C 126 7.43 26.20 -33.55
C GLY C 126 6.01 26.73 -33.41
N THR C 127 5.27 26.69 -34.50
CA THR C 127 3.92 27.23 -34.55
C THR C 127 2.89 26.14 -34.77
N GLN C 128 1.66 26.44 -34.38
CA GLN C 128 0.53 25.56 -34.61
C GLN C 128 0.06 25.64 -36.07
N LEU C 129 -0.07 24.47 -36.68
CA LEU C 129 -0.52 24.35 -38.05
C LEU C 129 -2.03 24.15 -38.08
N ASP C 130 -2.71 24.92 -38.91
CA ASP C 130 -4.12 24.70 -39.20
C ASP C 130 -4.21 23.92 -40.51
N LEU C 131 -4.62 22.66 -40.43
CA LEU C 131 -4.64 21.79 -41.62
C LEU C 131 -5.71 22.18 -42.63
N GLN C 132 -6.72 22.92 -42.20
CA GLN C 132 -7.82 23.29 -43.09
C GLN C 132 -7.59 24.63 -43.77
N THR C 133 -7.45 25.69 -42.98
CA THR C 133 -7.20 27.02 -43.53
C THR C 133 -5.79 27.17 -44.09
N GLY C 134 -4.85 26.38 -43.57
CA GLY C 134 -3.50 26.39 -44.07
C GLY C 134 -2.63 27.50 -43.53
N ARG C 135 -3.13 28.22 -42.52
CA ARG C 135 -2.37 29.29 -41.87
C ARG C 135 -1.61 28.70 -40.68
N THR C 136 -0.85 29.53 -39.98
CA THR C 136 -0.18 29.09 -38.75
C THR C 136 -0.51 30.09 -37.66
N ARG C 137 -0.23 29.71 -36.43
CA ARG C 137 -0.70 30.45 -35.28
C ARG C 137 0.24 30.18 -34.09
N VAL C 138 0.28 31.10 -33.13
CA VAL C 138 0.96 30.81 -31.88
C VAL C 138 0.17 29.70 -31.21
N ILE C 139 0.89 28.76 -30.58
CA ILE C 139 0.26 27.55 -30.04
C ILE C 139 -0.91 27.94 -29.15
N SER C 140 -2.03 27.25 -29.36
CA SER C 140 -3.27 27.52 -28.64
C SER C 140 -4.00 26.23 -28.30
N ALA C 141 -4.47 26.14 -27.06
CA ALA C 141 -5.22 24.97 -26.60
C ALA C 141 -6.65 24.96 -27.16
N GLN C 142 -7.04 26.05 -27.83
CA GLN C 142 -8.38 26.20 -28.36
C GLN C 142 -8.53 25.81 -29.83
N HIS C 143 -7.45 25.28 -30.42
CA HIS C 143 -7.49 24.89 -31.84
C HIS C 143 -6.94 23.48 -32.00
N ASN C 144 -7.15 22.90 -33.18
CA ASN C 144 -6.77 21.52 -33.41
C ASN C 144 -7.29 20.63 -32.27
N LEU C 145 -8.59 20.73 -31.98
CA LEU C 145 -9.20 20.00 -30.89
C LEU C 145 -9.40 18.50 -31.18
N VAL C 146 -9.66 18.17 -32.44
CA VAL C 146 -9.79 16.78 -32.87
C VAL C 146 -8.75 16.38 -33.93
N PRO C 147 -8.02 15.27 -33.69
CA PRO C 147 -7.06 14.82 -34.70
C PRO C 147 -7.77 14.30 -35.94
N VAL C 148 -7.32 14.75 -37.10
CA VAL C 148 -8.03 14.48 -38.36
C VAL C 148 -7.71 13.08 -38.88
N ASN C 149 -6.64 12.47 -38.36
CA ASN C 149 -6.20 11.19 -38.88
C ASN C 149 -6.81 10.02 -38.13
N ARG C 150 -7.66 10.32 -37.16
CA ARG C 150 -8.18 9.27 -36.28
C ARG C 150 -9.62 8.89 -36.58
N ASN C 151 -9.89 7.60 -36.63
CA ASN C 151 -11.27 7.12 -36.62
C ASN C 151 -11.70 7.03 -35.17
N LEU C 152 -12.70 7.81 -34.80
CA LEU C 152 -13.14 7.87 -33.42
C LEU C 152 -13.96 6.64 -33.09
N PRO C 153 -13.71 6.03 -31.93
CA PRO C 153 -14.42 4.81 -31.58
C PRO C 153 -15.91 5.05 -31.35
N HIS C 154 -16.28 6.29 -31.06
CA HIS C 154 -17.67 6.63 -30.78
C HIS C 154 -17.93 8.12 -31.01
N ALA C 155 -19.19 8.49 -31.06
CA ALA C 155 -19.61 9.87 -31.27
C ALA C 155 -19.25 10.77 -30.09
N LEU C 156 -19.24 12.08 -30.35
CA LEU C 156 -18.96 13.07 -29.32
C LEU C 156 -20.22 13.93 -29.22
N VAL C 157 -20.35 14.73 -28.16
CA VAL C 157 -21.56 15.52 -28.02
C VAL C 157 -21.39 16.71 -28.94
N PRO C 158 -22.47 17.07 -29.67
CA PRO C 158 -22.25 18.24 -30.52
C PRO C 158 -21.82 19.46 -29.69
N GLU C 159 -22.55 19.77 -28.63
CA GLU C 159 -22.11 20.86 -27.74
C GLU C 159 -22.35 20.55 -26.27
N TYR C 160 -21.36 20.91 -25.47
CA TYR C 160 -21.36 20.67 -24.04
C TYR C 160 -22.48 21.42 -23.36
N LYS C 161 -23.26 20.70 -22.58
CA LYS C 161 -24.32 21.31 -21.78
C LYS C 161 -24.24 20.71 -20.38
N GLU C 162 -24.06 21.55 -19.37
CA GLU C 162 -24.08 21.08 -17.99
C GLU C 162 -25.51 20.92 -17.50
N LYS C 163 -25.71 20.03 -16.52
CA LYS C 163 -27.03 19.83 -15.94
C LYS C 163 -26.92 19.60 -14.43
N GLN C 164 -28.05 19.75 -13.74
CA GLN C 164 -28.08 19.49 -12.32
C GLN C 164 -28.27 17.99 -12.10
N PRO C 165 -27.31 17.36 -11.42
CA PRO C 165 -27.35 15.90 -11.28
C PRO C 165 -28.41 15.42 -10.31
N GLY C 166 -28.97 14.24 -10.57
CA GLY C 166 -29.88 13.60 -9.65
C GLY C 166 -29.12 12.89 -8.54
N PRO C 167 -29.85 12.19 -7.66
CA PRO C 167 -29.24 11.42 -6.58
C PRO C 167 -28.42 10.23 -7.10
N VAL C 168 -27.20 10.11 -6.59
CA VAL C 168 -26.33 9.02 -7.00
C VAL C 168 -26.86 7.70 -6.46
N LYS C 169 -27.58 7.75 -5.35
CA LYS C 169 -28.09 6.52 -4.74
C LYS C 169 -28.99 5.76 -5.73
N LYS C 170 -29.75 6.47 -6.54
CA LYS C 170 -30.59 5.83 -7.53
C LYS C 170 -29.73 4.93 -8.43
N PHE C 171 -28.51 5.38 -8.73
CA PHE C 171 -27.60 4.61 -9.60
C PHE C 171 -26.94 3.46 -8.85
N LEU C 172 -26.44 3.72 -7.65
CA LEU C 172 -25.75 2.70 -6.87
C LEU C 172 -26.68 1.56 -6.50
N ASN C 173 -27.97 1.87 -6.35
CA ASN C 173 -28.95 0.87 -5.96
C ASN C 173 -29.17 -0.16 -7.05
N GLN C 174 -28.66 0.13 -8.25
CA GLN C 174 -28.77 -0.79 -9.37
C GLN C 174 -27.72 -1.90 -9.32
N PHE C 175 -26.83 -1.82 -8.34
CA PHE C 175 -25.82 -2.86 -8.14
C PHE C 175 -26.07 -3.65 -6.86
N LYS C 176 -25.88 -4.97 -6.92
CA LYS C 176 -26.36 -5.88 -5.87
C LYS C 176 -25.47 -5.89 -4.64
N HIS C 177 -24.35 -5.20 -4.71
CA HIS C 177 -23.35 -5.23 -3.63
C HIS C 177 -23.69 -4.22 -2.54
N HIS C 178 -23.67 -4.69 -1.30
CA HIS C 178 -24.06 -3.84 -0.17
C HIS C 178 -22.95 -2.87 0.18
N SER C 179 -21.73 -3.39 0.28
CA SER C 179 -20.60 -2.60 0.72
C SER C 179 -19.80 -2.06 -0.46
N VAL C 180 -19.66 -0.74 -0.52
CA VAL C 180 -19.08 -0.06 -1.67
C VAL C 180 -17.96 0.91 -1.26
N LEU C 181 -16.82 0.80 -1.93
CA LEU C 181 -15.74 1.76 -1.72
C LEU C 181 -15.98 2.93 -2.67
N VAL C 182 -15.97 4.15 -2.15
CA VAL C 182 -16.32 5.30 -2.96
C VAL C 182 -15.21 6.34 -2.99
N VAL C 183 -14.70 6.59 -4.19
CA VAL C 183 -13.75 7.68 -4.39
C VAL C 183 -14.52 8.83 -5.03
N SER C 184 -14.70 9.91 -4.28
CA SER C 184 -15.53 11.02 -4.73
C SER C 184 -15.12 12.31 -4.06
N GLU C 185 -15.33 13.45 -4.74
CA GLU C 185 -15.07 14.74 -4.12
C GLU C 185 -16.23 15.20 -3.23
N GLU C 186 -17.41 14.64 -3.46
CA GLU C 186 -18.62 15.04 -2.77
C GLU C 186 -19.24 13.84 -2.07
N LYS C 187 -19.86 14.07 -0.92
CA LYS C 187 -20.39 12.98 -0.14
C LYS C 187 -21.51 12.31 -0.93
N ILE C 188 -21.61 10.99 -0.83
CA ILE C 188 -22.68 10.27 -1.50
C ILE C 188 -23.63 9.68 -0.46
N GLU C 189 -24.91 10.04 -0.56
CA GLU C 189 -25.90 9.53 0.38
C GLU C 189 -26.50 8.27 -0.22
N ALA C 190 -26.19 7.14 0.40
CA ALA C 190 -26.73 5.85 -0.02
C ALA C 190 -27.03 5.04 1.24
N PRO C 191 -28.20 5.30 1.84
CA PRO C 191 -28.61 4.68 3.11
C PRO C 191 -28.75 3.17 3.02
N ARG C 192 -29.03 2.64 1.83
CA ARG C 192 -29.13 1.20 1.66
C ARG C 192 -27.77 0.52 1.59
N LYS C 193 -26.71 1.34 1.59
CA LYS C 193 -25.35 0.82 1.43
C LYS C 193 -24.46 1.14 2.62
N ARG C 194 -23.39 0.35 2.77
CA ARG C 194 -22.29 0.68 3.66
C ARG C 194 -21.22 1.34 2.79
N ILE C 195 -20.94 2.61 3.06
CA ILE C 195 -20.05 3.38 2.20
C ILE C 195 -18.74 3.73 2.87
N GLU C 196 -17.64 3.24 2.30
CA GLU C 196 -16.32 3.76 2.66
C GLU C 196 -15.99 4.87 1.70
N TRP C 197 -15.72 6.05 2.24
CA TRP C 197 -15.56 7.23 1.39
C TRP C 197 -14.13 7.78 1.39
N ILE C 198 -13.50 7.71 0.23
CA ILE C 198 -12.20 8.35 0.01
C ILE C 198 -12.41 9.66 -0.74
N ALA C 199 -11.79 10.73 -0.26
CA ALA C 199 -11.90 12.03 -0.90
C ALA C 199 -10.53 12.66 -1.04
N PRO C 200 -10.42 13.69 -1.90
CA PRO C 200 -9.19 14.49 -1.97
C PRO C 200 -8.90 15.23 -0.66
N ILE C 201 -7.77 15.92 -0.62
CA ILE C 201 -7.17 16.34 0.64
C ILE C 201 -8.04 17.26 1.50
N GLY C 202 -8.60 18.31 0.92
CA GLY C 202 -9.29 19.31 1.73
C GLY C 202 -10.72 19.02 2.16
N ILE C 203 -11.23 17.81 1.92
CA ILE C 203 -12.66 17.53 2.07
C ILE C 203 -13.04 16.91 3.41
N ALA C 204 -13.92 17.58 4.14
CA ALA C 204 -14.31 17.12 5.47
C ALA C 204 -15.34 16.00 5.41
N GLY C 205 -15.35 15.16 6.45
CA GLY C 205 -16.35 14.13 6.61
C GLY C 205 -16.01 12.82 5.93
N ALA C 206 -14.86 12.78 5.26
CA ALA C 206 -14.42 11.59 4.54
C ALA C 206 -13.82 10.59 5.50
N ASP C 207 -13.91 9.31 5.13
CA ASP C 207 -13.27 8.26 5.91
C ASP C 207 -11.76 8.27 5.69
N LYS C 208 -11.34 8.67 4.49
CA LYS C 208 -9.92 8.82 4.20
C LYS C 208 -9.76 10.00 3.27
N ASN C 209 -8.61 10.66 3.37
CA ASN C 209 -8.24 11.73 2.46
C ASN C 209 -6.88 11.44 1.85
N TYR C 210 -6.80 11.52 0.53
CA TYR C 210 -5.54 11.32 -0.16
C TYR C 210 -5.37 12.38 -1.23
N ASN C 211 -4.15 12.51 -1.72
CA ASN C 211 -3.88 13.35 -2.86
C ASN C 211 -4.00 12.42 -4.08
N LEU C 212 -5.08 12.59 -4.82
CA LEU C 212 -5.51 11.59 -5.79
C LEU C 212 -4.74 11.65 -7.10
N ALA C 213 -3.97 12.70 -7.30
CA ALA C 213 -3.07 12.77 -8.43
C ALA C 213 -2.08 11.62 -8.37
N PHE C 214 -1.81 11.16 -7.15
CA PHE C 214 -0.96 9.98 -6.93
C PHE C 214 -1.75 8.68 -6.70
N GLY C 215 -3.07 8.75 -6.85
CA GLY C 215 -3.91 7.61 -6.61
C GLY C 215 -4.21 7.46 -5.13
N PHE C 216 -4.56 6.26 -4.71
CA PHE C 216 -4.73 5.99 -3.29
C PHE C 216 -4.19 4.60 -2.97
N PRO C 217 -3.61 4.44 -1.77
CA PRO C 217 -3.02 3.18 -1.31
C PRO C 217 -4.08 2.10 -1.10
N PRO C 218 -3.65 0.83 -1.08
CA PRO C 218 -4.63 -0.24 -0.88
C PRO C 218 -5.42 -0.04 0.40
N GLN C 219 -6.73 -0.11 0.26
CA GLN C 219 -7.67 -0.20 1.36
C GLN C 219 -8.01 -1.68 1.56
N ALA C 220 -9.08 -1.95 2.29
CA ALA C 220 -9.62 -3.29 2.37
C ALA C 220 -10.18 -3.64 0.99
N ARG C 221 -10.74 -4.84 0.84
CA ARG C 221 -11.29 -5.24 -0.46
C ARG C 221 -12.81 -5.29 -0.50
N TYR C 222 -13.35 -4.86 -1.63
CA TYR C 222 -14.78 -4.69 -1.82
C TYR C 222 -15.24 -5.39 -3.09
N ASP C 223 -16.53 -5.68 -3.17
CA ASP C 223 -17.12 -6.23 -4.39
C ASP C 223 -17.56 -5.15 -5.37
N LEU C 224 -17.67 -3.92 -4.88
CA LEU C 224 -17.98 -2.78 -5.73
C LEU C 224 -17.14 -1.55 -5.36
N VAL C 225 -16.40 -1.05 -6.33
CA VAL C 225 -15.66 0.19 -6.18
C VAL C 225 -16.22 1.21 -7.16
N PHE C 226 -16.44 2.44 -6.69
CA PHE C 226 -17.10 3.47 -7.47
C PHE C 226 -16.22 4.73 -7.47
N ILE C 227 -15.60 5.01 -8.61
CA ILE C 227 -14.77 6.18 -8.80
C ILE C 227 -15.63 7.31 -9.40
N ASN C 228 -15.89 8.35 -8.62
CA ASN C 228 -16.73 9.46 -9.02
C ASN C 228 -15.98 10.71 -9.49
N ILE C 229 -14.65 10.63 -9.59
CA ILE C 229 -13.84 11.79 -9.90
C ILE C 229 -13.94 12.20 -11.37
N GLY C 230 -14.33 13.44 -11.61
CA GLY C 230 -14.39 13.98 -12.96
C GLY C 230 -13.28 14.97 -13.23
N THR C 231 -13.13 15.38 -14.49
CA THR C 231 -12.22 16.47 -14.82
C THR C 231 -12.98 17.45 -15.67
N LYS C 232 -12.73 18.75 -15.50
CA LYS C 232 -13.63 19.70 -16.11
C LYS C 232 -13.36 20.12 -17.53
N TYR C 233 -14.47 20.29 -18.25
CA TYR C 233 -14.50 20.60 -19.66
C TYR C 233 -13.81 21.92 -19.94
N ARG C 234 -13.11 22.00 -21.07
CA ARG C 234 -12.57 23.27 -21.48
C ARG C 234 -13.07 23.67 -22.88
N ASN C 235 -12.44 23.17 -23.93
CA ASN C 235 -12.81 23.54 -25.29
C ASN C 235 -13.54 22.50 -26.14
N HIS C 236 -13.66 21.28 -25.64
CA HIS C 236 -14.15 20.20 -26.47
C HIS C 236 -14.21 18.87 -25.73
N HIS C 237 -15.07 18.00 -26.23
CA HIS C 237 -15.28 16.69 -25.64
C HIS C 237 -13.99 15.90 -25.71
N PHE C 238 -13.49 15.74 -26.94
CA PHE C 238 -12.20 15.13 -27.17
C PHE C 238 -11.18 15.67 -26.19
N GLN C 239 -11.20 16.99 -25.96
CA GLN C 239 -10.21 17.56 -25.05
C GLN C 239 -10.43 17.06 -23.65
N GLN C 240 -11.70 16.87 -23.30
CA GLN C 240 -12.05 16.39 -21.97
C GLN C 240 -11.55 14.95 -21.76
N CYS C 241 -11.64 14.11 -22.79
CA CYS C 241 -11.11 12.76 -22.73
C CYS C 241 -9.60 12.78 -22.50
N GLU C 242 -8.90 13.55 -23.32
CA GLU C 242 -7.45 13.69 -23.22
C GLU C 242 -7.03 14.04 -21.80
N ASP C 243 -7.65 15.07 -21.25
CA ASP C 243 -7.35 15.53 -19.91
C ASP C 243 -7.62 14.45 -18.88
N HIS C 244 -8.69 13.69 -19.12
CA HIS C 244 -9.14 12.67 -18.17
C HIS C 244 -8.34 11.36 -18.19
N ALA C 245 -7.73 11.03 -19.32
CA ALA C 245 -7.07 9.74 -19.52
C ALA C 245 -6.14 9.33 -18.36
N ALA C 246 -5.24 10.20 -17.93
CA ALA C 246 -4.32 9.86 -16.84
C ALA C 246 -5.05 9.60 -15.52
N THR C 247 -6.07 10.42 -15.26
CA THR C 247 -6.90 10.25 -14.06
C THR C 247 -7.60 8.88 -14.07
N LEU C 248 -8.09 8.51 -15.24
CA LEU C 248 -8.84 7.28 -15.39
C LEU C 248 -7.95 6.09 -15.07
N LYS C 249 -6.77 6.08 -15.67
CA LYS C 249 -5.84 4.98 -15.45
C LYS C 249 -5.42 4.89 -13.99
N THR C 250 -5.09 6.03 -13.41
CA THR C 250 -4.53 6.09 -12.05
C THR C 250 -5.51 5.58 -11.01
N LEU C 251 -6.73 6.13 -11.04
CA LEU C 251 -7.73 5.76 -10.05
C LEU C 251 -8.21 4.34 -10.27
N SER C 252 -8.29 3.90 -11.54
CA SER C 252 -8.66 2.51 -11.81
C SER C 252 -7.63 1.58 -11.23
N ARG C 253 -6.37 1.94 -11.38
CA ARG C 253 -5.29 1.07 -10.93
C ARG C 253 -5.31 0.96 -9.41
N SER C 254 -5.55 2.08 -8.74
CA SER C 254 -5.65 2.09 -7.30
C SER C 254 -6.82 1.21 -6.87
N ALA C 255 -7.91 1.28 -7.62
CA ALA C 255 -9.12 0.55 -7.29
C ALA C 255 -8.89 -0.94 -7.37
N LEU C 256 -8.12 -1.36 -8.37
CA LEU C 256 -7.86 -2.78 -8.55
C LEU C 256 -7.28 -3.42 -7.29
N ASN C 257 -6.50 -2.65 -6.53
CA ASN C 257 -5.96 -3.17 -5.27
C ASN C 257 -7.05 -3.42 -4.27
N CYS C 258 -8.13 -2.66 -4.40
CA CYS C 258 -9.23 -2.72 -3.46
C CYS C 258 -10.40 -3.61 -3.88
N LEU C 259 -10.23 -4.38 -4.96
CA LEU C 259 -11.36 -5.11 -5.55
C LEU C 259 -11.20 -6.63 -5.46
N ASN C 260 -12.24 -7.32 -4.96
CA ASN C 260 -12.26 -8.79 -4.89
C ASN C 260 -12.45 -9.42 -6.26
N PRO C 261 -11.96 -10.65 -6.45
CA PRO C 261 -12.28 -11.32 -7.72
C PRO C 261 -13.79 -11.42 -7.92
N GLY C 262 -14.23 -11.34 -9.17
CA GLY C 262 -15.66 -11.29 -9.46
C GLY C 262 -16.27 -9.93 -9.12
N GLY C 263 -15.44 -8.99 -8.69
CA GLY C 263 -15.90 -7.66 -8.32
C GLY C 263 -16.17 -6.74 -9.51
N THR C 264 -16.79 -5.60 -9.22
CA THR C 264 -17.20 -4.66 -10.26
C THR C 264 -16.62 -3.27 -9.98
N LEU C 265 -16.11 -2.65 -11.05
CA LEU C 265 -15.56 -1.31 -11.00
C LEU C 265 -16.40 -0.36 -11.85
N VAL C 266 -17.05 0.61 -11.19
CA VAL C 266 -17.77 1.66 -11.89
C VAL C 266 -16.93 2.92 -11.82
N VAL C 267 -16.57 3.50 -12.97
CA VAL C 267 -15.69 4.67 -12.99
C VAL C 267 -16.15 5.73 -13.98
N LYS C 268 -16.25 6.96 -13.50
CA LYS C 268 -16.71 8.08 -14.31
C LYS C 268 -15.69 8.40 -15.41
N SER C 269 -16.21 8.59 -16.62
CA SER C 269 -15.38 8.95 -17.76
C SER C 269 -16.13 9.84 -18.74
N TYR C 270 -15.40 10.33 -19.73
CA TYR C 270 -15.99 11.05 -20.85
C TYR C 270 -16.05 10.23 -22.15
N GLY C 271 -15.86 8.93 -22.03
CA GLY C 271 -15.72 8.06 -23.18
C GLY C 271 -14.25 7.78 -23.30
N TYR C 272 -13.81 7.09 -24.35
CA TYR C 272 -12.41 7.16 -24.72
C TYR C 272 -12.24 7.64 -26.15
N ALA C 273 -12.14 8.95 -26.35
CA ALA C 273 -12.12 9.49 -27.71
C ALA C 273 -10.70 9.43 -28.27
N ASP C 274 -9.76 9.81 -27.42
CA ASP C 274 -8.35 9.83 -27.77
C ASP C 274 -7.75 8.44 -27.67
N ARG C 275 -6.71 8.20 -28.47
CA ARG C 275 -6.06 6.89 -28.51
C ARG C 275 -5.63 6.42 -27.13
N ASN C 276 -5.10 7.33 -26.31
CA ASN C 276 -4.64 6.91 -24.99
C ASN C 276 -5.80 6.45 -24.11
N SER C 277 -6.85 7.25 -24.01
CA SER C 277 -8.02 6.82 -23.24
C SER C 277 -8.49 5.44 -23.71
N GLU C 278 -8.49 5.21 -25.02
CA GLU C 278 -8.95 3.93 -25.55
C GLU C 278 -8.02 2.77 -25.18
N ASP C 279 -6.72 3.03 -25.18
CA ASP C 279 -5.76 1.98 -24.87
C ASP C 279 -5.98 1.56 -23.43
N VAL C 280 -6.28 2.57 -22.60
CA VAL C 280 -6.50 2.36 -21.19
C VAL C 280 -7.76 1.56 -20.94
N VAL C 281 -8.85 1.94 -21.59
CA VAL C 281 -10.11 1.26 -21.38
C VAL C 281 -9.99 -0.18 -21.85
N THR C 282 -9.17 -0.39 -22.86
CA THR C 282 -8.97 -1.72 -23.41
C THR C 282 -8.20 -2.62 -22.45
N ALA C 283 -7.08 -2.14 -21.95
CA ALA C 283 -6.25 -2.92 -21.03
C ALA C 283 -7.06 -3.26 -19.78
N LEU C 284 -7.81 -2.28 -19.31
CA LEU C 284 -8.61 -2.43 -18.11
C LEU C 284 -9.71 -3.45 -18.39
N ALA C 285 -10.31 -3.35 -19.58
CA ALA C 285 -11.45 -4.19 -19.97
C ALA C 285 -11.02 -5.63 -20.10
N ARG C 286 -9.78 -5.83 -20.52
CA ARG C 286 -9.22 -7.15 -20.70
C ARG C 286 -9.26 -7.95 -19.38
N LYS C 287 -9.29 -7.25 -18.26
CA LYS C 287 -9.32 -7.87 -16.94
C LYS C 287 -10.71 -8.36 -16.49
N PHE C 288 -11.76 -8.07 -17.28
CA PHE C 288 -13.13 -8.36 -16.85
C PHE C 288 -13.93 -9.22 -17.83
N VAL C 289 -14.89 -9.93 -17.30
CA VAL C 289 -15.75 -10.80 -18.11
C VAL C 289 -16.63 -9.95 -19.02
N ARG C 290 -17.19 -8.88 -18.48
CA ARG C 290 -18.04 -7.96 -19.23
C ARG C 290 -17.66 -6.50 -18.98
N VAL C 291 -17.97 -5.65 -19.95
CA VAL C 291 -17.95 -4.20 -19.72
C VAL C 291 -19.02 -3.49 -20.52
N SER C 292 -19.75 -2.61 -19.85
CA SER C 292 -20.81 -1.82 -20.47
C SER C 292 -20.61 -0.37 -20.03
N ALA C 293 -21.60 0.47 -20.35
CA ALA C 293 -21.54 1.87 -20.01
C ALA C 293 -22.94 2.39 -19.68
N ALA C 294 -23.00 3.48 -18.94
CA ALA C 294 -24.27 4.05 -18.56
C ALA C 294 -24.12 5.54 -18.35
N ARG C 295 -25.19 6.28 -18.65
CA ARG C 295 -25.23 7.70 -18.37
C ARG C 295 -26.50 7.96 -17.56
N PRO C 296 -26.44 7.64 -16.26
CA PRO C 296 -27.61 7.79 -15.38
C PRO C 296 -27.91 9.25 -15.08
N ASP C 297 -28.97 9.46 -14.33
CA ASP C 297 -29.49 10.79 -14.07
C ASP C 297 -28.56 11.59 -13.16
N CYS C 298 -27.57 10.93 -12.55
CA CYS C 298 -26.71 11.58 -11.56
C CYS C 298 -25.44 12.21 -12.16
N VAL C 299 -25.31 12.18 -13.49
CA VAL C 299 -24.21 12.86 -14.16
C VAL C 299 -24.42 14.36 -14.15
N SER C 300 -23.32 15.11 -14.18
CA SER C 300 -23.34 16.56 -14.12
C SER C 300 -23.28 17.23 -15.50
N SER C 301 -23.13 16.43 -16.55
CA SER C 301 -23.06 16.96 -17.91
C SER C 301 -23.41 15.89 -18.92
N ASN C 302 -23.48 16.29 -20.18
CA ASN C 302 -23.83 15.38 -21.26
C ASN C 302 -22.63 14.59 -21.78
N THR C 303 -21.42 15.00 -21.42
CA THR C 303 -20.23 14.23 -21.77
C THR C 303 -19.89 13.18 -20.72
N GLU C 304 -20.46 13.30 -19.52
CA GLU C 304 -20.14 12.34 -18.44
C GLU C 304 -20.70 10.95 -18.74
N MET C 305 -19.86 9.95 -18.53
CA MET C 305 -20.19 8.57 -18.83
C MET C 305 -19.59 7.64 -17.77
N TYR C 306 -20.40 6.83 -17.13
CA TYR C 306 -19.88 5.79 -16.25
C TYR C 306 -19.54 4.52 -17.01
N LEU C 307 -18.27 4.11 -16.96
CA LEU C 307 -17.84 2.81 -17.45
C LEU C 307 -18.01 1.75 -16.38
N ILE C 308 -18.68 0.66 -16.74
CA ILE C 308 -18.95 -0.43 -15.81
C ILE C 308 -18.22 -1.71 -16.23
N PHE C 309 -17.17 -2.04 -15.49
CA PHE C 309 -16.40 -3.26 -15.72
C PHE C 309 -16.85 -4.32 -14.73
N ARG C 310 -17.33 -5.44 -15.24
CA ARG C 310 -17.98 -6.45 -14.41
C ARG C 310 -17.19 -7.75 -14.29
N GLN C 311 -17.13 -8.28 -13.06
CA GLN C 311 -16.52 -9.57 -12.77
C GLN C 311 -15.02 -9.63 -13.07
N LEU C 312 -14.22 -9.08 -12.15
CA LEU C 312 -12.78 -9.05 -12.33
C LEU C 312 -12.15 -10.41 -12.08
N ASP C 313 -11.62 -11.04 -13.13
CA ASP C 313 -10.68 -12.16 -12.96
C ASP C 313 -9.23 -11.81 -13.30
N ASN C 314 -9.00 -10.60 -13.79
CA ASN C 314 -7.67 -10.15 -14.23
C ASN C 314 -6.99 -11.16 -15.15
N SER C 315 -7.71 -11.57 -16.19
CA SER C 315 -7.20 -12.59 -17.09
C SER C 315 -6.15 -12.12 -18.09
N ARG C 316 -4.92 -12.58 -17.91
CA ARG C 316 -4.23 -13.35 -18.93
C ARG C 316 -4.53 -12.97 -20.39
N THR C 317 -5.08 -13.99 -21.06
CA THR C 317 -5.27 -14.07 -22.50
C THR C 317 -6.60 -13.55 -23.07
N ARG C 318 -7.45 -12.97 -22.24
CA ARG C 318 -8.75 -12.49 -22.73
C ARG C 318 -8.58 -11.56 -23.94
N GLN C 319 -9.34 -11.82 -25.00
CA GLN C 319 -9.24 -10.98 -26.18
C GLN C 319 -10.42 -10.01 -26.24
N PHE C 320 -10.14 -8.75 -25.96
CA PHE C 320 -11.17 -7.73 -25.93
C PHE C 320 -11.12 -6.86 -27.18
N THR C 321 -12.29 -6.58 -27.74
CA THR C 321 -12.40 -5.65 -28.85
C THR C 321 -13.54 -4.68 -28.59
N PRO C 322 -13.38 -3.43 -29.04
CA PRO C 322 -14.24 -2.28 -28.78
C PRO C 322 -15.61 -2.30 -29.49
N HIS C 323 -15.88 -3.29 -30.34
CA HIS C 323 -17.10 -3.28 -31.13
C HIS C 323 -18.34 -2.96 -30.29
N HIS C 324 -18.62 -3.80 -29.31
CA HIS C 324 -19.77 -3.62 -28.43
C HIS C 324 -19.74 -2.28 -27.71
N LEU C 325 -18.65 -2.02 -26.97
CA LEU C 325 -18.57 -0.81 -26.17
C LEU C 325 -18.69 0.46 -27.01
N ASN C 326 -18.08 0.43 -28.19
CA ASN C 326 -18.22 1.53 -29.14
C ASN C 326 -19.68 1.79 -29.44
N CYS C 327 -20.40 0.72 -29.77
CA CYS C 327 -21.81 0.83 -30.13
C CYS C 327 -22.62 1.43 -28.98
N VAL C 328 -22.41 0.93 -27.77
CA VAL C 328 -23.15 1.39 -26.61
C VAL C 328 -22.95 2.87 -26.31
N ILE C 329 -21.69 3.23 -26.08
CA ILE C 329 -21.35 4.60 -25.76
C ILE C 329 -21.82 5.57 -26.83
N SER C 330 -21.59 5.21 -28.07
CA SER C 330 -21.89 6.09 -29.19
C SER C 330 -23.40 6.35 -29.24
N SER C 331 -24.16 5.29 -29.05
CA SER C 331 -25.60 5.39 -29.10
C SER C 331 -26.14 6.25 -27.98
N VAL C 332 -25.56 6.13 -26.79
CA VAL C 332 -25.96 6.96 -25.66
C VAL C 332 -25.74 8.45 -25.98
N TYR C 333 -24.55 8.76 -26.50
CA TYR C 333 -24.22 10.13 -26.88
C TYR C 333 -25.09 10.66 -28.03
N GLU C 334 -25.55 9.76 -28.89
CA GLU C 334 -26.34 10.13 -30.06
C GLU C 334 -27.84 10.16 -29.78
N GLY C 335 -28.21 9.93 -28.52
CA GLY C 335 -29.61 10.05 -28.13
C GLY C 335 -30.39 8.75 -28.24
N THR C 336 -29.82 7.77 -28.93
CA THR C 336 -30.40 6.43 -29.02
C THR C 336 -30.28 5.73 -27.66
N ARG C 337 -30.76 4.51 -27.59
CA ARG C 337 -30.54 3.66 -26.42
C ARG C 337 -30.87 4.34 -25.10
N ASP C 338 -30.10 4.03 -24.05
CA ASP C 338 -30.57 4.38 -22.70
C ASP C 338 -29.73 5.53 -22.10
N GLY C 339 -28.44 5.35 -21.84
CA GLY C 339 -27.83 4.08 -21.53
C GLY C 339 -27.96 3.83 -20.04
N VAL C 340 -28.22 2.59 -19.65
CA VAL C 340 -28.41 2.25 -18.24
C VAL C 340 -27.88 0.85 -18.10
N GLY C 341 -27.81 0.32 -16.89
CA GLY C 341 -27.49 -1.08 -16.72
C GLY C 341 -26.27 -1.39 -17.55
N ALA C 342 -26.21 -2.56 -18.17
CA ALA C 342 -27.15 -3.64 -17.94
C ALA C 342 -26.40 -4.81 -17.34
N ALA C 343 -27.07 -5.65 -16.57
CA ALA C 343 -26.42 -6.82 -15.97
C ALA C 343 -27.03 -8.05 -16.62
N PRO C 344 -26.64 -8.33 -17.87
CA PRO C 344 -27.24 -9.42 -18.66
C PRO C 344 -27.02 -10.76 -18.03
N SER C 345 -27.91 -11.70 -18.33
CA SER C 345 -27.80 -13.03 -17.78
C SER C 345 -28.15 -14.09 -18.81
N TYR C 346 -27.67 -15.31 -18.59
CA TYR C 346 -28.05 -16.44 -19.43
C TYR C 346 -29.03 -17.35 -18.70
N ARG C 347 -29.94 -17.96 -19.44
CA ARG C 347 -30.77 -19.04 -18.90
C ARG C 347 -31.10 -20.01 -20.02
N THR C 348 -31.72 -21.13 -19.69
CA THR C 348 -32.11 -22.13 -20.68
C THR C 348 -33.58 -22.45 -20.55
N LYS C 349 -34.17 -22.89 -21.65
CA LYS C 349 -35.53 -23.38 -21.67
C LYS C 349 -35.63 -24.64 -22.51
N ARG C 350 -36.47 -25.58 -22.08
CA ARG C 350 -36.75 -26.79 -22.85
C ARG C 350 -37.96 -26.60 -23.76
N GLU C 351 -38.60 -25.44 -23.65
CA GLU C 351 -39.85 -25.15 -24.37
C GLU C 351 -39.63 -24.99 -25.89
N ASN C 352 -40.72 -24.98 -26.65
CA ASN C 352 -40.66 -24.70 -28.09
C ASN C 352 -40.35 -23.22 -28.35
N ILE C 353 -39.28 -23.00 -29.12
CA ILE C 353 -38.77 -21.65 -29.32
C ILE C 353 -39.79 -20.76 -30.01
N ALA C 354 -40.73 -21.35 -30.73
CA ALA C 354 -41.77 -20.58 -31.39
C ALA C 354 -42.57 -19.75 -30.38
N ASP C 355 -42.58 -20.23 -29.13
CA ASP C 355 -43.34 -19.58 -28.07
C ASP C 355 -42.51 -18.57 -27.26
N CYS C 356 -41.28 -18.31 -27.71
CA CYS C 356 -40.38 -17.45 -26.96
C CYS C 356 -40.98 -16.05 -26.70
N GLN C 357 -40.66 -15.51 -25.53
CA GLN C 357 -41.06 -14.16 -25.16
C GLN C 357 -39.97 -13.12 -25.45
N GLU C 358 -38.81 -13.54 -25.92
CA GLU C 358 -37.67 -12.64 -26.09
C GLU C 358 -37.85 -11.73 -27.31
N GLU C 359 -37.23 -10.56 -27.25
CA GLU C 359 -37.42 -9.54 -28.29
C GLU C 359 -37.10 -10.07 -29.69
N ALA C 360 -36.01 -10.82 -29.79
CA ALA C 360 -35.56 -11.41 -31.04
C ALA C 360 -35.37 -12.91 -30.86
N VAL C 361 -35.58 -13.67 -31.93
CA VAL C 361 -35.36 -15.11 -31.91
C VAL C 361 -34.37 -15.42 -33.02
N VAL C 362 -33.44 -16.33 -32.75
CA VAL C 362 -32.41 -16.66 -33.71
C VAL C 362 -32.72 -18.01 -34.32
N ASN C 363 -32.83 -18.04 -35.64
CA ASN C 363 -32.99 -19.29 -36.36
C ASN C 363 -31.63 -19.90 -36.69
N ALA C 364 -31.52 -21.22 -36.58
CA ALA C 364 -30.35 -21.89 -37.07
C ALA C 364 -30.71 -22.21 -38.50
N ALA C 365 -30.12 -21.47 -39.40
CA ALA C 365 -30.63 -21.40 -40.75
C ALA C 365 -29.72 -22.14 -41.70
N ASN C 366 -30.12 -22.16 -42.96
CA ASN C 366 -29.27 -22.66 -44.02
C ASN C 366 -29.06 -21.53 -45.00
N PRO C 367 -27.98 -21.62 -45.78
CA PRO C 367 -27.55 -20.54 -46.69
C PRO C 367 -28.62 -20.11 -47.69
N LEU C 368 -29.47 -21.06 -48.09
CA LEU C 368 -30.47 -20.78 -49.14
C LEU C 368 -31.72 -20.10 -48.57
N GLY C 369 -31.78 -19.96 -47.26
CA GLY C 369 -32.87 -19.25 -46.63
C GLY C 369 -34.18 -20.00 -46.73
N ARG C 370 -34.10 -21.33 -46.71
CA ARG C 370 -35.32 -22.14 -46.83
C ARG C 370 -35.67 -22.81 -45.51
N PRO C 371 -36.97 -23.09 -45.32
CA PRO C 371 -37.39 -23.84 -44.13
C PRO C 371 -36.70 -25.19 -44.11
N GLY C 372 -36.46 -25.73 -42.92
CA GLY C 372 -35.81 -27.01 -42.81
C GLY C 372 -36.08 -27.63 -41.47
N GLU C 373 -35.61 -28.85 -41.27
CA GLU C 373 -35.86 -29.55 -40.03
C GLU C 373 -35.07 -28.88 -38.89
N GLY C 374 -35.57 -28.97 -37.67
CA GLY C 374 -34.93 -28.32 -36.54
C GLY C 374 -35.73 -27.16 -35.98
N VAL C 375 -35.08 -26.34 -35.16
CA VAL C 375 -35.67 -25.09 -34.69
C VAL C 375 -36.30 -24.33 -35.87
N CYS C 376 -35.62 -24.40 -37.02
CA CYS C 376 -36.07 -23.71 -38.22
C CYS C 376 -37.49 -24.06 -38.62
N ARG C 377 -37.87 -25.31 -38.39
CA ARG C 377 -39.22 -25.75 -38.68
C ARG C 377 -40.23 -24.94 -37.86
N ALA C 378 -39.99 -24.82 -36.56
CA ALA C 378 -40.87 -24.10 -35.67
C ALA C 378 -40.95 -22.63 -36.04
N ILE C 379 -39.79 -22.04 -36.36
CA ILE C 379 -39.70 -20.63 -36.67
C ILE C 379 -40.46 -20.35 -37.99
N TYR C 380 -40.37 -21.26 -38.94
CA TYR C 380 -41.05 -21.10 -40.21
C TYR C 380 -42.57 -21.19 -40.03
N LYS C 381 -43.02 -22.12 -39.20
CA LYS C 381 -44.45 -22.26 -38.97
C LYS C 381 -45.06 -21.08 -38.19
N ARG C 382 -44.32 -20.48 -37.26
CA ARG C 382 -44.84 -19.31 -36.54
C ARG C 382 -44.71 -18.00 -37.29
N TRP C 383 -43.58 -17.83 -37.99
CA TRP C 383 -43.27 -16.58 -38.66
C TRP C 383 -42.91 -16.81 -40.12
N PRO C 384 -43.83 -17.39 -40.90
CA PRO C 384 -43.56 -17.77 -42.29
C PRO C 384 -42.92 -16.66 -43.13
N THR C 385 -43.41 -15.44 -43.00
CA THR C 385 -42.97 -14.37 -43.88
C THR C 385 -41.55 -13.89 -43.59
N SER C 386 -40.98 -14.32 -42.46
CA SER C 386 -39.59 -13.96 -42.18
C SER C 386 -38.68 -14.72 -43.14
N PHE C 387 -39.25 -15.73 -43.79
CA PHE C 387 -38.54 -16.53 -44.79
C PHE C 387 -38.74 -16.03 -46.23
N THR C 388 -39.34 -14.86 -46.40
CA THR C 388 -39.50 -14.26 -47.72
C THR C 388 -38.16 -14.05 -48.42
N ASP C 389 -37.29 -13.19 -47.87
CA ASP C 389 -35.91 -13.20 -48.30
C ASP C 389 -34.99 -13.43 -47.10
N SER C 390 -34.60 -14.69 -46.89
CA SER C 390 -33.76 -15.07 -45.75
C SER C 390 -32.31 -15.45 -46.02
N ALA C 391 -31.94 -15.56 -47.28
CA ALA C 391 -30.68 -16.22 -47.61
C ALA C 391 -29.52 -15.35 -47.16
N THR C 392 -28.55 -15.98 -46.52
CA THR C 392 -27.37 -15.29 -46.08
C THR C 392 -26.29 -16.38 -46.07
N GLU C 393 -25.03 -16.00 -46.26
CA GLU C 393 -23.96 -16.98 -46.40
C GLU C 393 -23.59 -17.61 -45.07
N THR C 394 -22.97 -18.77 -45.13
CA THR C 394 -22.44 -19.41 -43.95
C THR C 394 -21.48 -18.47 -43.24
N GLY C 395 -21.59 -18.40 -41.92
CA GLY C 395 -20.74 -17.55 -41.12
C GLY C 395 -21.32 -16.17 -40.93
N THR C 396 -22.56 -15.99 -41.36
CA THR C 396 -23.21 -14.70 -41.22
C THR C 396 -24.61 -14.84 -40.65
N ALA C 397 -25.26 -13.70 -40.42
CA ALA C 397 -26.64 -13.68 -39.91
C ALA C 397 -27.38 -12.52 -40.54
N ARG C 398 -28.68 -12.69 -40.73
CA ARG C 398 -29.51 -11.72 -41.43
C ARG C 398 -30.74 -11.36 -40.63
N MET C 399 -30.95 -10.07 -40.43
CA MET C 399 -32.10 -9.59 -39.68
C MET C 399 -33.32 -9.55 -40.59
N THR C 400 -34.43 -10.11 -40.11
CA THR C 400 -35.70 -10.00 -40.81
C THR C 400 -36.77 -9.76 -39.76
N VAL C 401 -37.92 -9.23 -40.16
CA VAL C 401 -38.95 -8.92 -39.18
C VAL C 401 -40.32 -9.41 -39.63
N CYS C 402 -41.01 -10.14 -38.77
CA CYS C 402 -42.37 -10.55 -39.04
C CYS C 402 -43.29 -9.88 -38.03
N LEU C 403 -44.07 -8.92 -38.50
CA LEU C 403 -44.91 -8.13 -37.62
C LEU C 403 -44.06 -7.63 -36.45
N GLY C 404 -44.42 -8.01 -35.23
CA GLY C 404 -43.74 -7.48 -34.06
C GLY C 404 -42.53 -8.29 -33.58
N LYS C 405 -41.92 -9.10 -34.45
CA LYS C 405 -40.87 -10.00 -34.01
C LYS C 405 -39.63 -9.96 -34.90
N LYS C 406 -38.46 -9.87 -34.29
CA LYS C 406 -37.22 -9.90 -35.06
C LYS C 406 -36.71 -11.33 -35.19
N VAL C 407 -36.66 -11.82 -36.42
CA VAL C 407 -36.09 -13.12 -36.68
C VAL C 407 -34.72 -12.97 -37.34
N ILE C 408 -33.69 -13.41 -36.63
CA ILE C 408 -32.34 -13.37 -37.12
C ILE C 408 -31.92 -14.74 -37.61
N HIS C 409 -31.67 -14.85 -38.90
CA HIS C 409 -31.23 -16.12 -39.47
C HIS C 409 -29.72 -16.18 -39.44
N ALA C 410 -29.19 -17.07 -38.61
CA ALA C 410 -27.75 -17.25 -38.46
C ALA C 410 -27.41 -18.60 -39.05
N VAL C 411 -26.43 -18.62 -39.94
CA VAL C 411 -26.08 -19.86 -40.64
C VAL C 411 -24.75 -20.40 -40.15
N GLY C 412 -24.80 -21.50 -39.42
CA GLY C 412 -23.59 -22.15 -38.96
C GLY C 412 -23.00 -22.98 -40.09
N PRO C 413 -21.73 -23.36 -39.94
CA PRO C 413 -21.06 -24.23 -40.91
C PRO C 413 -21.54 -25.67 -40.79
N ASP C 414 -21.58 -26.36 -41.93
CA ASP C 414 -21.74 -27.80 -41.96
C ASP C 414 -20.35 -28.38 -41.80
N PHE C 415 -20.14 -29.14 -40.73
CA PHE C 415 -18.80 -29.63 -40.42
C PHE C 415 -18.33 -30.69 -41.42
N ARG C 416 -19.24 -31.21 -42.23
CA ARG C 416 -18.88 -32.15 -43.28
C ARG C 416 -18.20 -31.41 -44.43
N LYS C 417 -18.56 -30.15 -44.61
CA LYS C 417 -18.11 -29.39 -45.77
C LYS C 417 -16.89 -28.50 -45.51
N HIS C 418 -16.36 -28.50 -44.30
CA HIS C 418 -15.24 -27.61 -43.98
C HIS C 418 -14.24 -28.27 -43.04
N PRO C 419 -12.96 -27.94 -43.22
CA PRO C 419 -11.94 -28.40 -42.26
C PRO C 419 -12.18 -27.79 -40.89
N GLU C 420 -11.77 -28.49 -39.83
CA GLU C 420 -12.19 -28.16 -38.47
C GLU C 420 -11.89 -26.74 -38.03
N ALA C 421 -10.72 -26.21 -38.38
CA ALA C 421 -10.34 -24.88 -37.93
C ALA C 421 -11.20 -23.83 -38.59
N GLU C 422 -11.36 -23.99 -39.89
CA GLU C 422 -12.14 -23.07 -40.69
C GLU C 422 -13.61 -23.09 -40.25
N ALA C 423 -14.17 -24.28 -40.06
CA ALA C 423 -15.53 -24.43 -39.57
C ALA C 423 -15.73 -23.73 -38.23
N LEU C 424 -14.78 -23.95 -37.33
CA LEU C 424 -14.83 -23.32 -36.03
C LEU C 424 -14.95 -21.80 -36.19
N LYS C 425 -14.12 -21.23 -37.05
CA LYS C 425 -14.13 -19.79 -37.30
C LYS C 425 -15.47 -19.30 -37.87
N LEU C 426 -16.04 -20.06 -38.80
CA LEU C 426 -17.33 -19.71 -39.40
C LEU C 426 -18.47 -19.70 -38.38
N LEU C 427 -18.44 -20.68 -37.49
CA LEU C 427 -19.46 -20.81 -36.44
C LEU C 427 -19.35 -19.60 -35.50
N GLN C 428 -18.14 -19.32 -35.06
CA GLN C 428 -17.85 -18.18 -34.20
C GLN C 428 -18.33 -16.89 -34.86
N ASN C 429 -18.12 -16.80 -36.18
CA ASN C 429 -18.47 -15.60 -36.91
C ASN C 429 -19.98 -15.41 -37.04
N ALA C 430 -20.69 -16.52 -37.16
CA ALA C 430 -22.15 -16.51 -37.17
C ALA C 430 -22.67 -15.93 -35.87
N TYR C 431 -22.11 -16.41 -34.75
CA TYR C 431 -22.49 -15.88 -33.46
C TYR C 431 -22.14 -14.39 -33.32
N HIS C 432 -20.97 -13.98 -33.79
CA HIS C 432 -20.56 -12.59 -33.69
C HIS C 432 -21.51 -11.70 -34.47
N ALA C 433 -22.02 -12.22 -35.58
CA ALA C 433 -22.92 -11.49 -36.45
C ALA C 433 -24.25 -11.29 -35.73
N VAL C 434 -24.70 -12.33 -35.03
CA VAL C 434 -25.87 -12.19 -34.18
C VAL C 434 -25.62 -11.07 -33.17
N ALA C 435 -24.43 -11.07 -32.56
CA ALA C 435 -24.11 -10.04 -31.56
C ALA C 435 -24.07 -8.64 -32.19
N ASP C 436 -23.61 -8.56 -33.43
CA ASP C 436 -23.53 -7.28 -34.11
C ASP C 436 -24.94 -6.71 -34.24
N LEU C 437 -25.86 -7.58 -34.63
CA LEU C 437 -27.26 -7.20 -34.79
C LEU C 437 -27.90 -6.79 -33.45
N VAL C 438 -27.63 -7.56 -32.40
CA VAL C 438 -28.22 -7.27 -31.10
C VAL C 438 -27.83 -5.88 -30.64
N ASN C 439 -26.56 -5.56 -30.80
CA ASN C 439 -26.04 -4.27 -30.36
C ASN C 439 -26.53 -3.13 -31.21
N GLU C 440 -26.53 -3.34 -32.53
CA GLU C 440 -26.90 -2.30 -33.48
C GLU C 440 -28.36 -1.90 -33.32
N HIS C 441 -29.21 -2.87 -33.01
CA HIS C 441 -30.63 -2.63 -32.79
C HIS C 441 -31.06 -2.53 -31.32
N ASN C 442 -30.09 -2.55 -30.41
CA ASN C 442 -30.38 -2.51 -28.98
C ASN C 442 -31.41 -3.54 -28.56
N ILE C 443 -31.22 -4.77 -29.00
CA ILE C 443 -32.11 -5.86 -28.65
C ILE C 443 -31.87 -6.23 -27.20
N LYS C 444 -32.93 -6.17 -26.41
CA LYS C 444 -32.80 -6.37 -24.96
C LYS C 444 -32.76 -7.83 -24.51
N SER C 445 -33.44 -8.71 -25.24
CA SER C 445 -33.40 -10.14 -24.94
C SER C 445 -33.43 -10.91 -26.25
N VAL C 446 -32.79 -12.07 -26.26
CA VAL C 446 -32.75 -12.90 -27.46
C VAL C 446 -32.86 -14.38 -27.11
N ALA C 447 -33.73 -15.09 -27.81
CA ALA C 447 -33.82 -16.54 -27.72
C ALA C 447 -32.94 -17.11 -28.81
N ILE C 448 -32.08 -18.05 -28.45
CA ILE C 448 -31.14 -18.58 -29.42
C ILE C 448 -30.87 -20.07 -29.19
N PRO C 449 -30.76 -20.84 -30.28
CA PRO C 449 -30.37 -22.26 -30.21
C PRO C 449 -28.86 -22.43 -30.37
N LEU C 450 -28.35 -23.64 -30.25
CA LEU C 450 -26.93 -23.86 -30.47
C LEU C 450 -26.71 -24.23 -31.94
N LEU C 451 -26.05 -23.32 -32.66
CA LEU C 451 -25.83 -23.50 -34.09
C LEU C 451 -24.93 -24.69 -34.38
N SER C 452 -25.24 -25.38 -35.47
CA SER C 452 -24.38 -26.48 -35.94
C SER C 452 -24.28 -27.66 -34.97
N THR C 453 -25.27 -27.83 -34.09
CA THR C 453 -25.35 -29.01 -33.26
C THR C 453 -26.33 -30.02 -33.86
N GLY C 454 -27.00 -29.62 -34.92
CA GLY C 454 -27.97 -30.45 -35.63
C GLY C 454 -27.18 -31.29 -36.60
N ILE C 455 -27.68 -31.56 -37.79
CA ILE C 455 -26.92 -32.49 -38.62
C ILE C 455 -25.82 -31.79 -39.44
N TYR C 456 -25.67 -30.48 -39.23
CA TYR C 456 -24.41 -29.80 -39.58
C TYR C 456 -23.27 -30.23 -38.67
N ALA C 457 -23.60 -30.89 -37.55
CA ALA C 457 -22.59 -31.35 -36.60
C ALA C 457 -21.74 -32.49 -37.15
N ALA C 458 -22.21 -33.12 -38.23
CA ALA C 458 -21.46 -34.21 -38.86
C ALA C 458 -21.25 -35.38 -37.91
N GLY C 459 -22.32 -35.79 -37.25
CA GLY C 459 -22.31 -36.98 -36.42
C GLY C 459 -21.57 -36.86 -35.10
N LYS C 460 -21.14 -35.64 -34.76
CA LYS C 460 -20.39 -35.42 -33.54
C LYS C 460 -21.13 -34.46 -32.61
N ASP C 461 -20.75 -34.50 -31.34
CA ASP C 461 -21.42 -33.70 -30.33
C ASP C 461 -20.72 -32.34 -30.20
N ARG C 462 -21.40 -31.30 -30.66
CA ARG C 462 -20.84 -29.95 -30.74
C ARG C 462 -21.25 -29.03 -29.59
N LEU C 463 -21.98 -29.55 -28.61
CA LEU C 463 -22.57 -28.72 -27.56
C LEU C 463 -21.57 -27.73 -26.97
N GLU C 464 -20.45 -28.25 -26.47
CA GLU C 464 -19.45 -27.43 -25.80
C GLU C 464 -18.88 -26.31 -26.67
N VAL C 465 -18.53 -26.61 -27.92
CA VAL C 465 -17.89 -25.63 -28.77
C VAL C 465 -18.90 -24.60 -29.27
N SER C 466 -20.09 -25.05 -29.63
CA SER C 466 -21.15 -24.17 -30.07
C SER C 466 -21.52 -23.21 -28.94
N LEU C 467 -21.55 -23.75 -27.72
CA LEU C 467 -21.94 -22.97 -26.54
C LEU C 467 -20.89 -21.93 -26.23
N ASN C 468 -19.64 -22.32 -26.40
CA ASN C 468 -18.54 -21.43 -26.14
C ASN C 468 -18.47 -20.26 -27.13
N CYS C 469 -18.71 -20.55 -28.40
CA CYS C 469 -18.73 -19.50 -29.40
C CYS C 469 -19.90 -18.55 -29.12
N LEU C 470 -21.02 -19.14 -28.71
CA LEU C 470 -22.19 -18.35 -28.39
C LEU C 470 -21.88 -17.33 -27.32
N THR C 471 -21.33 -17.78 -26.20
CA THR C 471 -21.07 -16.87 -25.09
C THR C 471 -19.95 -15.89 -25.41
N THR C 472 -18.93 -16.33 -26.15
CA THR C 472 -17.84 -15.44 -26.54
C THR C 472 -18.42 -14.24 -27.23
N ALA C 473 -19.34 -14.51 -28.14
CA ALA C 473 -20.00 -13.46 -28.91
C ALA C 473 -20.99 -12.67 -28.07
N LEU C 474 -21.81 -13.34 -27.27
CA LEU C 474 -22.93 -12.66 -26.63
C LEU C 474 -22.60 -12.06 -25.26
N ASP C 475 -21.40 -12.32 -24.74
CA ASP C 475 -20.90 -11.57 -23.58
C ASP C 475 -20.67 -10.12 -24.03
N ARG C 476 -20.52 -9.97 -25.33
CA ARG C 476 -20.22 -8.71 -26.01
C ARG C 476 -21.49 -7.96 -26.39
N THR C 477 -22.61 -8.33 -25.78
CA THR C 477 -23.85 -7.58 -25.92
C THR C 477 -24.39 -7.23 -24.55
N ASP C 478 -25.41 -6.38 -24.50
CA ASP C 478 -26.12 -6.06 -23.26
C ASP C 478 -27.38 -6.90 -23.06
N ALA C 479 -27.60 -7.86 -23.95
CA ALA C 479 -28.87 -8.58 -23.98
C ALA C 479 -28.97 -9.76 -23.01
N ASP C 480 -30.17 -9.96 -22.47
CA ASP C 480 -30.48 -11.21 -21.77
C ASP C 480 -30.58 -12.31 -22.81
N VAL C 481 -29.91 -13.44 -22.55
CA VAL C 481 -29.90 -14.55 -23.52
C VAL C 481 -30.61 -15.80 -23.01
N THR C 482 -31.57 -16.29 -23.80
CA THR C 482 -32.24 -17.55 -23.49
C THR C 482 -31.91 -18.61 -24.52
N ILE C 483 -31.13 -19.59 -24.10
CA ILE C 483 -30.74 -20.71 -24.94
C ILE C 483 -31.82 -21.77 -24.91
N TYR C 484 -32.33 -22.10 -26.10
CA TYR C 484 -33.40 -23.08 -26.26
C TYR C 484 -32.85 -24.42 -26.69
N CYS C 485 -33.27 -25.48 -26.00
CA CYS C 485 -32.87 -26.83 -26.35
C CYS C 485 -34.00 -27.82 -26.07
N LEU C 486 -34.25 -28.74 -27.00
CA LEU C 486 -35.35 -29.69 -26.85
C LEU C 486 -35.03 -30.89 -25.93
N ASP C 487 -33.75 -31.14 -25.71
CA ASP C 487 -33.31 -32.40 -25.12
C ASP C 487 -32.90 -32.15 -23.67
N LYS C 488 -33.38 -32.98 -22.75
CA LYS C 488 -33.16 -32.76 -21.32
C LYS C 488 -31.72 -32.88 -20.88
N LYS C 489 -31.00 -33.85 -21.44
CA LYS C 489 -29.60 -34.09 -21.09
C LYS C 489 -28.73 -32.94 -21.60
N TRP C 490 -29.02 -32.47 -22.81
CA TRP C 490 -28.31 -31.31 -23.35
C TRP C 490 -28.60 -30.07 -22.49
N LYS C 491 -29.82 -29.94 -21.99
CA LYS C 491 -30.14 -28.80 -21.15
C LYS C 491 -29.34 -28.84 -19.86
N GLU C 492 -29.23 -30.03 -19.27
CA GLU C 492 -28.48 -30.22 -18.04
C GLU C 492 -27.01 -29.82 -18.24
N ARG C 493 -26.41 -30.26 -19.35
CA ARG C 493 -25.02 -29.97 -19.65
C ARG C 493 -24.80 -28.46 -19.86
N ILE C 494 -25.75 -27.82 -20.54
CA ILE C 494 -25.65 -26.39 -20.80
C ILE C 494 -25.78 -25.61 -19.49
N ASP C 495 -26.68 -26.05 -18.62
CA ASP C 495 -26.91 -25.37 -17.35
C ASP C 495 -25.66 -25.43 -16.48
N ALA C 496 -25.01 -26.59 -16.51
CA ALA C 496 -23.79 -26.81 -15.76
C ALA C 496 -22.69 -25.89 -16.27
N ALA C 497 -22.55 -25.80 -17.59
CA ALA C 497 -21.55 -24.94 -18.18
C ALA C 497 -21.81 -23.51 -17.76
N LEU C 498 -23.08 -23.13 -17.76
CA LEU C 498 -23.47 -21.77 -17.43
C LEU C 498 -23.19 -21.50 -15.96
N GLN C 499 -23.39 -22.52 -15.14
CA GLN C 499 -23.20 -22.36 -13.69
C GLN C 499 -21.73 -22.05 -13.43
N LEU C 500 -20.83 -22.81 -14.06
CA LEU C 500 -19.41 -22.52 -14.01
C LEU C 500 -19.09 -21.11 -14.52
N LYS C 501 -19.65 -20.74 -15.65
CA LYS C 501 -19.30 -19.46 -16.28
C LYS C 501 -19.82 -18.26 -15.48
N GLU C 502 -20.90 -18.45 -14.73
CA GLU C 502 -21.52 -17.33 -14.00
C GLU C 502 -20.68 -16.97 -12.79
N SER C 503 -19.90 -17.95 -12.34
CA SER C 503 -19.05 -17.78 -11.18
C SER C 503 -17.63 -17.39 -11.54
N VAL C 504 -17.23 -16.19 -11.12
CA VAL C 504 -15.83 -15.82 -11.23
C VAL C 504 -15.27 -16.01 -9.84
N THR C 505 -14.53 -17.10 -9.67
CA THR C 505 -14.08 -17.50 -8.36
C THR C 505 -12.64 -17.18 -7.99
N GLU C 506 -11.85 -16.70 -8.94
CA GLU C 506 -10.45 -16.40 -8.64
C GLU C 506 -9.78 -15.48 -9.65
N LEU C 507 -8.68 -14.85 -9.25
CA LEU C 507 -7.88 -14.08 -10.19
C LEU C 507 -7.05 -15.10 -10.93
N LYS C 508 -6.92 -14.96 -12.24
CA LYS C 508 -6.07 -15.87 -12.99
C LYS C 508 -4.64 -15.32 -13.11
N ASP C 509 -4.43 -14.07 -12.70
CA ASP C 509 -3.10 -13.50 -12.54
C ASP C 509 -3.15 -12.41 -11.45
N GLU C 510 -2.09 -12.28 -10.66
CA GLU C 510 -2.14 -11.34 -9.54
C GLU C 510 -1.56 -9.96 -9.86
N ASP C 511 -0.90 -9.80 -11.01
CA ASP C 511 -0.33 -8.52 -11.39
C ASP C 511 -1.40 -7.62 -11.98
N MET C 512 -1.63 -6.51 -11.30
CA MET C 512 -2.79 -5.67 -11.53
C MET C 512 -2.50 -4.53 -12.49
N GLU C 513 -1.31 -4.55 -13.07
CA GLU C 513 -0.89 -3.49 -13.97
C GLU C 513 -1.86 -3.28 -15.11
N ILE C 514 -2.07 -2.03 -15.47
CA ILE C 514 -2.83 -1.72 -16.68
C ILE C 514 -1.82 -1.35 -17.73
N ASP C 515 -1.53 -2.25 -18.66
CA ASP C 515 -0.52 -1.94 -19.67
C ASP C 515 -1.24 -1.53 -20.94
N ASP C 516 -1.27 -0.21 -21.17
CA ASP C 516 -1.99 0.33 -22.29
C ASP C 516 -1.09 0.40 -23.53
N GLU C 517 0.21 0.19 -23.32
CA GLU C 517 1.14 0.15 -24.44
C GLU C 517 1.24 -1.22 -25.09
N LEU C 518 1.04 -2.28 -24.31
CA LEU C 518 1.30 -3.63 -24.80
C LEU C 518 0.46 -4.02 -26.02
N VAL C 519 1.15 -4.52 -27.04
CA VAL C 519 0.52 -4.97 -28.28
C VAL C 519 0.65 -6.48 -28.38
N TRP C 520 -0.44 -7.16 -28.72
CA TRP C 520 -0.42 -8.60 -28.86
C TRP C 520 0.07 -8.94 -30.27
N ILE C 521 1.13 -9.73 -30.39
CA ILE C 521 1.71 -10.02 -31.70
C ILE C 521 1.68 -11.50 -32.03
N HIS C 522 1.74 -11.78 -33.33
CA HIS C 522 1.77 -13.14 -33.86
C HIS C 522 3.00 -13.88 -33.30
N PRO C 523 2.87 -15.18 -33.03
CA PRO C 523 3.94 -15.97 -32.40
C PRO C 523 5.26 -16.00 -33.16
N ASP C 524 5.16 -15.96 -34.48
CA ASP C 524 6.34 -15.97 -35.36
C ASP C 524 6.87 -14.57 -35.64
N SER C 525 6.28 -13.56 -35.01
CA SER C 525 6.73 -12.18 -35.20
C SER C 525 8.17 -11.99 -34.75
N CYS C 526 8.90 -11.14 -35.46
CA CYS C 526 10.27 -10.79 -35.12
C CYS C 526 10.31 -9.72 -34.02
N LEU C 527 9.13 -9.29 -33.58
CA LEU C 527 9.05 -8.29 -32.52
C LEU C 527 9.04 -8.98 -31.17
N LYS C 528 8.98 -10.32 -31.19
CA LYS C 528 9.02 -11.09 -29.95
C LYS C 528 10.27 -10.75 -29.13
N GLY C 529 10.06 -10.48 -27.85
CA GLY C 529 11.17 -10.14 -26.97
C GLY C 529 11.34 -8.63 -26.83
N ARG C 530 10.80 -7.88 -27.78
CA ARG C 530 10.92 -6.43 -27.72
C ARG C 530 9.91 -5.83 -26.73
N LYS C 531 10.34 -4.79 -26.04
CA LYS C 531 9.49 -4.15 -25.04
C LYS C 531 8.30 -3.51 -25.76
N GLY C 532 7.11 -3.66 -25.18
CA GLY C 532 5.91 -3.11 -25.76
C GLY C 532 5.10 -4.14 -26.53
N PHE C 533 5.68 -5.34 -26.68
CA PHE C 533 5.01 -6.40 -27.44
C PHE C 533 4.99 -7.72 -26.69
N SER C 534 3.93 -8.48 -26.93
CA SER C 534 3.76 -9.79 -26.31
C SER C 534 3.07 -10.75 -27.25
N THR C 535 3.52 -12.00 -27.20
CA THR C 535 2.95 -13.06 -28.02
C THR C 535 1.69 -13.63 -27.37
N THR C 536 1.62 -13.55 -26.04
CA THR C 536 0.50 -14.13 -25.29
C THR C 536 -0.63 -13.16 -24.89
N LYS C 537 -0.45 -11.85 -25.07
CA LYS C 537 -1.44 -10.88 -24.59
C LYS C 537 -1.23 -9.45 -25.12
N GLY C 538 -2.14 -8.55 -24.76
CA GLY C 538 -2.12 -7.17 -25.23
C GLY C 538 -3.22 -6.81 -26.22
N LYS C 539 -3.20 -5.59 -26.73
CA LYS C 539 -4.24 -5.10 -27.64
C LYS C 539 -4.10 -5.72 -29.04
N LEU C 540 -5.23 -5.81 -29.74
CA LEU C 540 -5.30 -6.56 -30.98
C LEU C 540 -5.18 -5.73 -32.26
N TYR C 541 -4.96 -4.42 -32.12
CA TYR C 541 -4.82 -3.53 -33.28
C TYR C 541 -3.64 -2.56 -33.09
N SER C 542 -2.84 -2.37 -34.14
CA SER C 542 -1.76 -1.40 -34.05
C SER C 542 -1.29 -0.85 -35.40
N TYR C 543 -0.80 0.38 -35.38
CA TYR C 543 -0.14 0.94 -36.54
C TYR C 543 1.37 0.65 -36.51
N PHE C 544 1.86 0.17 -35.37
CA PHE C 544 3.26 -0.19 -35.22
C PHE C 544 4.21 0.98 -35.50
N GLU C 545 3.73 2.20 -35.25
CA GLU C 545 4.60 3.36 -35.39
C GLU C 545 5.77 3.16 -34.44
N GLY C 546 6.95 3.56 -34.87
CA GLY C 546 8.15 3.31 -34.08
C GLY C 546 8.83 2.03 -34.52
N THR C 547 8.22 1.32 -35.47
CA THR C 547 8.87 0.18 -36.09
C THR C 547 8.91 0.36 -37.60
N LYS C 548 9.52 -0.59 -38.30
CA LYS C 548 9.67 -0.51 -39.74
C LYS C 548 8.41 -1.01 -40.44
N PHE C 549 7.47 -1.53 -39.66
CA PHE C 549 6.20 -2.03 -40.22
C PHE C 549 5.13 -0.94 -40.30
N HIS C 550 5.46 0.25 -39.80
CA HIS C 550 4.54 1.38 -39.79
C HIS C 550 3.98 1.70 -41.17
N GLN C 551 4.82 1.77 -42.19
CA GLN C 551 4.34 2.14 -43.52
C GLN C 551 3.33 1.10 -44.00
N ALA C 552 3.69 -0.18 -43.86
CA ALA C 552 2.79 -1.26 -44.27
C ALA C 552 1.45 -1.17 -43.55
N ALA C 553 1.50 -0.89 -42.25
CA ALA C 553 0.29 -0.80 -41.44
C ALA C 553 -0.61 0.33 -41.93
N LYS C 554 0.01 1.46 -42.23
CA LYS C 554 -0.69 2.64 -42.68
C LYS C 554 -1.43 2.35 -43.97
N ASP C 555 -0.73 1.67 -44.89
CA ASP C 555 -1.27 1.38 -46.22
C ASP C 555 -2.43 0.38 -46.17
N MET C 556 -2.29 -0.68 -45.38
CA MET C 556 -3.35 -1.64 -45.17
C MET C 556 -4.58 -0.91 -44.67
N ALA C 557 -4.36 -0.03 -43.71
CA ALA C 557 -5.43 0.73 -43.10
C ALA C 557 -6.13 1.64 -44.11
N GLU C 558 -5.35 2.32 -44.93
CA GLU C 558 -5.91 3.25 -45.91
C GLU C 558 -6.73 2.46 -46.93
N ILE C 559 -6.24 1.27 -47.27
CA ILE C 559 -6.91 0.42 -48.25
C ILE C 559 -8.25 -0.02 -47.71
N LYS C 560 -8.27 -0.32 -46.40
CA LYS C 560 -9.51 -0.75 -45.74
C LYS C 560 -10.50 0.43 -45.69
N VAL C 561 -9.99 1.65 -45.62
CA VAL C 561 -10.82 2.84 -45.67
C VAL C 561 -11.43 3.02 -47.05
N LEU C 562 -10.63 2.80 -48.10
CA LEU C 562 -11.08 2.97 -49.47
C LEU C 562 -12.05 1.87 -49.87
N PHE C 563 -11.89 0.70 -49.25
CA PHE C 563 -12.67 -0.47 -49.62
C PHE C 563 -13.27 -1.09 -48.36
N PRO C 564 -14.38 -0.52 -47.90
CA PRO C 564 -15.08 -0.93 -46.67
C PRO C 564 -15.48 -2.41 -46.65
N ASN C 565 -15.73 -2.99 -47.82
CA ASN C 565 -16.00 -4.43 -47.92
C ASN C 565 -14.72 -5.22 -47.69
N ASP C 566 -14.73 -6.12 -46.69
CA ASP C 566 -13.51 -6.81 -46.27
C ASP C 566 -12.85 -7.53 -47.45
N GLN C 567 -13.65 -8.20 -48.27
CA GLN C 567 -13.10 -9.01 -49.35
C GLN C 567 -12.51 -8.15 -50.47
N GLU C 568 -13.18 -7.07 -50.85
CA GLU C 568 -12.62 -6.16 -51.85
C GLU C 568 -11.33 -5.53 -51.32
N SER C 569 -11.33 -5.23 -50.02
CA SER C 569 -10.18 -4.67 -49.36
C SER C 569 -8.98 -5.60 -49.49
N ASN C 570 -9.21 -6.87 -49.19
CA ASN C 570 -8.14 -7.86 -49.22
C ASN C 570 -7.65 -8.15 -50.62
N GLU C 571 -8.52 -8.04 -51.61
CA GLU C 571 -8.11 -8.20 -52.99
C GLU C 571 -7.11 -7.11 -53.33
N GLN C 572 -7.45 -5.87 -52.97
CA GLN C 572 -6.55 -4.75 -53.21
C GLN C 572 -5.28 -4.87 -52.37
N LEU C 573 -5.39 -5.48 -51.20
CA LEU C 573 -4.22 -5.69 -50.34
C LEU C 573 -3.28 -6.66 -51.02
N CYS C 574 -3.84 -7.64 -51.73
CA CYS C 574 -3.04 -8.61 -52.49
C CYS C 574 -2.30 -7.90 -53.62
N ALA C 575 -3.02 -7.06 -54.35
CA ALA C 575 -2.41 -6.28 -55.40
C ALA C 575 -1.21 -5.49 -54.85
N TYR C 576 -1.40 -4.91 -53.67
CA TYR C 576 -0.39 -4.08 -53.03
C TYR C 576 0.83 -4.91 -52.67
N ILE C 577 0.56 -6.12 -52.17
CA ILE C 577 1.63 -7.04 -51.82
C ILE C 577 2.44 -7.35 -53.07
N LEU C 578 1.77 -7.38 -54.21
CA LEU C 578 2.40 -7.80 -55.46
C LEU C 578 3.12 -6.65 -56.15
N GLY C 579 3.17 -5.51 -55.48
CA GLY C 579 3.89 -4.36 -56.00
C GLY C 579 3.05 -3.19 -56.47
N GLU C 580 1.75 -3.39 -56.67
CA GLU C 580 0.91 -2.28 -57.11
C GLU C 580 1.03 -1.16 -56.08
N THR C 581 1.17 0.07 -56.54
CA THR C 581 1.39 1.19 -55.63
C THR C 581 0.10 1.70 -54.98
N MET C 582 0.21 2.68 -54.09
CA MET C 582 -0.95 3.19 -53.35
C MET C 582 -1.64 4.24 -54.20
N GLU C 583 -0.88 5.08 -54.87
CA GLU C 583 -1.43 6.06 -55.79
C GLU C 583 -2.46 5.38 -56.70
N ALA C 584 -2.05 4.23 -57.21
CA ALA C 584 -2.82 3.46 -58.16
C ALA C 584 -4.10 2.94 -57.53
N ILE C 585 -3.99 2.43 -56.30
CA ILE C 585 -5.13 1.88 -55.59
C ILE C 585 -6.14 2.96 -55.24
N ARG C 586 -5.66 4.15 -54.94
CA ARG C 586 -6.56 5.24 -54.58
C ARG C 586 -7.37 5.65 -55.80
N GLU C 587 -6.73 5.65 -56.96
CA GLU C 587 -7.45 5.87 -58.20
C GLU C 587 -8.44 4.74 -58.46
N LYS C 588 -8.05 3.52 -58.12
CA LYS C 588 -8.88 2.34 -58.28
C LYS C 588 -10.19 2.50 -57.47
N CYS C 589 -10.20 3.44 -56.54
CA CYS C 589 -11.37 3.74 -55.70
C CYS C 589 -12.27 4.80 -56.34
N PRO C 590 -13.60 4.53 -56.37
CA PRO C 590 -14.52 5.44 -57.07
C PRO C 590 -14.62 6.86 -56.52
N VAL C 591 -14.17 7.10 -55.29
CA VAL C 591 -14.52 8.35 -54.63
C VAL C 591 -13.41 8.99 -53.78
N ASP C 592 -13.69 10.23 -53.38
CA ASP C 592 -12.87 10.96 -52.43
C ASP C 592 -12.80 10.10 -51.18
N HIS C 593 -11.74 10.22 -50.39
CA HIS C 593 -11.63 9.38 -49.21
C HIS C 593 -11.02 10.15 -48.05
N ASN C 594 -11.27 9.65 -46.84
CA ASN C 594 -10.90 10.33 -45.61
C ASN C 594 -9.44 10.14 -45.18
N PRO C 595 -8.87 11.19 -44.53
CA PRO C 595 -7.54 11.27 -43.92
C PRO C 595 -7.32 10.27 -42.80
N SER C 596 -8.40 9.68 -42.32
CA SER C 596 -8.34 8.82 -41.15
C SER C 596 -8.53 7.37 -41.54
N SER C 597 -7.97 6.50 -40.72
CA SER C 597 -8.17 5.07 -40.89
C SER C 597 -8.26 4.42 -39.52
N SER C 598 -8.29 3.10 -39.48
CA SER C 598 -8.34 2.38 -38.22
C SER C 598 -7.15 1.44 -38.11
N PRO C 599 -6.64 1.26 -36.90
CA PRO C 599 -5.48 0.38 -36.72
C PRO C 599 -5.73 -1.05 -37.18
N PRO C 600 -4.82 -1.60 -38.01
CA PRO C 600 -4.94 -2.96 -38.53
C PRO C 600 -4.87 -4.01 -37.44
N LYS C 601 -5.50 -5.16 -37.68
CA LYS C 601 -5.42 -6.27 -36.74
C LYS C 601 -3.99 -6.75 -36.70
N THR C 602 -3.49 -6.99 -35.50
CA THR C 602 -2.15 -7.52 -35.29
C THR C 602 -2.14 -9.03 -35.26
N LEU C 603 -3.33 -9.62 -35.12
CA LEU C 603 -3.45 -11.06 -34.94
C LEU C 603 -4.71 -11.57 -35.66
N PRO C 604 -4.75 -11.46 -36.99
CA PRO C 604 -5.89 -11.93 -37.78
C PRO C 604 -6.06 -13.46 -37.73
N CYS C 605 -4.95 -14.17 -37.58
CA CYS C 605 -5.00 -15.61 -37.28
C CYS C 605 -3.65 -16.03 -36.71
N LEU C 606 -3.55 -17.28 -36.31
CA LEU C 606 -2.31 -17.82 -35.76
C LEU C 606 -1.47 -18.65 -36.74
N CYS C 607 -1.90 -18.78 -37.98
CA CYS C 607 -1.17 -19.61 -38.93
C CYS C 607 -0.06 -18.78 -39.59
N MET C 608 0.76 -19.45 -40.40
CA MET C 608 1.99 -18.85 -40.92
C MET C 608 1.68 -17.82 -41.99
N TYR C 609 0.44 -17.82 -42.47
CA TYR C 609 0.03 -16.93 -43.54
C TYR C 609 -0.68 -15.69 -43.02
N ALA C 610 -0.75 -15.56 -41.69
CA ALA C 610 -1.50 -14.48 -41.07
C ALA C 610 -1.13 -13.12 -41.67
N MET C 611 -2.12 -12.31 -42.04
CA MET C 611 -1.75 -11.11 -42.76
C MET C 611 -1.69 -9.98 -41.75
N THR C 612 -0.49 -9.82 -41.21
CA THR C 612 -0.11 -8.75 -40.32
C THR C 612 0.60 -7.68 -41.12
N PRO C 613 0.65 -6.44 -40.60
CA PRO C 613 1.51 -5.46 -41.26
C PRO C 613 2.93 -5.99 -41.46
N GLU C 614 3.39 -6.84 -40.53
CA GLU C 614 4.72 -7.43 -40.64
C GLU C 614 4.85 -8.33 -41.85
N ARG C 615 3.95 -9.29 -42.00
CA ARG C 615 4.00 -10.19 -43.15
C ARG C 615 3.84 -9.42 -44.45
N VAL C 616 2.95 -8.44 -44.47
CA VAL C 616 2.75 -7.66 -45.68
C VAL C 616 4.05 -7.00 -46.06
N HIS C 617 4.73 -6.44 -45.07
CA HIS C 617 5.96 -5.73 -45.30
C HIS C 617 7.05 -6.65 -45.82
N ARG C 618 7.12 -7.84 -45.24
CA ARG C 618 8.15 -8.81 -45.59
C ARG C 618 8.00 -9.27 -47.04
N LEU C 619 6.77 -9.58 -47.42
CA LEU C 619 6.46 -10.02 -48.78
C LEU C 619 6.78 -8.96 -49.80
N ARG C 620 6.34 -7.74 -49.51
CA ARG C 620 6.44 -6.65 -50.47
C ARG C 620 7.90 -6.23 -50.63
N SER C 621 8.66 -6.40 -49.55
CA SER C 621 10.08 -6.07 -49.54
C SER C 621 10.91 -7.12 -50.27
N ASN C 622 10.38 -8.32 -50.41
CA ASN C 622 11.04 -9.39 -51.15
C ASN C 622 10.62 -9.40 -52.62
N ASN C 623 9.81 -8.42 -53.01
CA ASN C 623 9.34 -8.32 -54.38
C ASN C 623 8.81 -9.65 -54.89
N VAL C 624 7.96 -10.26 -54.07
CA VAL C 624 7.33 -11.53 -54.41
C VAL C 624 6.46 -11.42 -55.65
N LYS C 625 6.51 -12.45 -56.49
CA LYS C 625 5.68 -12.53 -57.68
C LYS C 625 4.35 -13.26 -57.39
N GLU C 626 4.26 -13.87 -56.21
CA GLU C 626 3.08 -14.64 -55.82
C GLU C 626 2.80 -14.50 -54.33
N VAL C 627 1.57 -14.80 -53.92
CA VAL C 627 1.22 -14.77 -52.50
C VAL C 627 0.32 -15.93 -52.12
N THR C 628 0.51 -16.48 -50.93
CA THR C 628 -0.42 -17.44 -50.38
C THR C 628 -1.24 -16.76 -49.30
N VAL C 629 -2.55 -16.88 -49.39
CA VAL C 629 -3.46 -16.23 -48.44
C VAL C 629 -4.38 -17.28 -47.83
N CYS C 630 -4.57 -17.24 -46.52
CA CYS C 630 -5.42 -18.24 -45.87
C CYS C 630 -6.87 -17.75 -45.78
N SER C 631 -7.73 -18.61 -45.26
CA SER C 631 -9.16 -18.36 -45.22
C SER C 631 -9.55 -17.33 -44.17
N SER C 632 -8.62 -17.04 -43.25
CA SER C 632 -8.87 -16.04 -42.23
C SER C 632 -8.64 -14.64 -42.78
N THR C 633 -8.22 -14.57 -44.04
CA THR C 633 -8.15 -13.31 -44.78
C THR C 633 -9.08 -13.43 -45.97
N PRO C 634 -10.36 -13.11 -45.75
CA PRO C 634 -11.42 -13.32 -46.74
C PRO C 634 -11.13 -12.66 -48.07
N LEU C 635 -11.37 -13.39 -49.16
CA LEU C 635 -11.24 -12.84 -50.52
C LEU C 635 -12.50 -13.09 -51.31
N PRO C 636 -12.68 -12.37 -52.41
CA PRO C 636 -13.82 -12.59 -53.30
C PRO C 636 -13.89 -14.03 -53.79
N LYS C 637 -15.07 -14.45 -54.22
CA LYS C 637 -15.29 -15.83 -54.63
C LYS C 637 -14.47 -16.20 -55.86
N HIS C 638 -14.25 -15.25 -56.75
CA HIS C 638 -13.51 -15.50 -57.98
C HIS C 638 -12.03 -15.67 -57.72
N LYS C 639 -11.26 -15.87 -58.78
CA LYS C 639 -9.83 -16.10 -58.62
C LYS C 639 -8.96 -14.91 -59.01
N ILE C 640 -7.84 -14.79 -58.31
CA ILE C 640 -6.89 -13.72 -58.49
C ILE C 640 -5.57 -14.38 -58.81
N LYS C 641 -4.99 -14.15 -59.98
CA LYS C 641 -3.77 -14.90 -60.29
C LYS C 641 -2.63 -14.36 -59.42
N ASN C 642 -1.69 -15.27 -59.14
CA ASN C 642 -0.61 -15.02 -58.22
C ASN C 642 -1.12 -14.84 -56.80
N VAL C 643 -2.32 -15.35 -56.55
CA VAL C 643 -2.86 -15.44 -55.21
C VAL C 643 -3.35 -16.87 -55.01
N GLN C 644 -2.66 -17.60 -54.14
CA GLN C 644 -3.03 -18.96 -53.78
C GLN C 644 -3.89 -18.94 -52.54
N LYS C 645 -5.09 -19.49 -52.63
CA LYS C 645 -5.98 -19.54 -51.47
C LYS C 645 -5.80 -20.87 -50.75
N VAL C 646 -5.58 -20.83 -49.45
CA VAL C 646 -5.43 -22.04 -48.66
C VAL C 646 -6.24 -21.91 -47.39
N GLN C 647 -6.44 -23.03 -46.69
CA GLN C 647 -7.21 -22.99 -45.46
C GLN C 647 -6.33 -22.50 -44.31
N CYS C 648 -6.96 -21.79 -43.37
CA CYS C 648 -6.26 -21.37 -42.15
C CYS C 648 -6.29 -22.55 -41.16
N THR C 649 -5.11 -23.01 -40.76
CA THR C 649 -5.02 -24.20 -39.93
C THR C 649 -5.18 -23.92 -38.44
N LYS C 650 -4.93 -22.68 -38.03
CA LYS C 650 -5.20 -22.27 -36.65
C LYS C 650 -5.78 -20.86 -36.61
N VAL C 651 -6.94 -20.71 -35.97
CA VAL C 651 -7.68 -19.45 -36.07
C VAL C 651 -7.79 -18.72 -34.76
N VAL C 652 -8.32 -17.51 -34.82
CA VAL C 652 -8.62 -16.73 -33.63
C VAL C 652 -10.13 -16.46 -33.64
N LEU C 653 -10.70 -16.40 -32.45
CA LEU C 653 -12.14 -16.34 -32.29
C LEU C 653 -12.80 -14.98 -31.97
N PHE C 654 -12.05 -13.88 -31.96
CA PHE C 654 -12.71 -12.58 -31.71
C PHE C 654 -13.42 -12.04 -32.96
N ASN C 655 -14.12 -10.92 -32.79
CA ASN C 655 -14.89 -10.33 -33.88
C ASN C 655 -13.98 -9.78 -34.97
N PRO C 656 -14.06 -10.36 -36.17
CA PRO C 656 -13.18 -10.05 -37.33
C PRO C 656 -13.43 -8.71 -38.00
N HIS C 657 -14.62 -8.14 -37.85
CA HIS C 657 -14.94 -6.86 -38.48
C HIS C 657 -14.13 -5.69 -37.90
N THR C 658 -13.89 -4.67 -38.73
CA THR C 658 -13.37 -3.40 -38.23
C THR C 658 -14.43 -2.79 -37.32
N PRO C 659 -14.06 -2.49 -36.07
CA PRO C 659 -15.05 -1.84 -35.21
C PRO C 659 -15.62 -0.58 -35.87
N ALA C 660 -16.91 -0.32 -35.67
CA ALA C 660 -17.53 0.86 -36.24
C ALA C 660 -16.84 2.09 -35.66
N PHE C 661 -16.86 3.19 -36.41
CA PHE C 661 -16.17 4.40 -36.02
C PHE C 661 -16.83 5.65 -36.61
N VAL C 662 -16.43 6.80 -36.09
CA VAL C 662 -16.82 8.08 -36.63
C VAL C 662 -15.58 8.76 -37.16
N PRO C 663 -15.55 9.04 -38.47
CA PRO C 663 -14.41 9.75 -39.04
C PRO C 663 -14.23 11.07 -38.33
N ALA C 664 -13.00 11.37 -37.93
CA ALA C 664 -12.75 12.55 -37.12
C ALA C 664 -13.16 13.80 -37.86
N ARG C 665 -13.09 13.75 -39.19
CA ARG C 665 -13.42 14.93 -40.01
C ARG C 665 -14.82 15.47 -39.71
N LYS C 666 -15.74 14.61 -39.28
CA LYS C 666 -17.09 15.07 -38.94
C LYS C 666 -17.08 16.24 -37.97
N TYR C 667 -16.11 16.24 -37.06
CA TYR C 667 -16.01 17.26 -36.01
C TYR C 667 -15.05 18.39 -36.35
N ILE C 668 -14.57 18.43 -37.59
CA ILE C 668 -13.60 19.41 -38.03
C ILE C 668 -14.04 20.07 -39.33
S SO4 D . 0.13 20.21 24.56
O1 SO4 D . -0.71 21.20 23.89
O2 SO4 D . -0.71 19.25 25.27
O3 SO4 D . 0.93 19.47 23.58
O4 SO4 D . 0.97 20.93 25.50
S SO4 E . 14.95 4.76 33.89
O1 SO4 E . 14.55 5.64 35.00
O2 SO4 E . 13.77 4.34 33.15
O3 SO4 E . 15.87 5.48 33.01
O4 SO4 E . 15.63 3.58 34.41
S SO4 F . 4.96 25.16 9.45
O1 SO4 F . 4.78 26.18 8.41
O2 SO4 F . 3.79 25.15 10.33
O3 SO4 F . 5.10 23.84 8.82
O4 SO4 F . 6.15 25.47 10.24
S SO4 G . 44.13 30.47 27.52
O1 SO4 G . 43.71 31.74 26.93
O2 SO4 G . 43.03 29.52 27.45
O3 SO4 G . 45.27 29.94 26.79
O4 SO4 G . 44.50 30.69 28.91
S SO4 H . -0.67 61.32 11.52
O1 SO4 H . -1.52 62.30 10.84
O2 SO4 H . -1.37 60.04 11.60
O3 SO4 H . 0.57 61.15 10.76
O4 SO4 H . -0.37 61.81 12.87
S SO4 I . -8.13 22.26 22.79
O1 SO4 I . -7.41 23.23 21.96
O2 SO4 I . -8.50 21.10 21.98
O3 SO4 I . -7.27 21.84 23.88
O4 SO4 I . -9.34 22.88 23.33
S SO4 J . -2.11 32.70 34.67
O1 SO4 J . -2.72 32.15 35.89
O2 SO4 J . -2.36 31.78 33.55
O3 SO4 J . -2.72 33.99 34.39
O4 SO4 J . -0.68 32.87 34.89
S SO4 K . -14.95 39.59 18.81
O1 SO4 K . -14.10 40.06 17.70
O2 SO4 K . -14.33 38.41 19.41
O3 SO4 K . -15.04 40.64 19.83
O4 SO4 K . -16.27 39.26 18.28
S SO4 L . 13.17 20.03 30.81
O1 SO4 L . 11.75 19.93 31.15
O2 SO4 L . 13.83 18.74 31.05
O3 SO4 L . 13.30 20.37 29.40
O4 SO4 L . 13.79 21.05 31.65
S SO4 M . 4.81 7.72 7.19
O1 SO4 M . 4.40 9.11 7.40
O2 SO4 M . 3.79 6.83 7.74
O3 SO4 M . 4.99 7.49 5.76
O4 SO4 M . 6.09 7.48 7.86
S SO4 N . 19.78 -2.80 19.04
O1 SO4 N . 18.32 -2.80 19.19
O2 SO4 N . 20.23 -4.03 18.40
O3 SO4 N . 20.21 -1.67 18.19
O4 SO4 N . 20.43 -2.67 20.34
S SO4 O . 34.66 20.08 23.04
O1 SO4 O . 35.86 19.35 23.44
O2 SO4 O . 33.49 19.29 23.38
O3 SO4 O . 34.63 21.37 23.75
O4 SO4 O . 34.68 20.33 21.61
S SO4 P . 6.74 16.84 47.94
O1 SO4 P . 6.45 17.86 46.93
O2 SO4 P . 6.23 15.55 47.46
O3 SO4 P . 8.19 16.77 48.15
O4 SO4 P . 6.06 17.18 49.18
S SO4 Q . 39.76 43.59 34.71
O1 SO4 Q . 39.73 44.88 34.01
O2 SO4 Q . 38.40 43.27 35.15
O3 SO4 Q . 40.26 42.57 33.79
O4 SO4 Q . 40.62 43.61 35.89
S SO4 R . -14.30 24.88 17.55
O1 SO4 R . -14.96 25.40 16.35
O2 SO4 R . -15.14 23.88 18.18
O3 SO4 R . -13.02 24.27 17.17
O4 SO4 R . -14.08 25.99 18.48
O1 MES S . 7.87 69.46 13.03
C2 MES S . 9.27 69.42 13.33
C3 MES S . 9.49 69.20 14.82
N4 MES S . 8.38 68.37 15.25
C5 MES S . 7.11 69.07 15.31
C6 MES S . 7.12 70.02 14.12
C7 MES S . 8.66 67.43 16.34
C8 MES S . 8.51 68.12 17.70
S MES S . 8.56 66.95 18.89
O1S MES S . 9.92 66.76 19.46
O2S MES S . 8.08 65.66 18.35
O3S MES S . 7.69 67.39 20.00
O1 MES T . 18.02 17.21 30.31
C2 MES T . 18.88 17.10 31.45
C3 MES T . 19.35 18.44 32.05
N4 MES T . 18.27 19.43 32.04
C5 MES T . 16.97 18.89 31.68
C6 MES T . 17.21 18.38 30.27
C7 MES T . 18.34 20.34 33.18
C8 MES T . 17.14 21.28 33.15
S MES T . 17.37 22.48 34.29
O1S MES T . 16.95 23.80 33.75
O2S MES T . 18.80 22.52 34.67
O3S MES T . 16.53 22.21 35.48
O1 MES U . -7.64 36.76 22.53
C2 MES U . -8.09 38.01 22.02
C3 MES U . -9.51 38.30 22.49
N4 MES U . -10.02 37.12 23.18
C5 MES U . -9.93 35.91 22.38
C6 MES U . -8.45 35.68 22.07
C7 MES U . -11.33 37.26 23.81
C8 MES U . -11.93 38.64 23.51
S MES U . -13.38 38.81 24.32
O1S MES U . -13.25 38.32 25.70
O2S MES U . -14.43 38.02 23.62
O3S MES U . -13.79 40.23 24.34
ZN ZN V . -6.01 46.33 20.12
S SO4 W . 9.23 -22.02 -5.89
O1 SO4 W . 7.79 -21.96 -5.61
O2 SO4 W . 9.68 -23.41 -5.84
O3 SO4 W . 9.47 -21.49 -7.23
O4 SO4 W . 9.96 -21.22 -4.91
S SO4 X . -14.46 -14.25 -3.86
O1 SO4 X . -14.40 -12.85 -4.32
O2 SO4 X . -15.77 -14.52 -3.31
O3 SO4 X . -14.24 -15.13 -5.00
O4 SO4 X . -13.43 -14.44 -2.83
S SO4 Y . 20.30 -30.33 28.44
O1 SO4 Y . 20.03 -29.51 27.25
O2 SO4 Y . 19.23 -31.31 28.62
O3 SO4 Y . 21.56 -31.03 28.27
O4 SO4 Y . 20.38 -29.45 29.61
S SO4 Z . 26.64 -32.23 2.53
O1 SO4 Z . 25.26 -32.05 2.05
O2 SO4 Z . 26.75 -33.52 3.19
O3 SO4 Z . 27.55 -32.18 1.39
O4 SO4 Z . 26.96 -31.16 3.45
S SO4 AA . -27.03 -19.20 18.53
O1 SO4 AA . -28.17 -18.56 19.17
O2 SO4 AA . -27.48 -20.43 17.88
O3 SO4 AA . -26.47 -18.29 17.52
O4 SO4 AA . -26.03 -19.54 19.55
O1 MES BA . -13.08 -33.23 -10.53
C2 MES BA . -14.31 -32.80 -9.94
C3 MES BA . -14.37 -31.28 -9.79
N4 MES BA . -13.13 -30.81 -9.16
C5 MES BA . -11.91 -31.22 -9.84
C6 MES BA . -11.93 -32.75 -9.85
C7 MES BA . -13.17 -29.37 -8.84
C8 MES BA . -12.14 -29.09 -7.75
S MES BA . -12.16 -27.46 -7.37
O1S MES BA . -13.55 -27.02 -7.04
O2S MES BA . -11.66 -26.68 -8.52
O3S MES BA . -11.28 -27.22 -6.21
O1 MES CA . 14.50 -25.24 37.73
C2 MES CA . 13.20 -25.57 37.24
C3 MES CA . 12.70 -24.51 36.25
N4 MES CA . 13.83 -23.61 36.02
C5 MES CA . 14.14 -22.86 37.22
C6 MES CA . 14.62 -23.90 38.22
C7 MES CA . 13.74 -22.83 34.79
C8 MES CA . 12.55 -21.89 34.86
S MES CA . 12.22 -21.25 33.36
O1S MES CA . 12.16 -22.34 32.33
O2S MES CA . 13.32 -20.35 32.98
O3S MES CA . 10.94 -20.49 33.41
ZN ZN DA . 19.44 -28.72 10.56
S SO4 EA . 6.77 -12.73 -24.80
O1 SO4 EA . 5.55 -12.40 -24.06
O2 SO4 EA . 6.72 -14.14 -25.19
O3 SO4 EA . 6.91 -11.89 -25.99
O4 SO4 EA . 7.93 -12.50 -23.94
S SO4 FA . 2.42 5.51 -17.79
O1 SO4 FA . 1.91 5.95 -19.10
O2 SO4 FA . 1.35 4.85 -17.05
O3 SO4 FA . 3.53 4.57 -17.98
O4 SO4 FA . 2.85 6.66 -16.99
S SO4 GA . 12.63 -1.74 -35.91
O1 SO4 GA . 11.46 -1.84 -36.77
O2 SO4 GA . 12.72 -2.97 -35.10
O3 SO4 GA . 13.83 -1.61 -36.73
O4 SO4 GA . 12.52 -0.58 -35.01
S SO4 HA . 13.76 -4.82 -44.54
O1 SO4 HA . 13.23 -3.46 -44.40
O2 SO4 HA . 12.82 -5.80 -44.02
O3 SO4 HA . 14.00 -5.09 -45.96
O4 SO4 HA . 15.01 -4.91 -43.79
S SO4 IA . -34.05 0.41 -33.21
O1 SO4 IA . -35.23 1.11 -33.73
O2 SO4 IA . -33.83 -0.80 -33.99
O3 SO4 IA . -32.88 1.29 -33.31
O4 SO4 IA . -34.25 0.09 -31.80
S SO4 JA . -1.26 2.49 -6.57
O1 SO4 JA . -1.90 3.38 -7.55
O2 SO4 JA . -2.21 1.48 -6.12
O3 SO4 JA . -0.13 1.80 -7.21
O4 SO4 JA . -0.81 3.28 -5.41
S SO4 KA . -9.52 -31.24 -40.66
O1 SO4 KA . -9.39 -30.02 -39.88
O2 SO4 KA . -10.86 -31.79 -40.48
O3 SO4 KA . -9.30 -30.94 -42.08
O4 SO4 KA . -8.52 -32.21 -40.22
S SO4 LA . -31.24 6.62 -13.90
O1 SO4 LA . -30.81 5.45 -14.68
O2 SO4 LA . -32.59 6.41 -13.40
O3 SO4 LA . -30.32 6.83 -12.78
O4 SO4 LA . -31.26 7.79 -14.78
S SO4 MA . -5.29 9.52 5.84
O1 SO4 MA . -5.21 8.60 6.99
O2 SO4 MA . -6.15 10.66 6.19
O3 SO4 MA . -3.95 9.96 5.49
O4 SO4 MA . -5.88 8.80 4.72
S SO4 NA . -3.04 7.63 -39.81
O1 SO4 NA . -4.15 7.82 -40.75
O2 SO4 NA . -2.15 6.57 -40.29
O3 SO4 NA . -2.30 8.87 -39.68
O4 SO4 NA . -3.61 7.25 -38.52
S SO4 OA . 8.87 1.62 -29.20
O1 SO4 OA . 8.99 3.08 -29.26
O2 SO4 OA . 7.79 1.22 -28.31
O3 SO4 OA . 8.59 1.08 -30.53
O4 SO4 OA . 10.14 1.06 -28.72
S SO4 PA . -26.18 12.33 -3.85
O1 SO4 PA . -26.93 13.37 -3.14
O2 SO4 PA . -26.73 11.01 -3.53
O3 SO4 PA . -26.27 12.57 -5.29
O4 SO4 PA . -24.78 12.38 -3.45
S SO4 QA . -29.11 -2.47 -2.68
O1 SO4 QA . -28.72 -1.10 -2.97
O2 SO4 QA . -30.22 -2.44 -1.73
O3 SO4 QA . -29.54 -3.12 -3.91
O4 SO4 QA . -27.98 -3.20 -2.07
S SO4 RA . -25.83 -6.11 -10.33
O1 SO4 RA . -25.86 -4.90 -11.18
O2 SO4 RA . -26.60 -7.16 -11.00
O3 SO4 RA . -24.45 -6.54 -10.11
O4 SO4 RA . -26.46 -5.80 -9.04
S SO4 SA . -21.10 -22.98 -47.65
O1 SO4 SA . -21.91 -21.76 -47.62
O2 SO4 SA . -21.94 -24.14 -47.96
O3 SO4 SA . -20.04 -22.84 -48.65
O4 SO4 SA . -20.47 -23.16 -46.34
S SO4 TA . -30.74 -29.58 -28.45
O1 SO4 TA . -30.54 -28.33 -29.17
O2 SO4 TA . -32.17 -29.84 -28.25
O3 SO4 TA . -30.14 -30.68 -29.22
O4 SO4 TA . -30.10 -29.46 -27.14
S SO4 UA . 5.27 -16.48 -45.97
O1 SO4 UA . 5.54 -17.72 -45.26
O2 SO4 UA . 4.14 -16.69 -46.89
O3 SO4 UA . 4.97 -15.44 -44.99
O4 SO4 UA . 6.41 -16.07 -46.79
S SO4 VA . -40.79 -16.20 -19.38
O1 SO4 VA . -41.57 -14.98 -19.19
O2 SO4 VA . -41.66 -17.28 -19.82
O3 SO4 VA . -39.79 -15.94 -20.43
O4 SO4 VA . -40.12 -16.58 -18.13
O1 MES WA . -31.96 -26.32 -42.55
C2 MES WA . -32.27 -26.03 -41.19
C3 MES WA . -31.00 -25.76 -40.40
N4 MES WA . -30.10 -26.90 -40.54
C5 MES WA . -29.81 -27.26 -41.91
C6 MES WA . -31.11 -27.46 -42.67
C7 MES WA . -28.89 -26.80 -39.74
C8 MES WA . -29.22 -27.15 -38.30
S MES WA . -27.87 -26.98 -37.35
O1S MES WA . -27.11 -25.74 -37.67
O2S MES WA . -26.96 -28.10 -37.61
O3S MES WA . -28.30 -26.93 -35.93
O1 MES XA . 0.89 9.82 -14.44
C2 MES XA . 0.54 9.97 -13.07
C3 MES XA . -0.20 8.74 -12.54
N4 MES XA . 0.41 7.57 -13.17
C5 MES XA . 0.25 7.49 -14.62
C6 MES XA . 0.02 8.91 -15.11
C7 MES XA . 0.24 6.32 -12.42
C8 MES XA . -0.47 5.29 -13.30
S MES XA . -0.61 3.85 -12.48
O1S MES XA . -1.60 4.02 -11.38
O2S MES XA . 0.71 3.49 -11.88
O3S MES XA . -1.02 2.76 -13.39
O1 MES YA . 3.38 -12.84 -38.77
C2 MES YA . 2.97 -13.51 -39.97
C3 MES YA . 3.80 -14.78 -40.23
N4 MES YA . 5.17 -14.52 -39.83
C5 MES YA . 5.54 -13.11 -39.92
C6 MES YA . 4.75 -12.41 -38.80
C7 MES YA . 6.17 -15.42 -40.40
C8 MES YA . 5.56 -16.83 -40.43
S MES YA . 6.71 -17.97 -40.82
O1S MES YA . 8.04 -17.49 -40.37
O2S MES YA . 6.72 -18.20 -42.28
O3S MES YA . 6.38 -19.26 -40.16
ZN ZN ZA . -4.49 -18.14 -41.28
#